data_7KOE
#
_entry.id   7KOE
#
_cell.length_a   1.00
_cell.length_b   1.00
_cell.length_c   1.00
_cell.angle_alpha   90.00
_cell.angle_beta   90.00
_cell.angle_gamma   90.00
#
_symmetry.space_group_name_H-M   'P 1'
#
loop_
_entity.id
_entity.type
_entity.pdbx_description
1 polymer 'Electron transfer flavoprotein, beta subunit'
2 polymer 'Electron transfer flavoprotein, alpha subunit'
3 polymer 'Electron transfer flavoprotein-quinone oxidoreductase FixC'
4 polymer 'Ferredoxin-like protein'
5 non-polymer 'FLAVIN-ADENINE DINUCLEOTIDE'
6 non-polymer MENAQUINONE-7
7 non-polymer 'IRON/SULFUR CLUSTER'
#
loop_
_entity_poly.entity_id
_entity_poly.type
_entity_poly.pdbx_seq_one_letter_code
_entity_poly.pdbx_strand_id
1 'polypeptide(L)'
;MAHHHHHHHHHANVVVCIKQVPDTTNVRIDRKTNNLVREGVPSIINPDDERALELASQLKEKFGATVYVITMGPPQAKEA
LKDAIAFGLDEAVHLSDRTFAGADTLATTYTLYWGIKKIEERIGKIDLILTGKQAVDGDTGQVGPGLATRFGYALGAYVV
RIEEIDPEKKEMVIVRRLDQGFEKIRLKLPAVLTITDELNKPRYADLPNLIRAIRYEPIVWTHKDLGLDPKKCGFFGSPT
RVVSTNIPPARKGGDIISKNEDPEVAAEKLIEALKKFEAVRLVEALKPVLEGEKDE
;
A,E
2 'polypeptide(L)'
;MSEKKIIFVLIEHHGGKAHPVSWELIGKARDLASKLENSEVWGVLLGEGLESVAKEAIQRGADKVLYVKNREFNTYVNYL
YKKALVDMVRKYRPEIFLIGATLEGRELAGMVATELETGLTADCTGLDIIPDKKLLAMTRPTFGGNLMATIMCPDHRPQM
ATVRPGVMKELPPDPERTGEIIEEEYDLGTFDKLIEILETIPLQTQVNLEYAPVVVAGGKGVGGPEGFKKLKELADLLGG
EVGASRAAVKAGWISPEHQVGQTGKTVRPVLYFACGISGAIQHVVGIKESEIIVAINIDEKAPIFDIADIGIVGDLHKVV
PALTAKLRELLNKSGVKK
;
B,F
3 'polypeptide(L)'
;MKIEFDVVVVGAGPSGLSCAYVLAKNGLKVAVVEKGEYPGSKNVMGGVLYVHPLKEIMPDFLEKAANSKALERNVIEQNL
WLLGNEGVIKIGHRNVEWKENPNAFTVLRANFDRWFAQEVEKAGALIIPKTKVEDFLRNEKGEIAGVVTSRPKGEIHSKA
VVIAEGVNPILTMKAGLRKEDLKPHMVAVAVKEVISVPEDVVNRVFGVEGNDGATIELLGSWSEGMFGMGFLYANRSSVS
LGCGVLLEDLRKKKIKPYQLLENLKNHPVISDMLGEYRNNTMEYLAHLIPEGGYYAMPKVYGDRVLVCGDAAMLVNSIHR
EGSNHAITSGRLAAETLLEAFEKGDFSEKILKNYYLRLKESFILKDLEKYKDLMPTMEKNHQFVEIYPDLANDALKRFLQ
VDGTPKWDVQKQIADMVLSRRSLIGISLDLLRFWRAVR
;
C,G
4 'polypeptide(L)'
;MRIEDKLYLNRYRTDEENPHLKIKDESICAEKCSDRPCVSCCPADVYEWTESGMEVKFEGCLECGTCRIVCPFGNIEWNY
PRGNYGVLYKFG
;
D,H
#
loop_
_chem_comp.id
_chem_comp.type
_chem_comp.name
_chem_comp.formula
FAD non-polymer 'FLAVIN-ADENINE DINUCLEOTIDE' 'C27 H33 N9 O15 P2'
MQ7 non-polymer MENAQUINONE-7 'C46 H64 O2'
SF4 non-polymer 'IRON/SULFUR CLUSTER' 'Fe4 S4'
#
# COMPACT_ATOMS: atom_id res chain seq x y z
N HIS A 11 15.79 41.98 49.04
CA HIS A 11 15.02 41.00 48.27
C HIS A 11 15.94 39.91 47.72
N ALA A 12 15.41 38.70 47.63
CA ALA A 12 16.15 37.56 47.10
C ALA A 12 15.93 37.46 45.60
N ASN A 13 16.78 36.65 44.96
CA ASN A 13 16.65 36.34 43.55
C ASN A 13 16.45 34.83 43.44
N VAL A 14 15.26 34.42 43.03
CA VAL A 14 14.94 33.02 42.85
C VAL A 14 14.90 32.73 41.36
N VAL A 15 15.44 31.58 40.96
CA VAL A 15 15.35 31.09 39.60
C VAL A 15 14.79 29.69 39.64
N VAL A 16 13.71 29.44 38.92
CA VAL A 16 13.05 28.14 38.93
C VAL A 16 13.28 27.50 37.58
N CYS A 17 14.13 26.49 37.53
CA CYS A 17 14.32 25.73 36.30
C CYS A 17 13.18 24.74 36.17
N ILE A 18 12.30 24.95 35.21
CA ILE A 18 11.19 24.03 34.94
C ILE A 18 11.42 23.38 33.59
N LYS A 19 10.80 22.21 33.40
CA LYS A 19 10.95 21.45 32.19
C LYS A 19 9.58 21.09 31.64
N GLN A 20 9.38 21.31 30.35
CA GLN A 20 8.14 20.90 29.70
C GLN A 20 8.16 19.40 29.48
N VAL A 21 7.20 18.71 30.06
CA VAL A 21 7.17 17.25 30.11
C VAL A 21 5.86 16.81 29.49
N PRO A 22 5.82 15.74 28.68
CA PRO A 22 4.54 15.21 28.22
C PRO A 22 3.68 14.70 29.36
N ASP A 23 2.37 14.73 29.17
CA ASP A 23 1.47 14.30 30.24
C ASP A 23 1.50 12.79 30.38
N THR A 24 2.39 12.30 31.24
CA THR A 24 2.66 10.87 31.34
C THR A 24 1.57 10.08 32.04
N THR A 25 0.57 10.75 32.63
CA THR A 25 -0.63 10.05 33.01
C THR A 25 -1.40 9.53 31.81
N ASN A 26 -1.22 10.16 30.65
CA ASN A 26 -1.84 9.74 29.41
C ASN A 26 -0.87 9.07 28.45
N VAL A 27 0.43 9.27 28.60
CA VAL A 27 1.42 8.56 27.78
C VAL A 27 1.43 7.11 28.24
N ARG A 28 0.81 6.23 27.45
CA ARG A 28 0.58 4.87 27.86
C ARG A 28 1.23 3.92 26.88
N ILE A 29 1.28 2.65 27.27
CA ILE A 29 1.91 1.61 26.49
C ILE A 29 0.84 0.92 25.65
N ASP A 30 1.03 0.93 24.34
CA ASP A 30 0.22 0.15 23.42
C ASP A 30 0.97 -1.12 23.08
N ARG A 31 0.43 -2.27 23.49
CA ARG A 31 1.14 -3.53 23.33
C ARG A 31 1.20 -4.01 21.88
N LYS A 32 0.24 -3.60 21.05
CA LYS A 32 0.15 -4.18 19.71
C LYS A 32 1.11 -3.51 18.74
N THR A 33 1.38 -2.23 18.94
CA THR A 33 2.46 -1.60 18.20
C THR A 33 3.78 -1.63 18.95
N ASN A 34 3.76 -2.04 20.23
CA ASN A 34 4.93 -2.11 21.12
C ASN A 34 5.67 -0.78 21.18
N ASN A 35 4.92 0.28 21.46
CA ASN A 35 5.50 1.62 21.54
C ASN A 35 4.68 2.46 22.50
N LEU A 36 5.23 3.62 22.86
CA LEU A 36 4.49 4.61 23.62
C LEU A 36 3.61 5.41 22.67
N VAL A 37 2.31 5.41 22.92
CA VAL A 37 1.38 6.24 22.15
C VAL A 37 1.33 7.58 22.86
N ARG A 38 2.32 8.43 22.54
CA ARG A 38 2.44 9.75 23.11
C ARG A 38 2.13 10.85 22.10
N GLU A 39 1.64 10.50 20.91
CA GLU A 39 1.22 11.50 19.95
C GLU A 39 -0.14 12.06 20.33
N GLY A 40 -0.30 13.38 20.15
CA GLY A 40 -1.49 14.07 20.56
C GLY A 40 -1.53 14.47 22.01
N VAL A 41 -0.77 13.80 22.88
CA VAL A 41 -0.73 14.09 24.31
C VAL A 41 -0.01 15.42 24.52
N PRO A 42 -0.67 16.42 25.09
CA PRO A 42 -0.03 17.73 25.23
C PRO A 42 1.00 17.72 26.32
N SER A 43 1.94 18.65 26.20
CA SER A 43 3.05 18.74 27.14
C SER A 43 2.75 19.78 28.22
N ILE A 44 3.09 19.43 29.45
CA ILE A 44 2.73 20.24 30.61
C ILE A 44 4.00 20.66 31.33
N ILE A 45 3.85 21.37 32.45
CA ILE A 45 4.94 21.49 33.40
C ILE A 45 5.20 20.11 33.98
N ASN A 46 6.45 19.85 34.33
CA ASN A 46 6.77 18.71 35.17
C ASN A 46 6.06 18.88 36.51
N PRO A 47 5.34 17.87 36.98
CA PRO A 47 4.57 18.02 38.23
C PRO A 47 5.43 18.18 39.47
N ASP A 48 6.70 17.76 39.45
CA ASP A 48 7.62 18.13 40.51
C ASP A 48 7.98 19.60 40.48
N ASP A 49 7.83 20.26 39.33
CA ASP A 49 8.16 21.67 39.19
C ASP A 49 6.99 22.59 39.45
N GLU A 50 5.76 22.08 39.43
CA GLU A 50 4.64 22.91 39.86
C GLU A 50 4.70 23.17 41.36
N ARG A 51 5.30 22.25 42.12
CA ARG A 51 5.54 22.50 43.54
C ARG A 51 6.69 23.48 43.73
N ALA A 52 7.64 23.49 42.80
CA ALA A 52 8.72 24.46 42.86
C ALA A 52 8.24 25.85 42.49
N LEU A 53 7.31 25.95 41.54
CA LEU A 53 6.77 27.24 41.16
C LEU A 53 5.83 27.78 42.22
N GLU A 54 5.11 26.91 42.92
CA GLU A 54 4.20 27.37 43.97
C GLU A 54 5.00 27.83 45.19
N LEU A 55 6.11 27.16 45.50
CA LEU A 55 7.00 27.62 46.55
C LEU A 55 7.63 28.97 46.19
N ALA A 56 7.95 29.16 44.91
CA ALA A 56 8.52 30.42 44.46
C ALA A 56 7.50 31.55 44.52
N SER A 57 6.24 31.24 44.26
CA SER A 57 5.20 32.25 44.40
C SER A 57 4.90 32.53 45.87
N GLN A 58 5.11 31.54 46.74
CA GLN A 58 5.02 31.79 48.17
C GLN A 58 6.19 32.64 48.64
N LEU A 59 7.38 32.42 48.08
CA LEU A 59 8.55 33.24 48.39
C LEU A 59 8.45 34.64 47.83
N LYS A 60 7.57 34.86 46.86
CA LYS A 60 7.39 36.19 46.27
C LYS A 60 6.38 37.03 47.03
N GLU A 61 5.37 36.41 47.64
CA GLU A 61 4.40 37.17 48.40
C GLU A 61 4.76 37.29 49.86
N LYS A 62 5.80 36.58 50.32
CA LYS A 62 6.24 36.68 51.70
C LYS A 62 7.46 37.58 51.86
N PHE A 63 8.36 37.59 50.88
CA PHE A 63 9.60 38.33 50.98
C PHE A 63 9.88 39.22 49.78
N GLY A 64 9.04 39.19 48.74
CA GLY A 64 9.24 40.04 47.59
C GLY A 64 10.44 39.65 46.76
N ALA A 65 10.66 38.35 46.61
CA ALA A 65 11.80 37.84 45.84
C ALA A 65 11.47 37.89 44.36
N THR A 66 12.40 38.43 43.58
CA THR A 66 12.19 38.51 42.14
C THR A 66 12.43 37.16 41.49
N VAL A 67 11.35 36.44 41.19
CA VAL A 67 11.48 35.08 40.71
C VAL A 67 11.53 35.07 39.18
N TYR A 68 12.55 34.43 38.63
CA TYR A 68 12.63 34.13 37.21
C TYR A 68 12.36 32.64 37.03
N VAL A 69 11.96 32.25 35.82
CA VAL A 69 11.76 30.86 35.48
C VAL A 69 12.43 30.62 34.13
N ILE A 70 13.21 29.54 34.04
CA ILE A 70 14.06 29.30 32.89
C ILE A 70 13.79 27.89 32.37
N THR A 71 13.77 27.74 31.05
CA THR A 71 13.59 26.44 30.41
C THR A 71 14.50 26.34 29.21
N MET A 72 15.28 25.27 29.16
CA MET A 72 16.05 24.90 27.98
C MET A 72 15.25 23.79 27.30
N GLY A 73 14.56 24.14 26.22
CA GLY A 73 13.73 23.17 25.55
C GLY A 73 13.41 23.53 24.11
N PRO A 74 12.45 22.82 23.54
CA PRO A 74 12.03 23.08 22.15
C PRO A 74 11.30 24.41 22.04
N PRO A 75 11.02 24.90 20.83
CA PRO A 75 10.21 26.13 20.71
C PRO A 75 8.77 25.97 21.20
N GLN A 76 8.26 24.75 21.31
CA GLN A 76 6.94 24.52 21.89
C GLN A 76 6.94 24.63 23.41
N ALA A 77 8.10 24.77 24.04
CA ALA A 77 8.20 24.89 25.49
C ALA A 77 8.08 26.33 25.97
N LYS A 78 7.72 27.26 25.09
CA LYS A 78 7.37 28.60 25.56
C LYS A 78 5.98 28.66 26.15
N GLU A 79 5.16 27.62 25.95
CA GLU A 79 3.85 27.56 26.57
C GLU A 79 3.93 27.04 27.99
N ALA A 80 4.96 26.26 28.30
CA ALA A 80 5.24 25.91 29.69
C ALA A 80 5.77 27.12 30.45
N LEU A 81 6.59 27.93 29.79
CA LEU A 81 7.09 29.14 30.43
C LEU A 81 6.00 30.17 30.65
N LYS A 82 4.94 30.13 29.86
CA LYS A 82 3.81 31.02 30.11
C LYS A 82 2.93 30.47 31.22
N ASP A 83 2.86 29.15 31.39
CA ASP A 83 2.11 28.59 32.51
C ASP A 83 2.80 28.80 33.84
N ALA A 84 4.09 29.15 33.85
CA ALA A 84 4.79 29.47 35.08
C ALA A 84 4.56 30.91 35.51
N ILE A 85 4.26 31.80 34.57
CA ILE A 85 3.95 33.18 34.89
C ILE A 85 2.56 33.30 35.50
N ALA A 86 1.70 32.29 35.26
CA ALA A 86 0.38 32.26 35.88
C ALA A 86 0.45 32.08 37.40
N PHE A 87 1.56 31.58 37.93
CA PHE A 87 1.77 31.50 39.37
C PHE A 87 2.02 32.87 40.01
N GLY A 88 2.29 33.89 39.22
CA GLY A 88 2.59 35.21 39.74
C GLY A 88 4.03 35.62 39.61
N LEU A 89 4.81 34.92 38.80
CA LEU A 89 6.24 35.12 38.73
C LEU A 89 6.57 36.37 37.91
N ASP A 90 7.79 36.85 38.04
CA ASP A 90 8.17 38.07 37.34
C ASP A 90 8.48 37.80 35.87
N GLU A 91 9.51 37.01 35.59
CA GLU A 91 9.99 36.88 34.22
C GLU A 91 10.17 35.41 33.88
N ALA A 92 10.07 35.12 32.59
CA ALA A 92 10.36 33.82 32.04
C ALA A 92 11.48 33.96 31.02
N VAL A 93 12.32 32.93 30.94
CA VAL A 93 13.50 32.95 30.08
C VAL A 93 13.53 31.64 29.31
N HIS A 94 13.63 31.73 27.99
CA HIS A 94 13.67 30.57 27.13
C HIS A 94 15.07 30.42 26.55
N LEU A 95 15.63 29.22 26.67
CA LEU A 95 16.87 28.87 26.01
C LEU A 95 16.48 28.01 24.83
N SER A 96 16.10 28.65 23.73
CA SER A 96 15.56 27.97 22.57
C SER A 96 16.56 28.03 21.42
N ASP A 97 17.10 26.86 21.08
CA ASP A 97 18.06 26.69 20.00
C ASP A 97 18.18 25.19 19.78
N ARG A 98 18.34 24.80 18.51
CA ARG A 98 18.60 23.38 18.25
C ARG A 98 20.08 23.07 18.31
N THR A 99 20.90 24.06 18.67
CA THR A 99 22.20 23.79 19.26
C THR A 99 22.07 23.03 20.57
N PHE A 100 20.97 23.23 21.31
CA PHE A 100 20.74 22.56 22.58
C PHE A 100 19.94 21.27 22.45
N ALA A 101 19.63 20.83 21.23
CA ALA A 101 18.76 19.68 21.04
C ALA A 101 19.50 18.38 21.34
N GLY A 102 18.76 17.40 21.86
CA GLY A 102 19.34 16.13 22.21
C GLY A 102 20.28 16.17 23.40
N ALA A 103 20.18 17.20 24.23
CA ALA A 103 21.09 17.41 25.33
C ALA A 103 20.83 16.39 26.44
N ASP A 104 21.91 16.00 27.10
CA ASP A 104 21.84 15.18 28.30
C ASP A 104 21.94 16.09 29.52
N THR A 105 22.10 15.50 30.71
CA THR A 105 22.12 16.27 31.94
C THR A 105 23.34 17.17 32.05
N LEU A 106 24.53 16.69 31.69
CA LEU A 106 25.71 17.54 31.66
C LEU A 106 25.57 18.65 30.64
N ALA A 107 24.93 18.36 29.51
CA ALA A 107 24.71 19.37 28.49
C ALA A 107 23.59 20.33 28.86
N THR A 108 22.55 19.84 29.55
CA THR A 108 21.49 20.72 30.03
C THR A 108 22.01 21.65 31.11
N THR A 109 22.77 21.10 32.05
CA THR A 109 23.28 21.90 33.16
C THR A 109 24.29 22.93 32.69
N TYR A 110 25.08 22.61 31.66
CA TYR A 110 26.00 23.60 31.10
C TYR A 110 25.24 24.73 30.42
N THR A 111 24.12 24.40 29.76
CA THR A 111 23.27 25.44 29.20
C THR A 111 22.54 26.21 30.29
N LEU A 112 22.06 25.49 31.32
CA LEU A 112 21.34 26.15 32.40
C LEU A 112 22.26 26.96 33.28
N TYR A 113 23.52 26.55 33.45
CA TYR A 113 24.47 27.37 34.20
C TYR A 113 24.74 28.67 33.48
N TRP A 114 24.94 28.62 32.16
CA TRP A 114 25.13 29.85 31.41
C TRP A 114 23.81 30.56 31.13
N GLY A 115 22.68 29.88 31.28
CA GLY A 115 21.40 30.56 31.22
C GLY A 115 21.14 31.38 32.47
N ILE A 116 21.42 30.81 33.64
CA ILE A 116 21.23 31.54 34.88
C ILE A 116 22.31 32.59 35.07
N LYS A 117 23.50 32.36 34.48
CA LYS A 117 24.57 33.35 34.57
C LYS A 117 24.23 34.62 33.79
N LYS A 118 23.42 34.51 32.74
CA LYS A 118 22.95 35.72 32.07
C LYS A 118 21.80 36.37 32.82
N ILE A 119 21.01 35.58 33.56
CA ILE A 119 20.02 36.14 34.47
C ILE A 119 20.72 36.90 35.59
N GLU A 120 21.89 36.41 36.03
CA GLU A 120 22.69 37.09 37.04
C GLU A 120 23.22 38.43 36.57
N GLU A 121 23.35 38.62 35.26
CA GLU A 121 23.73 39.92 34.71
C GLU A 121 22.57 40.91 34.67
N ARG A 122 21.36 40.49 35.05
CA ARG A 122 20.18 41.34 35.03
C ARG A 122 19.71 41.74 36.42
N ILE A 123 19.60 40.79 37.35
CA ILE A 123 19.01 41.06 38.64
C ILE A 123 20.02 40.99 39.78
N GLY A 124 21.09 40.21 39.65
CA GLY A 124 22.07 40.04 40.70
C GLY A 124 22.35 38.57 40.91
N LYS A 125 23.11 38.28 41.96
CA LYS A 125 23.48 36.90 42.24
C LYS A 125 22.26 36.15 42.77
N ILE A 126 22.06 34.94 42.25
CA ILE A 126 20.84 34.18 42.51
C ILE A 126 20.92 33.59 43.91
N ASP A 127 19.96 33.95 44.76
CA ASP A 127 19.93 33.49 46.13
C ASP A 127 19.38 32.08 46.29
N LEU A 128 18.62 31.58 45.31
CA LEU A 128 17.97 30.29 45.45
C LEU A 128 17.61 29.78 44.06
N ILE A 129 17.92 28.51 43.79
CA ILE A 129 17.55 27.86 42.54
C ILE A 129 16.64 26.71 42.88
N LEU A 130 15.42 26.74 42.36
CA LEU A 130 14.43 25.71 42.63
C LEU A 130 14.28 24.83 41.41
N THR A 131 14.59 23.55 41.55
CA THR A 131 14.26 22.58 40.52
C THR A 131 13.28 21.58 41.09
N GLY A 132 12.84 20.66 40.25
CA GLY A 132 12.02 19.58 40.72
C GLY A 132 12.85 18.36 41.03
N LYS A 133 12.21 17.40 41.69
CA LYS A 133 12.91 16.18 42.07
C LYS A 133 13.26 15.35 40.85
N GLN A 134 12.36 15.29 39.88
CA GLN A 134 12.56 14.53 38.67
C GLN A 134 11.70 15.11 37.57
N ALA A 135 12.20 15.06 36.35
CA ALA A 135 11.32 15.09 35.20
C ALA A 135 10.67 13.73 35.07
N VAL A 136 9.66 13.62 34.22
CA VAL A 136 9.04 12.31 34.08
C VAL A 136 9.48 11.62 32.80
N ASP A 137 9.80 12.37 31.75
CA ASP A 137 10.44 11.80 30.57
C ASP A 137 11.94 11.74 30.82
N GLY A 138 12.48 10.54 30.96
CA GLY A 138 13.86 10.40 31.38
C GLY A 138 14.04 10.85 32.81
N ASP A 139 13.43 10.11 33.74
CA ASP A 139 13.42 10.50 35.16
C ASP A 139 14.77 10.23 35.81
N THR A 140 15.74 11.09 35.48
CA THR A 140 17.07 10.96 36.06
C THR A 140 17.20 11.75 37.35
N GLY A 141 16.78 13.01 37.33
CA GLY A 141 16.84 13.83 38.53
C GLY A 141 18.23 14.33 38.85
N GLN A 142 19.10 14.44 37.85
CA GLN A 142 20.48 14.85 38.08
C GLN A 142 20.74 16.30 37.71
N VAL A 143 19.75 17.00 37.14
CA VAL A 143 19.95 18.39 36.76
C VAL A 143 20.05 19.29 38.00
N GLY A 144 19.19 19.04 38.98
CA GLY A 144 19.24 19.74 40.25
C GLY A 144 20.52 19.54 41.03
N PRO A 145 20.93 18.29 41.25
CA PRO A 145 22.29 18.05 41.76
C PRO A 145 23.40 18.61 40.90
N GLY A 146 23.27 18.54 39.58
CA GLY A 146 24.30 19.08 38.71
C GLY A 146 24.40 20.59 38.75
N LEU A 147 23.27 21.27 38.94
CA LEU A 147 23.27 22.73 38.96
C LEU A 147 23.87 23.29 40.24
N ALA A 148 23.86 22.54 41.32
CA ALA A 148 24.47 23.02 42.56
C ALA A 148 25.99 22.95 42.52
N THR A 149 26.54 22.20 41.58
CA THR A 149 27.97 21.99 41.48
C THR A 149 28.62 23.03 40.56
N ARG A 150 27.92 23.44 39.50
CA ARG A 150 28.41 24.49 38.63
C ARG A 150 28.54 25.82 39.37
N PHE A 151 27.51 26.19 40.12
CA PHE A 151 27.56 27.41 40.91
C PHE A 151 28.36 27.23 42.19
N GLY A 152 28.59 26.00 42.62
CA GLY A 152 29.17 25.77 43.93
C GLY A 152 28.22 26.16 45.04
N TYR A 153 26.95 25.80 44.89
CA TYR A 153 25.93 26.15 45.86
C TYR A 153 25.59 24.96 46.74
N ALA A 154 24.92 25.23 47.85
CA ALA A 154 24.48 24.18 48.75
C ALA A 154 23.31 23.43 48.13
N LEU A 155 23.46 22.12 47.97
CA LEU A 155 22.42 21.29 47.38
C LEU A 155 21.52 20.76 48.50
N GLY A 156 20.31 21.30 48.58
CA GLY A 156 19.31 20.64 49.40
C GLY A 156 18.32 19.93 48.51
N ALA A 157 18.47 18.62 48.37
CA ALA A 157 17.65 17.85 47.46
C ALA A 157 16.55 17.13 48.23
N TYR A 158 15.48 16.77 47.51
CA TYR A 158 14.32 16.04 48.02
C TYR A 158 13.65 16.78 49.18
N VAL A 159 13.35 18.05 48.95
CA VAL A 159 12.78 18.91 49.99
C VAL A 159 11.32 18.56 50.20
N VAL A 160 10.95 18.29 51.45
CA VAL A 160 9.57 18.02 51.82
C VAL A 160 8.95 19.18 52.61
N ARG A 161 9.73 19.88 53.42
CA ARG A 161 9.20 21.02 54.14
C ARG A 161 10.19 22.18 54.07
N ILE A 162 9.68 23.37 54.30
CA ILE A 162 10.47 24.60 54.39
C ILE A 162 10.10 25.23 55.72
N GLU A 163 11.07 25.31 56.64
CA GLU A 163 10.81 25.87 57.99
C GLU A 163 11.16 27.36 58.01
N GLU A 164 12.37 27.70 58.47
CA GLU A 164 12.80 29.11 58.55
C GLU A 164 13.57 29.49 57.29
N ILE A 165 13.00 30.36 56.46
CA ILE A 165 13.67 30.84 55.22
C ILE A 165 14.26 32.22 55.53
N ASP A 166 15.06 32.30 56.61
CA ASP A 166 15.69 33.56 57.08
C ASP A 166 16.29 34.34 55.91
N PRO A 167 15.68 35.49 55.51
CA PRO A 167 16.20 36.30 54.40
C PRO A 167 17.29 37.28 54.89
N GLU A 168 17.44 37.41 56.21
CA GLU A 168 18.44 38.33 56.80
C GLU A 168 19.78 37.59 56.96
N LYS A 169 19.72 36.32 57.39
CA LYS A 169 20.95 35.51 57.61
C LYS A 169 21.34 34.78 56.31
N LYS A 170 20.54 34.93 55.26
CA LYS A 170 20.81 34.28 53.95
C LYS A 170 21.05 32.78 54.18
N GLU A 171 20.19 32.14 54.98
CA GLU A 171 20.31 30.70 55.28
C GLU A 171 18.91 30.18 55.65
N MET A 172 18.51 29.03 55.09
CA MET A 172 17.15 28.49 55.37
C MET A 172 17.22 27.01 55.75
N VAL A 173 16.23 26.57 56.52
CA VAL A 173 16.08 25.20 57.02
C VAL A 173 15.05 24.48 56.17
N ILE A 174 15.50 23.41 55.52
CA ILE A 174 14.65 22.53 54.75
C ILE A 174 14.51 21.22 55.52
N VAL A 175 13.66 20.33 55.01
CA VAL A 175 13.55 18.97 55.54
C VAL A 175 13.74 18.04 54.33
N ARG A 176 14.96 17.60 54.11
CA ARG A 176 15.28 16.69 53.02
C ARG A 176 14.83 15.29 53.36
N ARG A 177 14.20 14.61 52.41
CA ARG A 177 13.86 13.21 52.55
C ARG A 177 15.02 12.33 52.10
N LEU A 178 15.43 11.40 52.95
CA LEU A 178 16.35 10.35 52.59
C LEU A 178 15.68 9.00 52.82
N ASP A 179 16.44 7.92 52.64
CA ASP A 179 15.84 6.60 52.78
C ASP A 179 15.80 6.12 54.22
N GLN A 180 16.72 6.57 55.06
CA GLN A 180 16.64 6.25 56.48
C GLN A 180 15.67 7.17 57.20
N GLY A 181 15.24 8.25 56.57
CA GLY A 181 14.32 9.18 57.20
C GLY A 181 14.57 10.60 56.77
N PHE A 182 13.68 11.50 57.17
CA PHE A 182 13.84 12.92 56.87
C PHE A 182 14.93 13.52 57.76
N GLU A 183 15.43 14.68 57.36
CA GLU A 183 16.41 15.38 58.18
C GLU A 183 16.30 16.88 57.94
N LYS A 184 16.27 17.65 59.02
CA LYS A 184 16.34 19.10 58.92
C LYS A 184 17.76 19.52 58.62
N ILE A 185 17.92 20.47 57.70
CA ILE A 185 19.24 20.87 57.21
C ILE A 185 19.26 22.39 57.15
N ARG A 186 20.23 23.01 57.82
CA ARG A 186 20.45 24.45 57.70
C ARG A 186 21.24 24.70 56.44
N LEU A 187 20.54 24.93 55.33
CA LEU A 187 21.21 25.31 54.10
C LEU A 187 21.70 26.74 54.18
N LYS A 188 22.80 27.01 53.50
CA LYS A 188 23.39 28.34 53.43
C LYS A 188 23.11 28.91 52.05
N LEU A 189 22.37 30.01 52.00
CA LEU A 189 22.10 30.67 50.74
C LEU A 189 23.37 31.34 50.22
N PRO A 190 23.65 31.27 48.90
CA PRO A 190 22.87 30.73 47.78
C PRO A 190 22.83 29.21 47.70
N ALA A 191 21.63 28.66 47.58
CA ALA A 191 21.43 27.23 47.57
C ALA A 191 20.66 26.83 46.33
N VAL A 192 20.70 25.54 46.02
CA VAL A 192 19.96 24.96 44.91
C VAL A 192 19.03 23.91 45.52
N LEU A 193 17.75 24.25 45.64
CA LEU A 193 16.80 23.30 46.16
C LEU A 193 16.36 22.34 45.07
N THR A 194 15.64 21.30 45.49
CA THR A 194 15.16 20.27 44.57
C THR A 194 13.90 19.70 45.20
N ILE A 195 12.76 20.09 44.66
CA ILE A 195 11.47 20.00 45.35
C ILE A 195 10.74 18.74 44.93
N THR A 196 10.13 18.07 45.90
CA THR A 196 9.29 16.89 45.64
C THR A 196 7.83 17.29 45.46
N ASP A 197 6.97 16.29 45.32
CA ASP A 197 5.53 16.54 45.24
C ASP A 197 4.95 16.89 46.59
N GLU A 198 5.57 16.44 47.69
CA GLU A 198 4.96 16.53 49.00
C GLU A 198 5.22 17.86 49.69
N LEU A 199 5.84 18.83 49.02
CA LEU A 199 6.12 20.11 49.66
C LEU A 199 4.84 20.91 49.87
N ASN A 200 4.08 21.12 48.80
CA ASN A 200 2.85 21.86 48.88
C ASN A 200 1.90 21.35 47.80
N LYS A 201 0.76 21.99 47.67
CA LYS A 201 -0.13 21.76 46.54
C LYS A 201 -0.25 23.06 45.77
N PRO A 202 -0.04 23.04 44.46
CA PRO A 202 0.02 24.29 43.69
C PRO A 202 -1.34 24.97 43.60
N ARG A 203 -1.29 26.30 43.59
CA ARG A 203 -2.50 27.09 43.70
C ARG A 203 -3.29 27.07 42.40
N TYR A 204 -4.59 27.28 42.54
CA TYR A 204 -5.42 27.66 41.40
C TYR A 204 -5.15 29.12 41.09
N ALA A 205 -4.59 29.37 39.92
CA ALA A 205 -4.11 30.71 39.58
C ALA A 205 -5.27 31.68 39.40
N ASP A 206 -5.07 32.91 39.86
CA ASP A 206 -6.06 33.95 39.67
C ASP A 206 -6.04 34.45 38.23
N LEU A 207 -7.14 35.09 37.82
CA LEU A 207 -7.16 35.68 36.48
C LEU A 207 -6.19 36.82 36.19
N PRO A 208 -5.90 37.79 37.07
CA PRO A 208 -4.91 38.82 36.69
C PRO A 208 -3.51 38.30 36.44
N ASN A 209 -3.14 37.17 37.02
CA ASN A 209 -1.87 36.53 36.69
C ASN A 209 -2.00 35.61 35.48
N LEU A 210 -3.14 34.96 35.30
CA LEU A 210 -3.33 34.08 34.15
C LEU A 210 -3.50 34.88 32.87
N ILE A 211 -4.21 36.01 32.94
CA ILE A 211 -4.35 36.89 31.79
C ILE A 211 -3.01 37.50 31.42
N ARG A 212 -2.22 37.89 32.44
CA ARG A 212 -0.85 38.35 32.20
C ARG A 212 0.03 37.22 31.66
N ALA A 213 -0.27 35.97 32.03
CA ALA A 213 0.48 34.83 31.51
C ALA A 213 0.19 34.59 30.04
N ILE A 214 -1.00 34.95 29.57
CA ILE A 214 -1.35 34.72 28.17
C ILE A 214 -0.66 35.74 27.27
N ARG A 215 -0.74 37.02 27.61
CA ARG A 215 -0.07 38.04 26.82
C ARG A 215 1.34 38.32 27.34
N TYR A 216 2.12 37.27 27.51
CA TYR A 216 3.50 37.37 27.94
C TYR A 216 4.39 36.64 26.95
N GLU A 217 5.53 37.24 26.63
CA GLU A 217 6.50 36.61 25.75
C GLU A 217 7.78 36.34 26.52
N PRO A 218 8.16 35.09 26.71
CA PRO A 218 9.40 34.78 27.42
C PRO A 218 10.63 35.22 26.64
N ILE A 219 11.66 35.63 27.38
CA ILE A 219 12.89 36.14 26.80
C ILE A 219 13.64 34.96 26.18
N VAL A 220 13.72 34.93 24.86
CA VAL A 220 14.38 33.83 24.16
C VAL A 220 15.86 34.14 24.00
N TRP A 221 16.71 33.20 24.40
CA TRP A 221 18.15 33.33 24.28
C TRP A 221 18.68 32.13 23.52
N THR A 222 19.38 32.39 22.42
CA THR A 222 20.02 31.34 21.64
C THR A 222 21.40 31.04 22.20
N HIS A 223 22.17 30.22 21.48
CA HIS A 223 23.51 29.90 21.93
C HIS A 223 24.49 31.03 21.70
N LYS A 224 24.18 31.96 20.79
CA LYS A 224 24.99 33.16 20.65
C LYS A 224 24.70 34.16 21.77
N ASP A 225 23.48 34.14 22.31
CA ASP A 225 23.10 35.08 23.36
C ASP A 225 23.84 34.78 24.67
N LEU A 226 24.13 33.51 24.94
CA LEU A 226 24.75 33.13 26.20
C LEU A 226 26.27 33.22 26.17
N GLY A 227 26.88 32.99 25.01
CA GLY A 227 28.32 33.04 24.88
C GLY A 227 29.03 31.74 25.16
N LEU A 228 28.31 30.63 25.24
CA LEU A 228 28.88 29.33 25.56
C LEU A 228 29.55 28.70 24.35
N ASP A 229 30.16 27.54 24.58
CA ASP A 229 30.80 26.78 23.51
C ASP A 229 29.71 26.18 22.62
N PRO A 230 29.88 26.23 21.28
CA PRO A 230 28.80 25.79 20.39
C PRO A 230 28.57 24.29 20.36
N LYS A 231 29.53 23.48 20.78
CA LYS A 231 29.34 22.03 20.79
C LYS A 231 29.59 21.42 22.16
N LYS A 232 29.37 22.19 23.22
CA LYS A 232 29.33 21.67 24.57
C LYS A 232 27.90 21.58 25.12
N CYS A 233 26.90 21.63 24.25
CA CYS A 233 25.51 21.77 24.71
C CYS A 233 24.53 20.80 24.07
N GLY A 234 24.87 20.25 22.90
CA GLY A 234 23.89 19.41 22.23
C GLY A 234 24.18 17.93 22.30
N PHE A 235 24.22 17.30 21.13
CA PHE A 235 24.64 15.92 20.98
C PHE A 235 26.15 15.76 21.12
N PHE A 236 26.90 16.85 20.97
CA PHE A 236 28.35 16.82 21.09
C PHE A 236 28.85 17.08 22.49
N GLY A 237 28.16 17.93 23.26
CA GLY A 237 28.43 18.10 24.66
C GLY A 237 27.79 17.05 25.54
N SER A 238 27.06 16.12 24.94
CA SER A 238 26.47 14.99 25.62
C SER A 238 27.49 13.85 25.68
N PRO A 239 27.97 13.46 26.85
CA PRO A 239 28.82 12.28 26.95
C PRO A 239 28.05 11.02 26.63
N THR A 240 26.94 10.84 27.34
CA THR A 240 26.10 9.68 27.10
C THR A 240 25.31 9.84 25.81
N ARG A 241 24.94 8.71 25.21
CA ARG A 241 24.15 8.67 23.98
C ARG A 241 23.06 7.63 24.19
N VAL A 242 21.81 8.03 23.98
CA VAL A 242 20.70 7.08 24.05
C VAL A 242 20.70 6.26 22.77
N VAL A 243 21.08 4.99 22.84
CA VAL A 243 21.26 4.21 21.63
C VAL A 243 20.00 3.46 21.21
N SER A 244 19.11 3.13 22.16
CA SER A 244 17.88 2.42 21.83
C SER A 244 16.90 2.58 22.98
N THR A 245 15.67 2.95 22.64
CA THR A 245 14.57 2.99 23.61
C THR A 245 13.60 1.88 23.28
N ASN A 246 13.21 1.12 24.29
CA ASN A 246 12.34 -0.03 24.10
C ASN A 246 11.41 -0.12 25.30
N ILE A 247 10.14 -0.43 25.04
CA ILE A 247 9.14 -0.55 26.09
C ILE A 247 9.41 -1.83 26.87
N PRO A 248 8.94 -1.94 28.13
CA PRO A 248 9.16 -3.13 28.96
C PRO A 248 8.28 -4.31 28.49
N PRO A 249 8.29 -5.46 29.20
CA PRO A 249 7.47 -6.61 28.82
C PRO A 249 6.07 -6.53 29.43
N ALA A 250 5.27 -7.59 29.26
CA ALA A 250 3.89 -7.65 29.81
C ALA A 250 3.90 -8.33 31.17
N ARG A 251 4.71 -7.81 32.11
CA ARG A 251 4.82 -8.38 33.48
C ARG A 251 5.06 -9.89 33.39
N LYS A 252 4.25 -10.67 34.10
CA LYS A 252 4.38 -12.16 34.12
C LYS A 252 3.11 -12.78 34.70
N GLY A 253 2.40 -13.58 33.90
CA GLY A 253 1.16 -14.24 34.36
C GLY A 253 1.36 -14.99 35.66
N GLY A 254 0.51 -14.72 36.67
CA GLY A 254 0.60 -15.38 37.98
C GLY A 254 -0.29 -16.61 38.05
N ASP A 255 -0.60 -17.07 39.27
CA ASP A 255 -1.46 -18.26 39.47
C ASP A 255 -2.13 -18.18 40.85
N ILE A 256 -3.44 -18.43 40.92
CA ILE A 256 -4.19 -18.37 42.21
C ILE A 256 -3.54 -19.35 43.20
N ILE A 257 -2.60 -18.85 44.01
CA ILE A 257 -1.89 -19.70 45.02
C ILE A 257 -2.94 -20.42 45.88
N SER A 258 -3.89 -19.67 46.45
CA SER A 258 -4.96 -20.26 47.30
C SER A 258 -6.27 -20.33 46.51
N LYS A 259 -7.41 -20.23 47.21
CA LYS A 259 -8.74 -20.29 46.57
C LYS A 259 -9.79 -19.69 47.51
N ASN A 260 -11.08 -19.85 47.18
CA ASN A 260 -12.18 -19.32 48.02
C ASN A 260 -12.58 -20.38 49.05
N GLU A 261 -12.02 -21.59 48.94
CA GLU A 261 -12.33 -22.69 49.89
C GLU A 261 -11.49 -22.52 51.15
N ASP A 262 -10.16 -22.53 51.01
CA ASP A 262 -9.24 -22.38 52.17
C ASP A 262 -9.58 -21.08 52.92
N PRO A 263 -10.06 -21.15 54.18
CA PRO A 263 -10.40 -19.94 54.94
C PRO A 263 -9.14 -19.23 55.46
N GLU A 264 -8.06 -19.99 55.68
CA GLU A 264 -6.79 -19.43 56.19
C GLU A 264 -5.61 -20.22 55.61
N VAL A 265 -5.82 -21.52 55.36
CA VAL A 265 -4.78 -22.38 54.81
C VAL A 265 -4.17 -21.74 53.57
N ALA A 266 -4.81 -20.70 53.04
CA ALA A 266 -4.21 -19.90 51.98
C ALA A 266 -3.19 -18.92 52.54
N ALA A 267 -3.18 -18.70 53.86
CA ALA A 267 -2.26 -17.75 54.44
C ALA A 267 -0.84 -18.28 54.46
N GLU A 268 -0.66 -19.55 54.83
CA GLU A 268 0.68 -20.14 54.75
C GLU A 268 1.05 -20.53 53.33
N LYS A 269 0.07 -20.72 52.44
CA LYS A 269 0.39 -20.93 51.04
C LYS A 269 0.87 -19.65 50.36
N LEU A 270 0.57 -18.49 50.94
CA LEU A 270 1.18 -17.25 50.48
C LEU A 270 2.65 -17.20 50.89
N ILE A 271 2.95 -17.52 52.15
CA ILE A 271 4.32 -17.53 52.63
C ILE A 271 5.08 -18.72 52.07
N GLU A 272 4.37 -19.78 51.65
CA GLU A 272 4.99 -20.85 50.87
C GLU A 272 5.56 -20.30 49.57
N ALA A 273 4.76 -19.52 48.84
CA ALA A 273 5.14 -19.06 47.52
C ALA A 273 5.83 -17.71 47.52
N LEU A 274 5.93 -17.04 48.68
CA LEU A 274 6.76 -15.86 48.77
C LEU A 274 8.22 -16.21 48.63
N LYS A 275 8.67 -17.25 49.33
CA LYS A 275 10.08 -17.64 49.38
C LYS A 275 10.59 -18.22 48.07
N LYS A 276 9.74 -18.45 47.07
CA LYS A 276 10.22 -18.81 45.74
C LYS A 276 10.69 -17.60 44.94
N PHE A 277 10.46 -16.39 45.42
CA PHE A 277 10.84 -15.17 44.71
C PHE A 277 12.14 -14.62 45.28
N GLU A 278 12.91 -13.97 44.40
CA GLU A 278 14.18 -13.38 44.80
C GLU A 278 13.98 -12.11 45.63
N ALA A 279 12.92 -11.36 45.37
CA ALA A 279 12.77 -10.00 45.89
C ALA A 279 12.46 -9.94 47.37
N VAL A 280 12.15 -11.07 48.01
CA VAL A 280 11.81 -11.07 49.44
C VAL A 280 13.02 -10.84 50.33
N ARG A 281 14.23 -10.98 49.77
CA ARG A 281 15.45 -10.57 50.47
C ARG A 281 15.50 -9.07 50.72
N LEU A 282 14.78 -8.29 49.92
CA LEU A 282 14.87 -6.85 49.90
C LEU A 282 13.87 -6.16 50.85
N VAL A 283 13.08 -6.95 51.59
CA VAL A 283 11.97 -6.39 52.35
C VAL A 283 12.46 -5.63 53.59
N GLU A 284 13.60 -6.08 54.17
CA GLU A 284 14.21 -5.65 55.43
C GLU A 284 13.37 -6.01 56.66
N ALA A 285 12.32 -6.79 56.48
CA ALA A 285 11.52 -7.28 57.60
C ALA A 285 11.05 -8.71 57.40
N LEU A 286 11.46 -9.38 56.32
CA LEU A 286 11.18 -10.80 56.12
C LEU A 286 12.46 -11.62 56.09
N LYS A 287 13.53 -11.12 56.69
CA LYS A 287 14.72 -11.90 56.97
C LYS A 287 14.51 -12.97 58.04
N PRO A 288 13.73 -12.78 59.13
CA PRO A 288 13.46 -13.91 60.04
C PRO A 288 12.59 -15.03 59.47
N VAL A 289 12.06 -14.91 58.24
CA VAL A 289 11.41 -16.03 57.58
C VAL A 289 12.16 -16.50 56.35
N LEU A 290 13.22 -15.80 55.96
CA LEU A 290 14.08 -16.21 54.85
C LEU A 290 15.46 -16.66 55.33
N GLU A 291 16.16 -15.82 56.10
CA GLU A 291 17.43 -16.22 56.68
C GLU A 291 17.23 -17.24 57.79
N GLY A 292 16.38 -16.92 58.76
CA GLY A 292 16.10 -17.81 59.87
C GLY A 292 17.00 -17.56 61.07
N MET B 1 47.64 0.28 32.03
CA MET B 1 47.24 -0.69 31.01
C MET B 1 46.04 -1.50 31.49
N SER B 2 46.30 -2.45 32.38
CA SER B 2 45.25 -3.27 32.97
C SER B 2 44.62 -2.64 34.20
N GLU B 3 45.41 -1.99 35.03
CA GLU B 3 44.90 -1.31 36.22
C GLU B 3 44.36 0.08 35.92
N LYS B 4 44.27 0.46 34.64
CA LYS B 4 43.51 1.65 34.27
C LYS B 4 42.07 1.33 33.93
N LYS B 5 41.77 0.06 33.60
CA LYS B 5 40.39 -0.44 33.55
C LYS B 5 40.03 -0.99 34.94
N ILE B 6 39.59 -0.08 35.79
CA ILE B 6 39.50 -0.27 37.22
C ILE B 6 38.10 0.18 37.64
N ILE B 7 37.17 -0.76 37.79
CA ILE B 7 35.77 -0.35 37.93
C ILE B 7 35.45 -0.13 39.41
N PHE B 8 34.76 0.97 39.69
CA PHE B 8 34.48 1.39 41.06
C PHE B 8 33.07 1.01 41.46
N VAL B 9 32.89 0.76 42.76
CA VAL B 9 31.57 0.57 43.36
C VAL B 9 31.59 1.31 44.69
N LEU B 10 30.65 2.25 44.86
CA LEU B 10 30.55 2.98 46.12
C LEU B 10 29.75 2.18 47.12
N ILE B 11 30.20 2.20 48.38
CA ILE B 11 29.55 1.50 49.47
C ILE B 11 28.78 2.52 50.29
N GLU B 12 27.46 2.39 50.31
CA GLU B 12 26.59 3.26 51.08
C GLU B 12 26.44 2.67 52.47
N HIS B 13 27.04 3.31 53.47
CA HIS B 13 26.96 2.85 54.85
C HIS B 13 26.13 3.83 55.67
N HIS B 14 25.35 3.28 56.60
CA HIS B 14 24.45 4.06 57.45
C HIS B 14 24.89 3.86 58.89
N GLY B 15 25.81 4.69 59.35
CA GLY B 15 26.36 4.58 60.68
C GLY B 15 27.45 3.55 60.78
N GLY B 16 27.07 2.27 60.88
CA GLY B 16 28.06 1.22 60.91
C GLY B 16 27.85 0.14 59.86
N LYS B 17 26.61 -0.05 59.45
CA LYS B 17 26.24 -1.12 58.53
C LYS B 17 26.01 -0.55 57.14
N ALA B 18 26.45 -1.29 56.13
CA ALA B 18 26.29 -0.82 54.77
C ALA B 18 24.86 -1.07 54.28
N HIS B 19 24.49 -0.31 53.24
CA HIS B 19 23.27 -0.60 52.53
C HIS B 19 23.44 -1.92 51.77
N PRO B 20 22.36 -2.70 51.62
CA PRO B 20 22.47 -3.94 50.84
C PRO B 20 22.83 -3.74 49.38
N VAL B 21 22.55 -2.56 48.81
CA VAL B 21 22.87 -2.30 47.41
C VAL B 21 24.38 -2.23 47.18
N SER B 22 25.16 -2.00 48.24
CA SER B 22 26.61 -1.92 48.11
C SER B 22 27.21 -3.26 47.72
N TRP B 23 26.57 -4.36 48.12
CA TRP B 23 27.06 -5.69 47.80
C TRP B 23 26.32 -6.33 46.63
N GLU B 24 25.21 -5.74 46.18
CA GLU B 24 24.59 -6.19 44.94
C GLU B 24 25.29 -5.58 43.74
N LEU B 25 25.92 -4.42 43.91
CA LEU B 25 26.72 -3.81 42.85
C LEU B 25 28.13 -4.36 42.80
N ILE B 26 28.67 -4.77 43.94
CA ILE B 26 29.94 -5.48 43.96
C ILE B 26 29.81 -6.81 43.23
N GLY B 27 28.69 -7.51 43.45
CA GLY B 27 28.46 -8.75 42.74
C GLY B 27 28.11 -8.54 41.28
N LYS B 28 27.49 -7.41 40.94
CA LYS B 28 27.19 -7.13 39.55
C LYS B 28 28.44 -6.73 38.78
N ALA B 29 29.34 -5.98 39.43
CA ALA B 29 30.58 -5.58 38.78
C ALA B 29 31.51 -6.76 38.55
N ARG B 30 31.36 -7.85 39.32
CA ARG B 30 32.08 -9.09 39.01
C ARG B 30 31.63 -9.66 37.68
N ASP B 31 30.32 -9.63 37.40
CA ASP B 31 29.83 -10.01 36.09
C ASP B 31 30.19 -8.99 35.02
N LEU B 32 30.46 -7.75 35.41
CA LEU B 32 30.96 -6.76 34.46
C LEU B 32 32.44 -6.96 34.21
N ALA B 33 33.21 -7.28 35.25
CA ALA B 33 34.64 -7.53 35.09
C ALA B 33 34.94 -8.87 34.43
N SER B 34 33.99 -9.81 34.45
CA SER B 34 34.17 -11.07 33.74
C SER B 34 34.05 -10.89 32.23
N LYS B 35 33.34 -9.86 31.79
CA LYS B 35 33.23 -9.55 30.37
C LYS B 35 34.05 -8.34 29.96
N LEU B 36 34.61 -7.61 30.91
CA LEU B 36 35.56 -6.55 30.63
C LEU B 36 36.95 -7.15 30.63
N GLU B 37 37.76 -6.77 29.64
CA GLU B 37 39.10 -7.33 29.52
C GLU B 37 40.04 -6.62 30.49
N ASN B 38 40.70 -7.40 31.36
CA ASN B 38 41.78 -6.96 32.24
C ASN B 38 41.30 -5.92 33.25
N SER B 39 40.33 -6.32 34.06
CA SER B 39 39.66 -5.39 34.97
C SER B 39 39.57 -5.99 36.36
N GLU B 40 39.29 -5.11 37.33
CA GLU B 40 39.19 -5.47 38.75
C GLU B 40 38.14 -4.61 39.41
N VAL B 41 37.43 -5.20 40.37
CA VAL B 41 36.31 -4.53 41.04
C VAL B 41 36.83 -3.91 42.32
N TRP B 42 36.96 -2.59 42.32
CA TRP B 42 37.33 -1.87 43.53
C TRP B 42 36.08 -1.64 44.40
N GLY B 43 36.30 -1.02 45.54
CA GLY B 43 35.20 -0.54 46.37
C GLY B 43 35.62 0.72 47.10
N VAL B 44 34.87 1.81 46.91
CA VAL B 44 35.19 3.08 47.54
C VAL B 44 34.32 3.22 48.79
N LEU B 45 34.95 3.50 49.92
CA LEU B 45 34.23 3.56 51.18
C LEU B 45 34.79 4.73 51.97
N LEU B 46 33.90 5.54 52.53
CA LEU B 46 34.27 6.80 53.17
C LEU B 46 33.83 6.79 54.62
N GLY B 47 34.73 7.13 55.52
CA GLY B 47 34.46 7.20 56.93
C GLY B 47 35.60 6.63 57.73
N GLU B 48 35.47 6.69 59.05
CA GLU B 48 36.44 6.12 59.97
C GLU B 48 35.74 5.10 60.86
N GLY B 49 36.43 3.99 61.11
CA GLY B 49 35.85 2.95 61.94
C GLY B 49 34.94 2.01 61.19
N LEU B 50 35.23 1.72 59.92
CA LEU B 50 34.40 0.86 59.10
C LEU B 50 35.22 -0.27 58.51
N GLU B 51 36.17 -0.79 59.29
CA GLU B 51 36.89 -2.00 58.87
C GLU B 51 36.04 -3.25 59.03
N SER B 52 34.96 -3.18 59.80
CA SER B 52 34.03 -4.28 59.92
C SER B 52 33.21 -4.50 58.65
N VAL B 53 33.18 -3.52 57.76
CA VAL B 53 32.49 -3.66 56.49
C VAL B 53 33.44 -3.57 55.30
N ALA B 54 34.63 -2.98 55.45
CA ALA B 54 35.60 -2.97 54.36
C ALA B 54 36.15 -4.36 54.08
N LYS B 55 36.23 -5.20 55.10
CA LYS B 55 36.52 -6.62 54.89
C LYS B 55 35.29 -7.38 54.42
N GLU B 56 34.09 -6.89 54.73
CA GLU B 56 32.87 -7.54 54.26
C GLU B 56 32.69 -7.35 52.77
N ALA B 57 33.20 -6.25 52.21
CA ALA B 57 33.10 -6.01 50.77
C ALA B 57 33.96 -7.00 50.00
N ILE B 58 35.13 -7.34 50.53
CA ILE B 58 36.02 -8.29 49.86
C ILE B 58 35.45 -9.69 49.90
N GLN B 59 34.72 -10.03 50.97
CA GLN B 59 34.01 -11.31 51.00
C GLN B 59 32.85 -11.35 50.02
N ARG B 60 32.27 -10.19 49.70
CA ARG B 60 31.17 -10.15 48.73
C ARG B 60 31.67 -10.10 47.29
N GLY B 61 32.94 -9.80 47.07
CA GLY B 61 33.48 -9.88 45.73
C GLY B 61 34.30 -8.69 45.29
N ALA B 62 34.55 -7.74 46.20
CA ALA B 62 35.40 -6.62 45.87
C ALA B 62 36.84 -7.09 45.75
N ASP B 63 37.48 -6.79 44.62
CA ASP B 63 38.87 -7.19 44.43
C ASP B 63 39.78 -6.40 45.35
N LYS B 64 39.65 -5.07 45.35
CA LYS B 64 40.37 -4.20 46.24
C LYS B 64 39.34 -3.30 46.92
N VAL B 65 39.75 -2.56 47.94
CA VAL B 65 38.87 -1.63 48.63
C VAL B 65 39.64 -0.33 48.85
N LEU B 66 39.08 0.77 48.35
CA LEU B 66 39.63 2.10 48.63
C LEU B 66 38.87 2.65 49.84
N TYR B 67 39.47 2.54 51.01
CA TYR B 67 38.81 2.92 52.26
C TYR B 67 39.29 4.31 52.63
N VAL B 68 38.59 5.32 52.13
CA VAL B 68 38.91 6.71 52.40
C VAL B 68 38.54 7.04 53.84
N LYS B 69 39.46 7.70 54.55
CA LYS B 69 39.33 7.90 55.99
C LYS B 69 39.13 9.37 56.30
N ASN B 70 38.01 9.69 56.94
CA ASN B 70 37.84 10.97 57.62
C ASN B 70 36.71 10.81 58.64
N ARG B 71 36.77 11.64 59.69
CA ARG B 71 35.76 11.58 60.74
C ARG B 71 34.46 12.22 60.31
N GLU B 72 34.51 13.19 59.40
CA GLU B 72 33.31 13.87 58.92
C GLU B 72 32.68 13.16 57.73
N PHE B 73 32.96 11.88 57.49
CA PHE B 73 32.35 11.13 56.41
C PHE B 73 31.37 10.06 56.89
N ASN B 74 31.23 9.88 58.20
CA ASN B 74 30.28 8.90 58.71
C ASN B 74 28.85 9.39 58.52
N THR B 75 28.59 10.66 58.79
CA THR B 75 27.34 11.27 58.37
C THR B 75 27.37 11.52 56.87
N TYR B 76 26.19 11.62 56.28
CA TYR B 76 26.09 11.87 54.84
C TYR B 76 25.93 13.37 54.62
N VAL B 77 26.97 13.99 54.08
CA VAL B 77 26.90 15.34 53.54
C VAL B 77 27.45 15.25 52.12
N ASN B 78 26.59 15.52 51.13
CA ASN B 78 26.97 15.43 49.74
C ASN B 78 28.00 16.48 49.34
N TYR B 79 28.06 17.58 50.09
CA TYR B 79 29.10 18.58 49.86
C TYR B 79 30.48 18.04 50.20
N LEU B 80 30.57 17.20 51.23
CA LEU B 80 31.85 16.63 51.64
C LEU B 80 32.22 15.39 50.85
N TYR B 81 31.23 14.57 50.47
CA TYR B 81 31.49 13.37 49.70
C TYR B 81 31.98 13.71 48.30
N LYS B 82 31.41 14.75 47.69
CA LYS B 82 31.80 15.14 46.34
C LYS B 82 33.23 15.68 46.30
N LYS B 83 33.68 16.31 47.38
CA LYS B 83 35.05 16.80 47.43
C LYS B 83 36.05 15.65 47.51
N ALA B 84 35.63 14.51 48.05
CA ALA B 84 36.48 13.33 48.17
C ALA B 84 36.30 12.35 47.03
N LEU B 85 35.10 12.24 46.46
CA LEU B 85 34.83 11.30 45.39
C LEU B 85 35.09 11.88 44.01
N VAL B 86 35.74 13.04 43.91
CA VAL B 86 36.38 13.46 42.68
C VAL B 86 37.89 13.58 42.82
N ASP B 87 38.41 13.52 44.05
CA ASP B 87 39.85 13.36 44.22
C ASP B 87 40.26 11.89 44.09
N MET B 88 39.38 10.97 44.48
CA MET B 88 39.63 9.54 44.32
C MET B 88 39.25 9.03 42.94
N VAL B 89 38.70 9.89 42.09
CA VAL B 89 38.52 9.58 40.69
C VAL B 89 39.59 10.22 39.82
N ARG B 90 40.04 11.42 40.16
CA ARG B 90 41.16 12.03 39.45
C ARG B 90 42.47 11.31 39.73
N LYS B 91 42.61 10.69 40.91
CA LYS B 91 43.86 10.03 41.25
C LYS B 91 43.97 8.66 40.61
N TYR B 92 42.95 7.82 40.75
CA TYR B 92 43.04 6.42 40.32
C TYR B 92 42.51 6.18 38.93
N ARG B 93 41.77 7.14 38.35
CA ARG B 93 41.17 7.11 37.02
C ARG B 93 40.36 5.85 36.73
N PRO B 94 39.17 5.70 37.32
CA PRO B 94 38.37 4.48 37.09
C PRO B 94 37.76 4.46 35.69
N GLU B 95 37.14 3.33 35.38
CA GLU B 95 36.46 3.10 34.12
C GLU B 95 34.95 3.08 34.27
N ILE B 96 34.43 2.40 35.29
CA ILE B 96 33.01 2.31 35.56
C ILE B 96 32.81 2.64 37.03
N PHE B 97 32.07 3.71 37.31
CA PHE B 97 31.69 4.08 38.66
C PHE B 97 30.25 3.62 38.87
N LEU B 98 30.00 2.94 39.99
CA LEU B 98 28.67 2.41 40.29
C LEU B 98 28.25 2.87 41.68
N ILE B 99 27.14 3.60 41.75
CA ILE B 99 26.49 3.94 43.01
C ILE B 99 25.08 3.38 42.96
N GLY B 100 24.56 2.96 44.11
CA GLY B 100 23.18 2.54 44.17
C GLY B 100 22.23 3.71 44.05
N ALA B 101 21.01 3.43 43.60
CA ALA B 101 20.00 4.49 43.46
C ALA B 101 19.20 4.67 44.73
N THR B 102 19.90 4.83 45.84
CA THR B 102 19.30 5.40 47.02
C THR B 102 19.16 6.90 46.84
N LEU B 103 18.43 7.55 47.75
CA LEU B 103 18.25 8.99 47.64
C LEU B 103 19.54 9.75 47.90
N GLU B 104 20.42 9.20 48.74
CA GLU B 104 21.76 9.78 48.83
C GLU B 104 22.59 9.45 47.59
N GLY B 105 22.37 8.29 46.98
CA GLY B 105 23.17 7.88 45.85
C GLY B 105 22.88 8.64 44.57
N ARG B 106 21.60 8.88 44.30
CA ARG B 106 21.23 9.67 43.12
C ARG B 106 21.61 11.13 43.28
N GLU B 107 21.58 11.65 44.50
CA GLU B 107 21.97 13.03 44.73
C GLU B 107 23.48 13.19 44.63
N LEU B 108 24.23 12.20 45.12
CA LEU B 108 25.69 12.27 45.09
C LEU B 108 26.23 12.12 43.69
N ALA B 109 25.66 11.21 42.90
CA ALA B 109 26.18 10.94 41.57
C ALA B 109 25.98 12.12 40.63
N GLY B 110 24.91 12.88 40.82
CA GLY B 110 24.71 14.08 40.02
C GLY B 110 25.73 15.15 40.31
N MET B 111 26.17 15.28 41.56
CA MET B 111 27.21 16.24 41.88
C MET B 111 28.57 15.79 41.39
N VAL B 112 28.81 14.49 41.38
CA VAL B 112 30.13 13.97 41.05
C VAL B 112 30.37 14.03 39.54
N ALA B 113 29.37 13.60 38.76
CA ALA B 113 29.53 13.46 37.31
C ALA B 113 29.72 14.78 36.59
N THR B 114 29.26 15.88 37.16
CA THR B 114 29.47 17.19 36.55
C THR B 114 30.69 17.91 37.10
N GLU B 115 31.42 17.29 38.03
CA GLU B 115 32.78 17.71 38.33
C GLU B 115 33.78 17.05 37.40
N LEU B 116 33.61 15.76 37.16
CA LEU B 116 34.42 15.01 36.21
C LEU B 116 34.04 15.30 34.77
N GLU B 117 32.90 15.96 34.54
CA GLU B 117 32.32 16.22 33.22
C GLU B 117 32.14 14.94 32.42
N THR B 118 31.60 13.92 33.09
CA THR B 118 31.36 12.62 32.47
C THR B 118 29.86 12.38 32.32
N GLY B 119 29.52 11.22 31.81
CA GLY B 119 28.14 10.84 31.58
C GLY B 119 27.63 9.95 32.69
N LEU B 120 26.38 10.19 33.10
CA LEU B 120 25.79 9.48 34.22
C LEU B 120 24.35 9.12 33.89
N THR B 121 24.01 7.86 34.07
CA THR B 121 22.64 7.39 33.95
C THR B 121 22.13 6.99 35.32
N ALA B 122 20.91 7.37 35.65
CA ALA B 122 20.35 7.15 36.98
C ALA B 122 19.34 6.00 36.95
N ASP B 123 19.33 5.25 38.05
CA ASP B 123 18.36 4.18 38.33
C ASP B 123 18.38 3.09 37.24
N CYS B 124 19.58 2.65 36.90
CA CYS B 124 19.73 1.65 35.86
C CYS B 124 19.27 0.28 36.35
N THR B 125 18.85 -0.55 35.39
CA THR B 125 18.40 -1.90 35.68
C THR B 125 19.02 -2.96 34.79
N GLY B 126 19.83 -2.56 33.81
CA GLY B 126 20.24 -3.46 32.76
C GLY B 126 21.69 -3.39 32.35
N LEU B 127 22.59 -3.19 33.31
CA LEU B 127 24.02 -3.07 33.04
C LEU B 127 24.57 -4.30 32.33
N ASP B 128 25.31 -4.06 31.25
CA ASP B 128 25.89 -5.12 30.44
C ASP B 128 27.01 -4.51 29.62
N ILE B 129 28.00 -5.34 29.27
CA ILE B 129 29.16 -4.91 28.52
C ILE B 129 28.98 -5.37 27.07
N ILE B 130 29.11 -4.42 26.14
CA ILE B 130 29.11 -4.74 24.71
C ILE B 130 30.53 -5.14 24.32
N PRO B 131 30.71 -6.09 23.39
CA PRO B 131 32.06 -6.60 23.12
C PRO B 131 32.88 -5.77 22.15
N ASP B 132 32.34 -4.68 21.59
CA ASP B 132 33.07 -3.95 20.55
C ASP B 132 34.12 -3.03 21.14
N LYS B 133 33.70 -2.02 21.91
CA LYS B 133 34.62 -1.10 22.54
C LYS B 133 34.55 -1.21 24.06
N LYS B 134 34.07 -2.37 24.54
CA LYS B 134 34.05 -2.74 25.97
C LYS B 134 33.18 -1.78 26.79
N LEU B 135 32.16 -1.22 26.17
CA LEU B 135 31.36 -0.18 26.78
C LEU B 135 30.22 -0.76 27.61
N LEU B 136 29.78 0.02 28.59
CA LEU B 136 28.70 -0.39 29.48
C LEU B 136 27.37 0.08 28.91
N ALA B 137 26.45 -0.86 28.69
CA ALA B 137 25.11 -0.56 28.17
C ALA B 137 24.18 -0.41 29.36
N MET B 138 23.91 0.83 29.75
CA MET B 138 23.13 1.14 30.95
C MET B 138 21.67 1.28 30.57
N THR B 139 20.90 0.21 30.80
CA THR B 139 19.47 0.19 30.48
C THR B 139 18.71 0.66 31.71
N ARG B 140 17.97 1.74 31.56
CA ARG B 140 17.22 2.28 32.68
C ARG B 140 15.77 2.55 32.30
N PRO B 141 14.84 2.45 33.25
CA PRO B 141 13.45 2.79 32.95
C PRO B 141 13.20 4.29 32.92
N THR B 142 12.65 4.79 31.82
CA THR B 142 12.17 6.15 31.72
C THR B 142 10.65 6.12 31.57
N PHE B 143 10.05 7.33 31.59
CA PHE B 143 8.61 7.53 31.50
C PHE B 143 7.86 6.79 32.62
N GLY B 144 8.45 6.78 33.82
CA GLY B 144 7.85 6.08 34.93
C GLY B 144 7.83 4.58 34.78
N GLY B 145 8.80 4.01 34.06
CA GLY B 145 8.82 2.59 33.83
C GLY B 145 8.14 2.14 32.57
N ASN B 146 7.97 3.04 31.59
CA ASN B 146 7.31 2.71 30.34
C ASN B 146 8.26 2.63 29.16
N LEU B 147 9.51 3.05 29.32
CA LEU B 147 10.53 2.88 28.31
C LEU B 147 11.83 2.46 28.99
N MET B 148 12.31 1.27 28.67
CA MET B 148 13.63 0.83 29.12
C MET B 148 14.63 1.31 28.09
N ALA B 149 15.08 2.55 28.25
CA ALA B 149 16.05 3.12 27.32
C ALA B 149 17.44 2.61 27.64
N THR B 150 18.17 2.20 26.60
CA THR B 150 19.55 1.75 26.72
C THR B 150 20.46 2.90 26.34
N ILE B 151 21.34 3.30 27.26
CA ILE B 151 22.18 4.48 27.09
C ILE B 151 23.64 4.04 27.23
N MET B 152 24.48 4.44 26.27
CA MET B 152 25.90 4.11 26.28
C MET B 152 26.73 5.40 26.30
N CYS B 153 27.75 5.41 27.16
CA CYS B 153 28.73 6.50 27.17
C CYS B 153 29.97 6.05 26.42
N PRO B 154 30.22 6.53 25.19
CA PRO B 154 31.34 6.03 24.40
C PRO B 154 32.73 6.39 24.90
N ASP B 155 33.02 7.66 25.16
CA ASP B 155 34.41 8.08 25.32
C ASP B 155 34.74 8.75 26.65
N HIS B 156 33.77 9.37 27.33
CA HIS B 156 34.07 10.05 28.58
C HIS B 156 34.27 9.04 29.70
N ARG B 157 35.18 9.36 30.62
CA ARG B 157 35.54 8.45 31.69
C ARG B 157 35.48 9.15 33.04
N PRO B 158 34.93 8.49 34.08
CA PRO B 158 34.35 7.14 34.06
C PRO B 158 32.92 7.08 33.57
N GLN B 159 32.49 5.93 33.09
CA GLN B 159 31.09 5.70 32.73
C GLN B 159 30.31 5.45 34.02
N MET B 160 29.93 6.55 34.66
CA MET B 160 29.16 6.46 35.89
C MET B 160 27.75 5.97 35.59
N ALA B 161 27.18 5.22 36.53
CA ALA B 161 25.87 4.61 36.34
C ALA B 161 25.25 4.38 37.70
N THR B 162 24.23 5.16 38.04
CA THR B 162 23.49 4.92 39.27
C THR B 162 22.50 3.79 39.04
N VAL B 163 22.54 2.78 39.89
CA VAL B 163 21.84 1.52 39.66
C VAL B 163 20.75 1.35 40.71
N ARG B 164 19.58 0.90 40.26
CA ARG B 164 18.43 0.75 41.13
C ARG B 164 18.65 -0.36 42.15
N PRO B 165 18.37 -0.14 43.43
CA PRO B 165 18.59 -1.17 44.44
C PRO B 165 17.58 -2.31 44.30
N GLY B 166 18.09 -3.51 44.06
CA GLY B 166 17.28 -4.71 44.00
C GLY B 166 17.28 -5.42 42.67
N VAL B 167 17.71 -4.76 41.60
CA VAL B 167 17.67 -5.40 40.29
C VAL B 167 18.88 -6.32 40.09
N MET B 168 19.97 -6.10 40.81
CA MET B 168 21.12 -6.99 40.74
C MET B 168 21.00 -8.06 41.82
N LYS B 169 21.90 -9.04 41.76
CA LYS B 169 21.86 -10.17 42.69
C LYS B 169 23.16 -10.25 43.47
N GLU B 170 23.04 -10.63 44.74
CA GLU B 170 24.16 -10.67 45.66
C GLU B 170 25.03 -11.90 45.41
N LEU B 171 26.32 -11.74 45.70
CA LEU B 171 27.22 -12.86 45.88
C LEU B 171 27.29 -13.23 47.34
N PRO B 172 27.43 -14.52 47.67
CA PRO B 172 27.50 -14.91 49.08
C PRO B 172 28.84 -14.50 49.67
N PRO B 173 28.89 -14.17 50.98
CA PRO B 173 30.16 -13.75 51.60
C PRO B 173 31.13 -14.91 51.74
N ASP B 174 32.23 -14.85 51.00
CA ASP B 174 33.23 -15.91 51.00
C ASP B 174 34.50 -15.41 51.68
N PRO B 175 34.89 -15.98 52.83
CA PRO B 175 36.13 -15.55 53.50
C PRO B 175 37.41 -16.07 52.88
N GLU B 176 37.33 -16.78 51.75
CA GLU B 176 38.52 -17.31 51.10
C GLU B 176 39.34 -16.19 50.46
N ARG B 177 38.68 -15.28 49.75
CA ARG B 177 39.38 -14.26 49.00
C ARG B 177 39.76 -13.08 49.89
N THR B 178 40.90 -12.48 49.59
CA THR B 178 41.37 -11.27 50.23
C THR B 178 41.74 -10.26 49.17
N GLY B 179 41.96 -9.02 49.60
CA GLY B 179 42.33 -7.95 48.71
C GLY B 179 42.98 -6.83 49.48
N GLU B 180 43.67 -5.95 48.77
CA GLU B 180 44.35 -4.83 49.42
C GLU B 180 43.30 -3.78 49.82
N ILE B 181 43.38 -3.30 51.05
CA ILE B 181 42.54 -2.20 51.49
C ILE B 181 43.39 -0.94 51.51
N ILE B 182 43.10 -0.01 50.61
CA ILE B 182 43.88 1.22 50.52
C ILE B 182 43.25 2.26 51.43
N GLU B 183 43.97 2.65 52.48
CA GLU B 183 43.54 3.74 53.34
C GLU B 183 44.18 5.04 52.87
N GLU B 184 43.35 5.98 52.47
CA GLU B 184 43.78 7.33 52.14
C GLU B 184 43.17 8.25 53.18
N GLU B 185 43.98 8.69 54.14
CA GLU B 185 43.49 9.53 55.23
C GLU B 185 43.24 10.92 54.68
N TYR B 186 41.98 11.18 54.32
CA TYR B 186 41.61 12.35 53.54
C TYR B 186 41.59 13.60 54.42
N ASP B 187 42.11 14.69 53.88
CA ASP B 187 42.13 15.98 54.55
C ASP B 187 41.24 16.93 53.77
N LEU B 188 40.52 17.78 54.50
CA LEU B 188 39.67 18.81 53.92
C LEU B 188 40.22 20.21 54.14
N GLY B 189 40.72 20.51 55.34
CA GLY B 189 41.19 21.85 55.63
C GLY B 189 40.02 22.79 55.91
N THR B 190 40.19 24.04 55.50
CA THR B 190 39.09 25.01 55.55
C THR B 190 38.05 24.62 54.51
N PHE B 191 36.85 24.26 54.96
CA PHE B 191 35.89 23.60 54.10
C PHE B 191 34.61 24.37 53.87
N ASP B 192 34.33 25.42 54.65
CA ASP B 192 33.24 26.38 54.43
C ASP B 192 31.87 25.69 54.40
N LYS B 193 31.47 25.23 55.59
CA LYS B 193 30.27 24.40 55.80
C LYS B 193 28.98 25.02 55.29
N LEU B 194 28.40 24.42 54.26
CA LEU B 194 27.13 24.86 53.71
C LEU B 194 25.98 24.04 54.29
N ILE B 195 26.03 22.73 54.14
CA ILE B 195 24.98 21.83 54.60
C ILE B 195 25.25 21.50 56.07
N GLU B 196 24.29 21.80 56.94
CA GLU B 196 24.41 21.51 58.36
C GLU B 196 23.18 20.77 58.83
N ILE B 197 23.32 19.48 59.10
CA ILE B 197 22.20 18.64 59.47
C ILE B 197 21.82 18.91 60.93
N LEU B 198 20.56 19.26 61.15
CA LEU B 198 20.07 19.50 62.51
C LEU B 198 19.53 18.23 63.15
N GLU B 199 18.49 17.64 62.56
CA GLU B 199 17.83 16.49 63.16
C GLU B 199 17.80 15.31 62.20
N THR B 200 17.08 14.26 62.58
CA THR B 200 16.83 13.13 61.69
C THR B 200 15.46 12.58 62.07
N ILE B 201 14.44 12.94 61.30
CA ILE B 201 13.06 12.56 61.57
C ILE B 201 12.84 11.15 61.02
N PRO B 202 12.15 10.27 61.74
CA PRO B 202 11.89 8.93 61.20
C PRO B 202 10.97 8.97 59.98
N LEU B 203 11.13 7.95 59.14
CA LEU B 203 10.43 7.88 57.87
C LEU B 203 8.94 7.59 58.02
N GLN B 204 8.52 7.01 59.13
CA GLN B 204 7.11 6.67 59.33
C GLN B 204 6.32 7.80 59.97
N THR B 205 6.89 9.01 60.06
CA THR B 205 6.14 10.16 60.54
C THR B 205 5.24 10.76 59.47
N GLN B 206 5.43 10.40 58.21
CA GLN B 206 4.58 10.86 57.12
C GLN B 206 4.13 9.67 56.27
N VAL B 207 3.53 9.95 55.13
CA VAL B 207 3.13 8.92 54.18
C VAL B 207 4.19 8.88 53.09
N ASN B 208 4.85 7.74 52.92
CA ASN B 208 5.92 7.64 51.94
C ASN B 208 5.38 7.23 50.58
N LEU B 209 4.90 5.99 50.47
CA LEU B 209 4.20 5.41 49.32
C LEU B 209 4.99 5.46 48.00
N GLU B 210 6.25 5.86 48.00
CA GLU B 210 7.15 5.58 46.89
C GLU B 210 8.47 4.99 47.33
N TYR B 211 8.87 5.21 48.58
CA TYR B 211 10.11 4.72 49.12
C TYR B 211 9.85 3.71 50.23
N ALA B 212 8.68 3.09 50.21
CA ALA B 212 8.30 2.00 51.08
C ALA B 212 8.60 0.67 50.40
N PRO B 213 9.26 -0.27 51.09
CA PRO B 213 9.56 -1.55 50.44
C PRO B 213 8.35 -2.47 50.30
N VAL B 214 7.29 -2.23 51.06
CA VAL B 214 6.06 -3.01 50.99
C VAL B 214 4.90 -2.03 50.98
N VAL B 215 4.03 -2.15 49.99
CA VAL B 215 2.80 -1.36 49.94
C VAL B 215 1.65 -2.35 49.96
N VAL B 216 0.91 -2.37 51.06
CA VAL B 216 -0.32 -3.14 51.15
C VAL B 216 -1.51 -2.20 50.98
N ALA B 217 -2.28 -2.41 49.93
CA ALA B 217 -3.30 -1.46 49.53
C ALA B 217 -4.63 -2.16 49.35
N GLY B 218 -5.70 -1.39 49.42
CA GLY B 218 -7.02 -1.96 49.23
C GLY B 218 -8.04 -0.91 48.89
N GLY B 219 -9.18 -1.38 48.39
CA GLY B 219 -10.31 -0.50 48.13
C GLY B 219 -11.53 -1.28 47.70
N LYS B 220 -12.68 -1.00 48.35
CA LYS B 220 -14.03 -1.49 48.06
C LYS B 220 -14.20 -2.98 48.36
N GLY B 221 -13.11 -3.70 48.59
CA GLY B 221 -13.21 -4.99 49.25
C GLY B 221 -12.84 -4.86 50.72
N VAL B 222 -12.23 -3.74 51.06
CA VAL B 222 -11.96 -3.35 52.44
C VAL B 222 -13.22 -2.64 52.94
N GLY B 223 -14.21 -3.41 53.38
CA GLY B 223 -15.49 -2.84 53.74
C GLY B 223 -15.46 -1.95 54.95
N GLY B 224 -15.54 -0.63 54.71
CA GLY B 224 -15.39 0.34 55.75
C GLY B 224 -13.93 0.59 56.09
N PRO B 225 -13.66 1.57 56.96
CA PRO B 225 -12.28 1.78 57.42
C PRO B 225 -11.86 0.83 58.53
N GLU B 226 -12.75 -0.07 58.97
CA GLU B 226 -12.37 -1.07 59.96
C GLU B 226 -11.42 -2.10 59.38
N GLY B 227 -11.53 -2.39 58.09
CA GLY B 227 -10.61 -3.32 57.46
C GLY B 227 -9.25 -2.74 57.15
N PHE B 228 -9.11 -1.41 57.17
CA PHE B 228 -7.83 -0.79 56.88
C PHE B 228 -6.92 -0.76 58.10
N LYS B 229 -7.46 -1.01 59.29
CA LYS B 229 -6.60 -1.30 60.42
C LYS B 229 -6.01 -2.69 60.30
N LYS B 230 -6.74 -3.62 59.67
CA LYS B 230 -6.18 -4.94 59.38
C LYS B 230 -5.10 -4.85 58.30
N LEU B 231 -5.20 -3.88 57.38
CA LEU B 231 -4.15 -3.69 56.40
C LEU B 231 -2.96 -2.96 57.00
N LYS B 232 -3.17 -2.14 58.03
CA LYS B 232 -2.06 -1.46 58.68
C LYS B 232 -1.33 -2.37 59.67
N GLU B 233 -1.99 -3.42 60.15
CA GLU B 233 -1.29 -4.44 60.93
C GLU B 233 -0.26 -5.17 60.08
N LEU B 234 -0.57 -5.39 58.80
CA LEU B 234 0.37 -5.98 57.87
C LEU B 234 1.37 -4.96 57.33
N ALA B 235 1.06 -3.67 57.42
CA ALA B 235 1.96 -2.65 56.89
C ALA B 235 3.15 -2.43 57.82
N ASP B 236 2.89 -2.23 59.11
CA ASP B 236 3.97 -1.96 60.04
C ASP B 236 4.72 -3.24 60.41
N LEU B 237 4.11 -4.40 60.16
CA LEU B 237 4.81 -5.67 60.32
C LEU B 237 5.93 -5.80 59.30
N LEU B 238 5.60 -5.61 58.03
CA LEU B 238 6.56 -5.71 56.95
C LEU B 238 7.40 -4.45 56.79
N GLY B 239 7.20 -3.45 57.63
CA GLY B 239 7.97 -2.23 57.57
C GLY B 239 7.62 -1.36 56.38
N GLY B 240 6.35 -1.33 56.00
CA GLY B 240 5.93 -0.62 54.80
C GLY B 240 4.70 0.23 55.04
N GLU B 241 4.31 0.92 53.97
CA GLU B 241 3.22 1.89 53.99
C GLU B 241 1.93 1.23 53.50
N VAL B 242 0.80 1.73 53.98
CA VAL B 242 -0.51 1.24 53.56
C VAL B 242 -0.98 2.14 52.42
N GLY B 243 -1.41 1.53 51.33
CA GLY B 243 -1.94 2.28 50.21
C GLY B 243 -3.45 2.19 50.12
N ALA B 244 -4.00 2.74 49.04
CA ALA B 244 -5.43 2.71 48.81
C ALA B 244 -5.72 2.78 47.32
N SER B 245 -6.99 2.62 46.99
CA SER B 245 -7.47 2.86 45.64
C SER B 245 -8.24 4.17 45.59
N ARG B 246 -8.79 4.48 44.41
CA ARG B 246 -9.74 5.57 44.34
C ARG B 246 -11.06 5.20 44.99
N ALA B 247 -11.49 3.94 44.88
CA ALA B 247 -12.74 3.50 45.48
C ALA B 247 -12.67 3.42 46.99
N ALA B 248 -11.49 3.54 47.60
CA ALA B 248 -11.33 3.68 49.03
C ALA B 248 -11.17 5.13 49.46
N VAL B 249 -10.47 5.94 48.66
CA VAL B 249 -10.30 7.35 48.98
C VAL B 249 -11.61 8.11 48.79
N LYS B 250 -12.33 7.82 47.70
CA LYS B 250 -13.59 8.49 47.42
C LYS B 250 -14.66 8.10 48.43
N ALA B 251 -14.57 6.90 49.00
CA ALA B 251 -15.45 6.51 50.09
C ALA B 251 -15.01 7.08 51.43
N GLY B 252 -13.91 7.83 51.47
CA GLY B 252 -13.47 8.50 52.69
C GLY B 252 -12.83 7.59 53.71
N TRP B 253 -12.35 6.43 53.30
CA TRP B 253 -11.79 5.49 54.27
C TRP B 253 -10.38 5.86 54.68
N ILE B 254 -9.51 6.20 53.73
CA ILE B 254 -8.19 6.71 54.10
C ILE B 254 -8.08 8.09 53.47
N SER B 255 -7.05 8.84 53.84
CA SER B 255 -6.72 10.12 53.24
C SER B 255 -6.33 9.93 51.77
N PRO B 256 -6.52 10.97 50.94
CA PRO B 256 -6.09 10.86 49.53
C PRO B 256 -4.58 10.82 49.32
N GLU B 257 -3.77 11.02 50.36
CA GLU B 257 -2.33 10.84 50.27
C GLU B 257 -1.92 9.36 50.25
N HIS B 258 -2.87 8.47 50.51
CA HIS B 258 -2.64 7.03 50.47
C HIS B 258 -3.08 6.40 49.15
N GLN B 259 -3.43 7.20 48.15
CA GLN B 259 -3.99 6.68 46.92
C GLN B 259 -2.90 6.26 45.95
N VAL B 260 -3.09 5.10 45.33
CA VAL B 260 -2.11 4.50 44.45
C VAL B 260 -2.74 4.38 43.07
N GLY B 261 -2.03 4.85 42.05
CA GLY B 261 -2.48 4.65 40.69
C GLY B 261 -2.09 5.74 39.72
N GLN B 262 -2.99 6.07 38.80
CA GLN B 262 -2.68 7.05 37.77
C GLN B 262 -2.68 8.46 38.34
N THR B 263 -3.78 8.87 38.97
CA THR B 263 -3.89 10.18 39.59
C THR B 263 -3.61 10.12 41.08
N GLY B 264 -2.89 9.10 41.52
CA GLY B 264 -2.43 9.02 42.90
C GLY B 264 -0.92 9.02 42.94
N LYS B 265 -0.34 7.99 43.55
CA LYS B 265 1.11 7.84 43.62
C LYS B 265 1.50 6.52 42.97
N THR B 266 2.53 6.57 42.14
CA THR B 266 3.06 5.38 41.50
C THR B 266 4.06 4.73 42.45
N VAL B 267 3.70 3.57 42.98
CA VAL B 267 4.54 2.89 43.94
C VAL B 267 5.60 2.07 43.20
N ARG B 268 6.75 1.91 43.84
CA ARG B 268 7.75 0.93 43.41
C ARG B 268 8.29 0.19 44.62
N PRO B 269 7.50 -0.71 45.22
CA PRO B 269 8.02 -1.53 46.31
C PRO B 269 8.64 -2.81 45.77
N VAL B 270 9.10 -3.69 46.66
CA VAL B 270 9.46 -5.04 46.23
C VAL B 270 8.33 -6.02 46.46
N LEU B 271 7.23 -5.58 47.06
CA LEU B 271 6.13 -6.48 47.41
C LEU B 271 4.87 -5.64 47.54
N TYR B 272 3.93 -5.81 46.62
CA TYR B 272 2.67 -5.07 46.62
C TYR B 272 1.53 -6.03 46.95
N PHE B 273 0.65 -5.61 47.86
CA PHE B 273 -0.51 -6.41 48.25
C PHE B 273 -1.76 -5.72 47.74
N ALA B 274 -2.30 -6.20 46.62
CA ALA B 274 -3.56 -5.69 46.07
C ALA B 274 -4.71 -6.36 46.80
N CYS B 275 -4.94 -5.91 48.03
CA CYS B 275 -5.84 -6.57 48.97
C CYS B 275 -7.26 -6.09 48.74
N GLY B 276 -7.98 -6.79 47.85
CA GLY B 276 -9.35 -6.42 47.55
C GLY B 276 -9.51 -5.41 46.45
N ILE B 277 -8.49 -5.23 45.61
CA ILE B 277 -8.53 -4.29 44.50
C ILE B 277 -8.87 -5.06 43.24
N SER B 278 -9.82 -4.55 42.45
CA SER B 278 -10.20 -5.19 41.20
C SER B 278 -9.08 -5.16 40.18
N GLY B 279 -8.24 -4.13 40.21
CA GLY B 279 -7.11 -4.09 39.32
C GLY B 279 -7.44 -3.46 37.99
N ALA B 280 -8.12 -2.32 38.02
CA ALA B 280 -8.36 -1.57 36.80
C ALA B 280 -7.06 -0.93 36.33
N ILE B 281 -7.05 -0.54 35.05
CA ILE B 281 -5.84 -0.09 34.40
C ILE B 281 -5.36 1.24 34.96
N GLN B 282 -6.28 2.05 35.49
CA GLN B 282 -5.88 3.29 36.14
C GLN B 282 -5.22 3.05 37.48
N HIS B 283 -5.48 1.91 38.12
CA HIS B 283 -4.79 1.59 39.37
C HIS B 283 -3.49 0.84 39.13
N VAL B 284 -3.49 -0.18 38.26
CA VAL B 284 -2.30 -1.00 38.04
C VAL B 284 -1.22 -0.31 37.24
N VAL B 285 -1.46 0.92 36.76
CA VAL B 285 -0.39 1.68 36.12
C VAL B 285 0.54 2.31 37.14
N GLY B 286 0.19 2.26 38.42
CA GLY B 286 1.07 2.75 39.46
C GLY B 286 1.79 1.64 40.20
N ILE B 287 1.40 0.39 39.96
CA ILE B 287 1.98 -0.75 40.66
C ILE B 287 2.81 -1.65 39.75
N LYS B 288 2.82 -1.41 38.45
CA LYS B 288 3.47 -2.32 37.51
C LYS B 288 4.99 -2.26 37.57
N GLU B 289 5.56 -1.24 38.21
CA GLU B 289 7.01 -1.16 38.39
C GLU B 289 7.49 -1.91 39.63
N SER B 290 6.60 -2.59 40.34
CA SER B 290 6.98 -3.32 41.54
C SER B 290 7.64 -4.65 41.18
N GLU B 291 7.92 -5.44 42.21
CA GLU B 291 8.55 -6.74 42.02
C GLU B 291 7.57 -7.89 42.22
N ILE B 292 6.83 -7.89 43.33
CA ILE B 292 5.85 -8.93 43.62
C ILE B 292 4.51 -8.26 43.84
N ILE B 293 3.48 -8.76 43.15
CA ILE B 293 2.11 -8.27 43.31
C ILE B 293 1.28 -9.43 43.84
N VAL B 294 0.76 -9.27 45.05
CA VAL B 294 -0.13 -10.26 45.65
C VAL B 294 -1.54 -9.72 45.58
N ALA B 295 -2.47 -10.54 45.07
CA ALA B 295 -3.85 -10.12 44.88
C ALA B 295 -4.77 -11.02 45.70
N ILE B 296 -5.51 -10.41 46.62
CA ILE B 296 -6.45 -11.12 47.48
C ILE B 296 -7.82 -10.48 47.26
N ASN B 297 -8.65 -11.08 46.41
CA ASN B 297 -10.03 -10.63 46.30
C ASN B 297 -10.93 -11.80 45.94
N ILE B 298 -12.22 -11.64 46.25
CA ILE B 298 -13.17 -12.75 46.18
C ILE B 298 -13.62 -13.10 44.77
N ASP B 299 -13.26 -12.32 43.77
CA ASP B 299 -13.69 -12.56 42.40
C ASP B 299 -12.53 -13.17 41.62
N GLU B 300 -12.71 -14.41 41.16
CA GLU B 300 -11.66 -15.07 40.40
C GLU B 300 -11.50 -14.52 38.99
N LYS B 301 -12.55 -13.91 38.44
CA LYS B 301 -12.48 -13.31 37.11
C LYS B 301 -12.17 -11.82 37.19
N ALA B 302 -11.10 -11.48 37.91
CA ALA B 302 -10.73 -10.10 38.13
C ALA B 302 -9.49 -9.74 37.31
N PRO B 303 -9.39 -8.49 36.83
CA PRO B 303 -8.22 -8.10 36.03
C PRO B 303 -6.95 -7.85 36.85
N ILE B 304 -6.98 -8.01 38.17
CA ILE B 304 -5.75 -7.92 38.94
C ILE B 304 -4.93 -9.20 38.80
N PHE B 305 -5.59 -10.32 38.52
CA PHE B 305 -4.92 -11.61 38.36
C PHE B 305 -4.13 -11.72 37.08
N ASP B 306 -4.33 -10.81 36.12
CA ASP B 306 -3.52 -10.76 34.92
C ASP B 306 -2.21 -10.00 35.15
N ILE B 307 -2.06 -9.34 36.29
CA ILE B 307 -0.80 -8.70 36.65
C ILE B 307 -0.21 -9.25 37.93
N ALA B 308 -0.97 -10.02 38.70
CA ALA B 308 -0.49 -10.49 39.99
C ALA B 308 0.51 -11.63 39.83
N ASP B 309 1.45 -11.70 40.77
CA ASP B 309 2.36 -12.83 40.85
C ASP B 309 1.86 -13.92 41.78
N ILE B 310 1.11 -13.55 42.81
CA ILE B 310 0.52 -14.49 43.76
C ILE B 310 -0.96 -14.14 43.85
N GLY B 311 -1.83 -15.08 43.50
CA GLY B 311 -3.24 -14.78 43.47
C GLY B 311 -4.08 -15.63 44.41
N ILE B 312 -4.79 -14.98 45.31
CA ILE B 312 -5.67 -15.66 46.27
C ILE B 312 -7.10 -15.21 46.00
N VAL B 313 -8.00 -16.18 45.83
CA VAL B 313 -9.42 -15.92 45.73
C VAL B 313 -10.02 -16.21 47.11
N GLY B 314 -10.40 -15.17 47.83
CA GLY B 314 -10.96 -15.36 49.16
C GLY B 314 -11.25 -14.02 49.79
N ASP B 315 -11.88 -14.09 50.96
CA ASP B 315 -12.26 -12.90 51.72
C ASP B 315 -11.02 -12.17 52.22
N LEU B 316 -11.20 -10.90 52.56
CA LEU B 316 -10.07 -10.08 53.00
C LEU B 316 -9.96 -9.98 54.50
N HIS B 317 -11.09 -9.95 55.21
CA HIS B 317 -11.09 -9.92 56.66
C HIS B 317 -10.85 -11.30 57.26
N LYS B 318 -10.75 -12.34 56.44
CA LYS B 318 -10.47 -13.68 56.90
C LYS B 318 -9.14 -14.23 56.38
N VAL B 319 -8.38 -13.43 55.63
CA VAL B 319 -7.08 -13.84 55.10
C VAL B 319 -5.97 -12.91 55.57
N VAL B 320 -6.16 -11.60 55.41
CA VAL B 320 -5.16 -10.60 55.80
C VAL B 320 -4.96 -10.54 57.32
N PRO B 321 -6.00 -10.55 58.19
CA PRO B 321 -5.68 -10.74 59.62
C PRO B 321 -5.21 -12.14 59.94
N ALA B 322 -5.55 -13.13 59.11
CA ALA B 322 -5.05 -14.48 59.25
C ALA B 322 -3.68 -14.67 58.62
N LEU B 323 -3.15 -13.67 57.92
CA LEU B 323 -1.78 -13.68 57.42
C LEU B 323 -0.83 -12.92 58.34
N THR B 324 -1.29 -11.81 58.92
CA THR B 324 -0.46 -11.09 59.88
C THR B 324 -0.43 -11.80 61.23
N ALA B 325 -1.38 -12.72 61.47
CA ALA B 325 -1.31 -13.54 62.67
C ALA B 325 -0.20 -14.57 62.53
N LYS B 326 -0.10 -15.19 61.35
CA LYS B 326 0.93 -16.18 61.11
C LYS B 326 2.30 -15.52 60.95
N LEU B 327 2.31 -14.28 60.47
CA LEU B 327 3.59 -13.60 60.26
C LEU B 327 4.18 -13.08 61.56
N ARG B 328 3.36 -12.92 62.61
CA ARG B 328 3.90 -12.52 63.90
C ARG B 328 4.60 -13.69 64.59
N GLU B 329 4.05 -14.90 64.44
CA GLU B 329 4.64 -16.05 65.12
C GLU B 329 5.89 -16.55 64.40
N LEU B 330 6.12 -16.09 63.17
CA LEU B 330 7.34 -16.48 62.47
C LEU B 330 8.41 -15.41 62.57
N LEU B 331 8.01 -14.15 62.78
CA LEU B 331 8.95 -13.06 63.00
C LEU B 331 9.51 -13.03 64.41
N ASN B 332 8.88 -13.72 65.36
CA ASN B 332 9.38 -13.73 66.73
C ASN B 332 10.21 -14.97 67.03
N LYS B 333 10.05 -16.04 66.24
CA LYS B 333 10.83 -17.26 66.44
C LYS B 333 12.30 -17.08 66.06
N SER B 334 12.62 -16.07 65.25
CA SER B 334 13.99 -15.76 64.88
C SER B 334 14.39 -14.36 65.32
N GLY B 335 13.63 -13.77 66.24
CA GLY B 335 13.97 -12.47 66.79
C GLY B 335 14.93 -12.59 67.96
N VAL B 336 14.57 -13.39 68.96
CA VAL B 336 15.41 -13.58 70.13
C VAL B 336 16.61 -14.46 69.80
N MET C 1 -7.57 45.98 40.90
CA MET C 1 -7.56 46.23 39.46
C MET C 1 -8.74 45.53 38.79
N LYS C 2 -9.39 46.24 37.88
CA LYS C 2 -10.52 45.68 37.15
C LYS C 2 -10.06 45.20 35.78
N ILE C 3 -10.42 43.96 35.45
CA ILE C 3 -10.16 43.40 34.13
C ILE C 3 -11.29 43.88 33.22
N GLU C 4 -11.01 44.91 32.42
CA GLU C 4 -12.01 45.53 31.57
C GLU C 4 -11.88 45.01 30.16
N PHE C 5 -13.01 44.67 29.55
CA PHE C 5 -13.06 44.25 28.16
C PHE C 5 -14.29 44.86 27.51
N ASP C 6 -14.38 44.69 26.19
CA ASP C 6 -15.55 45.17 25.46
C ASP C 6 -16.62 44.09 25.42
N VAL C 7 -16.29 42.93 24.85
CA VAL C 7 -17.17 41.78 24.82
C VAL C 7 -16.43 40.63 25.49
N VAL C 8 -17.14 39.82 26.28
CA VAL C 8 -16.62 38.56 26.78
C VAL C 8 -17.41 37.46 26.12
N VAL C 9 -16.73 36.62 25.37
CA VAL C 9 -17.35 35.49 24.69
C VAL C 9 -17.08 34.26 25.53
N VAL C 10 -18.10 33.76 26.22
CA VAL C 10 -17.95 32.54 26.99
C VAL C 10 -17.93 31.35 26.04
N GLY C 11 -16.83 30.62 26.04
CA GLY C 11 -16.75 29.47 25.18
C GLY C 11 -15.88 29.73 23.97
N ALA C 12 -15.05 28.76 23.64
CA ALA C 12 -14.15 28.86 22.51
C ALA C 12 -14.38 27.70 21.55
N GLY C 13 -15.63 27.43 21.22
CA GLY C 13 -15.96 26.48 20.20
C GLY C 13 -16.02 27.16 18.85
N PRO C 14 -16.81 26.61 17.93
CA PRO C 14 -17.00 27.28 16.64
C PRO C 14 -17.75 28.60 16.74
N SER C 15 -18.80 28.68 17.54
CA SER C 15 -19.55 29.93 17.63
C SER C 15 -18.84 30.93 18.53
N GLY C 16 -18.06 30.45 19.49
CA GLY C 16 -17.34 31.36 20.35
C GLY C 16 -16.19 32.04 19.65
N LEU C 17 -15.47 31.30 18.80
CA LEU C 17 -14.30 31.88 18.15
C LEU C 17 -14.67 32.64 16.89
N SER C 18 -15.78 32.27 16.24
CA SER C 18 -16.22 33.04 15.08
C SER C 18 -16.85 34.36 15.50
N CYS C 19 -17.49 34.38 16.67
CA CYS C 19 -17.96 35.65 17.22
C CYS C 19 -16.78 36.51 17.62
N ALA C 20 -15.75 35.91 18.21
CA ALA C 20 -14.58 36.66 18.61
C ALA C 20 -13.69 37.04 17.44
N TYR C 21 -13.82 36.39 16.30
CA TYR C 21 -12.99 36.75 15.16
C TYR C 21 -13.46 38.04 14.53
N VAL C 22 -14.77 38.23 14.40
CA VAL C 22 -15.28 39.42 13.75
C VAL C 22 -15.15 40.63 14.67
N LEU C 23 -15.27 40.43 15.98
CA LEU C 23 -15.06 41.54 16.90
C LEU C 23 -13.60 41.94 16.97
N ALA C 24 -12.69 40.97 16.92
CA ALA C 24 -11.27 41.32 17.00
C ALA C 24 -10.73 41.84 15.68
N LYS C 25 -11.32 41.46 14.55
CA LYS C 25 -10.91 42.04 13.29
C LYS C 25 -11.43 43.46 13.13
N ASN C 26 -12.52 43.81 13.81
CA ASN C 26 -13.09 45.14 13.75
C ASN C 26 -12.64 46.01 14.93
N GLY C 27 -11.58 45.61 15.63
CA GLY C 27 -10.98 46.43 16.65
C GLY C 27 -11.78 46.55 17.93
N LEU C 28 -12.16 45.43 18.51
CA LEU C 28 -12.82 45.41 19.82
C LEU C 28 -11.99 44.60 20.80
N LYS C 29 -11.90 45.08 22.04
CA LYS C 29 -11.17 44.38 23.09
C LYS C 29 -12.07 43.25 23.58
N VAL C 30 -12.00 42.13 22.87
CA VAL C 30 -12.85 40.97 23.11
C VAL C 30 -12.04 39.88 23.78
N ALA C 31 -12.59 39.31 24.86
CA ALA C 31 -11.96 38.22 25.58
C ALA C 31 -12.78 36.95 25.42
N VAL C 32 -12.11 35.82 25.25
CA VAL C 32 -12.76 34.53 25.14
C VAL C 32 -12.39 33.72 26.38
N VAL C 33 -13.40 33.19 27.06
CA VAL C 33 -13.20 32.43 28.28
C VAL C 33 -13.60 30.99 27.99
N GLU C 34 -12.61 30.10 28.02
CA GLU C 34 -12.82 28.69 27.74
C GLU C 34 -12.43 27.87 28.97
N LYS C 35 -13.26 26.90 29.32
CA LYS C 35 -13.04 26.10 30.52
C LYS C 35 -12.10 24.93 30.30
N GLY C 36 -11.60 24.72 29.08
CA GLY C 36 -10.65 23.68 28.82
C GLY C 36 -9.22 24.18 28.89
N GLU C 37 -8.29 23.24 28.79
CA GLU C 37 -6.87 23.58 28.80
C GLU C 37 -6.49 24.39 27.57
N TYR C 38 -7.02 24.00 26.42
CA TYR C 38 -6.86 24.71 25.16
C TYR C 38 -8.24 24.75 24.53
N PRO C 39 -8.48 25.66 23.58
CA PRO C 39 -9.74 25.59 22.83
C PRO C 39 -9.80 24.36 21.95
N GLY C 40 -10.86 23.58 22.12
CA GLY C 40 -11.00 22.29 21.47
C GLY C 40 -10.84 21.13 22.42
N SER C 41 -10.47 21.39 23.66
CA SER C 41 -10.25 20.35 24.65
C SER C 41 -11.53 19.74 25.18
N LYS C 42 -12.65 20.44 25.06
CA LYS C 42 -13.94 19.92 25.51
C LYS C 42 -14.92 19.75 24.35
N ASN C 43 -14.47 19.96 23.13
CA ASN C 43 -15.33 19.96 21.96
C ASN C 43 -15.33 18.59 21.31
N VAL C 44 -16.52 18.06 21.06
CA VAL C 44 -16.70 16.80 20.36
C VAL C 44 -17.44 17.08 19.07
N MET C 45 -16.87 16.63 17.96
CA MET C 45 -17.53 16.65 16.67
C MET C 45 -16.89 15.56 15.84
N GLY C 46 -17.74 14.83 15.11
CA GLY C 46 -17.24 13.79 14.22
C GLY C 46 -16.33 14.34 13.16
N GLY C 47 -16.67 15.48 12.60
CA GLY C 47 -15.67 16.19 11.85
C GLY C 47 -16.05 17.00 10.64
N VAL C 48 -17.20 16.78 10.04
CA VAL C 48 -17.48 17.40 8.75
C VAL C 48 -17.79 18.88 8.98
N LEU C 49 -16.80 19.71 8.71
CA LEU C 49 -16.90 21.15 8.89
C LEU C 49 -16.90 21.82 7.53
N TYR C 50 -17.93 22.61 7.27
CA TYR C 50 -18.18 23.18 5.97
C TYR C 50 -17.46 24.51 5.83
N VAL C 51 -16.83 24.73 4.67
CA VAL C 51 -15.90 25.85 4.54
C VAL C 51 -16.59 27.14 4.17
N HIS C 52 -17.87 27.12 3.84
CA HIS C 52 -18.52 28.37 3.47
C HIS C 52 -18.83 29.28 4.68
N PRO C 53 -19.30 28.79 5.85
CA PRO C 53 -19.43 29.72 6.97
C PRO C 53 -18.11 30.25 7.50
N LEU C 54 -17.00 29.59 7.21
CA LEU C 54 -15.69 30.11 7.59
C LEU C 54 -15.07 31.00 6.53
N LYS C 55 -15.47 30.86 5.27
CA LYS C 55 -15.04 31.83 4.26
C LYS C 55 -15.80 33.13 4.33
N GLU C 56 -16.90 33.18 5.11
CA GLU C 56 -17.51 34.46 5.46
C GLU C 56 -16.79 35.09 6.65
N ILE C 57 -16.33 34.27 7.59
CA ILE C 57 -15.51 34.76 8.69
C ILE C 57 -14.13 35.17 8.19
N MET C 58 -13.39 34.20 7.65
CA MET C 58 -12.05 34.42 7.12
C MET C 58 -12.08 34.19 5.63
N PRO C 59 -11.99 35.22 4.79
CA PRO C 59 -12.00 34.99 3.34
C PRO C 59 -10.76 34.28 2.81
N ASP C 60 -9.70 34.18 3.61
CA ASP C 60 -8.49 33.48 3.25
C ASP C 60 -8.30 32.26 4.15
N PHE C 61 -9.39 31.53 4.38
CA PHE C 61 -9.38 30.43 5.34
C PHE C 61 -8.65 29.21 4.82
N LEU C 62 -8.83 28.85 3.55
CA LEU C 62 -8.23 27.65 3.01
C LEU C 62 -6.74 27.79 2.76
N GLU C 63 -6.22 29.01 2.69
CA GLU C 63 -4.79 29.22 2.59
C GLU C 63 -4.12 29.14 3.96
N LYS C 64 -4.78 29.64 5.00
CA LYS C 64 -4.23 29.60 6.35
C LYS C 64 -4.27 28.21 6.96
N ALA C 65 -5.29 27.43 6.66
CA ALA C 65 -5.47 26.11 7.26
C ALA C 65 -4.87 25.00 6.42
N ALA C 66 -4.25 25.31 5.28
CA ALA C 66 -3.65 24.27 4.46
C ALA C 66 -2.33 23.79 5.04
N ASN C 67 -1.51 24.72 5.53
CA ASN C 67 -0.22 24.34 6.10
C ASN C 67 -0.37 23.71 7.48
N SER C 68 -1.46 24.00 8.18
CA SER C 68 -1.62 23.58 9.56
C SER C 68 -2.18 22.16 9.62
N LYS C 69 -2.57 21.73 10.81
CA LYS C 69 -3.26 20.46 11.01
C LYS C 69 -4.68 20.67 11.48
N ALA C 70 -5.26 21.85 11.20
CA ALA C 70 -6.64 22.12 11.54
C ALA C 70 -7.58 21.26 10.73
N LEU C 71 -7.55 21.44 9.42
CA LEU C 71 -8.35 20.66 8.50
C LEU C 71 -7.72 19.30 8.27
N GLU C 72 -8.51 18.39 7.71
CA GLU C 72 -8.09 17.00 7.64
C GLU C 72 -8.92 16.30 6.58
N ARG C 73 -8.32 15.94 5.45
CA ARG C 73 -8.98 15.13 4.42
C ARG C 73 -10.25 15.77 3.84
N ASN C 74 -10.08 16.76 2.97
CA ASN C 74 -11.12 17.40 2.17
C ASN C 74 -12.18 16.41 1.67
N VAL C 75 -13.42 16.67 2.03
CA VAL C 75 -14.50 15.73 1.77
C VAL C 75 -14.92 15.87 0.31
N ILE C 76 -14.66 14.84 -0.48
CA ILE C 76 -15.07 14.81 -1.87
C ILE C 76 -16.18 13.82 -2.11
N GLU C 77 -16.42 12.88 -1.20
CA GLU C 77 -17.47 11.89 -1.33
C GLU C 77 -18.28 11.86 -0.04
N GLN C 78 -19.59 11.90 -0.16
CA GLN C 78 -20.48 11.77 1.00
C GLN C 78 -21.39 10.59 0.78
N ASN C 79 -21.21 9.54 1.58
CA ASN C 79 -21.97 8.32 1.45
C ASN C 79 -23.07 8.26 2.50
N LEU C 80 -24.10 7.49 2.19
CA LEU C 80 -25.12 7.09 3.17
C LEU C 80 -25.25 5.59 3.07
N TRP C 81 -25.04 4.90 4.17
CA TRP C 81 -24.99 3.45 4.18
C TRP C 81 -26.16 2.91 4.98
N LEU C 82 -26.89 1.97 4.39
CA LEU C 82 -28.01 1.30 5.02
C LEU C 82 -27.52 -0.08 5.42
N LEU C 83 -27.09 -0.23 6.66
CA LEU C 83 -26.53 -1.49 7.11
C LEU C 83 -27.63 -2.51 7.32
N GLY C 84 -27.44 -3.71 6.78
CA GLY C 84 -28.34 -4.82 6.99
C GLY C 84 -27.80 -5.79 8.00
N ASN C 85 -28.36 -7.00 7.98
CA ASN C 85 -27.86 -8.06 8.84
C ASN C 85 -26.45 -8.48 8.41
N GLU C 86 -26.23 -8.57 7.10
CA GLU C 86 -24.92 -8.84 6.55
C GLU C 86 -24.53 -7.93 5.40
N GLY C 87 -25.47 -7.19 4.81
CA GLY C 87 -25.18 -6.34 3.68
C GLY C 87 -25.20 -4.86 4.03
N VAL C 88 -24.97 -4.06 3.00
CA VAL C 88 -25.00 -2.60 3.11
C VAL C 88 -25.44 -2.05 1.77
N ILE C 89 -26.30 -1.03 1.79
CA ILE C 89 -26.69 -0.31 0.58
C ILE C 89 -25.95 1.01 0.62
N LYS C 90 -24.83 1.10 -0.07
CA LYS C 90 -24.08 2.34 -0.15
C LYS C 90 -24.73 3.25 -1.18
N ILE C 91 -25.11 4.45 -0.77
CA ILE C 91 -25.61 5.48 -1.68
C ILE C 91 -24.68 6.67 -1.51
N GLY C 92 -23.63 6.72 -2.33
CA GLY C 92 -22.65 7.77 -2.22
C GLY C 92 -22.87 8.86 -3.26
N HIS C 93 -22.05 9.89 -3.16
CA HIS C 93 -21.96 10.91 -4.20
C HIS C 93 -20.56 11.51 -4.12
N ARG C 94 -19.69 11.10 -5.03
CA ARG C 94 -18.38 11.68 -5.13
C ARG C 94 -18.38 12.76 -6.19
N ASN C 95 -17.89 13.94 -5.84
CA ASN C 95 -17.81 15.07 -6.75
C ASN C 95 -16.36 15.52 -6.83
N VAL C 96 -15.88 15.77 -8.05
CA VAL C 96 -14.47 16.12 -8.23
C VAL C 96 -14.23 17.62 -8.30
N GLU C 97 -15.29 18.44 -8.30
CA GLU C 97 -15.07 19.87 -8.17
C GLU C 97 -14.89 20.26 -6.71
N TRP C 98 -15.15 19.35 -5.78
CA TRP C 98 -14.84 19.53 -4.39
C TRP C 98 -13.36 19.32 -4.08
N LYS C 99 -12.56 18.90 -5.07
CA LYS C 99 -11.13 18.78 -4.88
C LYS C 99 -10.42 20.12 -5.02
N GLU C 100 -10.98 21.04 -5.79
CA GLU C 100 -10.38 22.35 -5.98
C GLU C 100 -11.21 23.49 -5.42
N ASN C 101 -12.54 23.33 -5.36
CA ASN C 101 -13.42 24.22 -4.61
C ASN C 101 -14.07 23.39 -3.52
N PRO C 102 -13.46 23.29 -2.33
CA PRO C 102 -13.95 22.35 -1.32
C PRO C 102 -15.28 22.75 -0.74
N ASN C 103 -16.06 21.74 -0.36
CA ASN C 103 -17.33 21.94 0.31
C ASN C 103 -17.22 21.77 1.81
N ALA C 104 -16.41 20.83 2.24
CA ALA C 104 -16.31 20.45 3.64
C ALA C 104 -15.00 19.74 3.86
N PHE C 105 -14.47 19.87 5.06
CA PHE C 105 -13.35 19.09 5.51
C PHE C 105 -13.78 18.28 6.72
N THR C 106 -13.17 17.11 6.88
CA THR C 106 -13.28 16.42 8.15
C THR C 106 -12.33 17.14 9.11
N VAL C 107 -12.73 17.26 10.37
CA VAL C 107 -11.84 17.88 11.35
C VAL C 107 -11.77 16.99 12.58
N LEU C 108 -10.76 17.27 13.40
CA LEU C 108 -10.72 16.82 14.78
C LEU C 108 -10.69 18.12 15.56
N ARG C 109 -11.68 18.32 16.43
CA ARG C 109 -11.97 19.64 16.95
C ARG C 109 -10.93 20.16 17.93
N ALA C 110 -10.12 19.28 18.51
CA ALA C 110 -9.02 19.77 19.31
C ALA C 110 -7.90 20.29 18.42
N ASN C 111 -7.82 19.78 17.20
CA ASN C 111 -6.83 20.31 16.25
C ASN C 111 -7.36 21.53 15.52
N PHE C 112 -8.67 21.58 15.28
CA PHE C 112 -9.24 22.71 14.57
C PHE C 112 -9.37 23.92 15.47
N ASP C 113 -9.99 23.74 16.64
CA ASP C 113 -10.26 24.88 17.51
C ASP C 113 -9.00 25.40 18.19
N ARG C 114 -7.94 24.61 18.22
CA ARG C 114 -6.67 25.14 18.70
C ARG C 114 -6.00 25.99 17.62
N TRP C 115 -6.17 25.61 16.36
CA TRP C 115 -5.71 26.47 15.27
C TRP C 115 -6.61 27.69 15.12
N PHE C 116 -7.92 27.49 15.25
CA PHE C 116 -8.86 28.59 15.13
C PHE C 116 -8.69 29.58 16.27
N ALA C 117 -8.25 29.12 17.44
CA ALA C 117 -7.90 30.04 18.51
C ALA C 117 -6.68 30.85 18.17
N GLN C 118 -5.73 30.28 17.43
CA GLN C 118 -4.52 31.01 17.08
C GLN C 118 -4.80 32.12 16.08
N GLU C 119 -5.79 31.93 15.20
CA GLU C 119 -6.18 33.00 14.29
C GLU C 119 -6.98 34.08 15.01
N VAL C 120 -7.80 33.69 15.99
CA VAL C 120 -8.51 34.67 16.80
C VAL C 120 -7.54 35.44 17.70
N GLU C 121 -6.48 34.76 18.17
CA GLU C 121 -5.44 35.44 18.94
C GLU C 121 -4.64 36.40 18.06
N LYS C 122 -4.37 36.03 16.81
CA LYS C 122 -3.69 36.93 15.89
C LYS C 122 -4.60 38.08 15.46
N ALA C 123 -5.91 37.87 15.50
CA ALA C 123 -6.84 38.95 15.18
C ALA C 123 -6.87 40.01 16.26
N GLY C 124 -6.51 39.67 17.49
CA GLY C 124 -6.41 40.67 18.54
C GLY C 124 -7.26 40.37 19.76
N ALA C 125 -7.83 39.19 19.83
CA ALA C 125 -8.64 38.79 20.97
C ALA C 125 -7.80 38.05 21.98
N LEU C 126 -8.11 38.28 23.25
CA LEU C 126 -7.40 37.60 24.34
C LEU C 126 -8.19 36.36 24.72
N ILE C 127 -7.70 35.20 24.31
CA ILE C 127 -8.37 33.94 24.63
C ILE C 127 -7.84 33.46 25.97
N ILE C 128 -8.74 33.24 26.92
CA ILE C 128 -8.39 32.88 28.28
C ILE C 128 -8.85 31.45 28.53
N PRO C 129 -8.00 30.46 28.33
CA PRO C 129 -8.38 29.07 28.60
C PRO C 129 -8.26 28.81 30.09
N LYS C 130 -8.54 27.55 30.46
CA LYS C 130 -8.43 27.04 31.83
C LYS C 130 -9.29 27.82 32.81
N THR C 131 -10.43 28.34 32.35
CA THR C 131 -11.23 29.29 33.11
C THR C 131 -12.71 29.01 32.85
N LYS C 132 -13.44 28.57 33.86
CA LYS C 132 -14.86 28.30 33.73
C LYS C 132 -15.65 29.47 34.28
N VAL C 133 -16.60 29.95 33.49
CA VAL C 133 -17.52 31.01 33.93
C VAL C 133 -18.59 30.40 34.81
N GLU C 134 -18.76 30.93 36.01
CA GLU C 134 -19.75 30.43 36.94
C GLU C 134 -21.05 31.21 36.90
N ASP C 135 -20.98 32.53 36.82
CA ASP C 135 -22.17 33.38 36.80
C ASP C 135 -21.77 34.69 36.12
N PHE C 136 -22.65 35.67 36.17
CA PHE C 136 -22.40 36.98 35.60
C PHE C 136 -22.38 38.03 36.70
N LEU C 137 -21.39 38.93 36.64
CA LEU C 137 -21.40 40.06 37.54
C LEU C 137 -22.37 41.10 36.99
N ARG C 138 -23.27 41.56 37.83
CA ARG C 138 -24.35 42.44 37.42
C ARG C 138 -24.19 43.81 38.06
N ASN C 139 -24.60 44.83 37.31
CA ASN C 139 -24.74 46.16 37.86
C ASN C 139 -26.07 46.27 38.60
N GLU C 140 -26.32 47.43 39.22
CA GLU C 140 -27.55 47.62 39.99
C GLU C 140 -28.77 47.86 39.12
N LYS C 141 -28.62 47.93 37.80
CA LYS C 141 -29.76 47.85 36.90
C LYS C 141 -30.28 46.43 36.74
N GLY C 142 -29.53 45.42 37.20
CA GLY C 142 -29.97 44.05 37.14
C GLY C 142 -29.65 43.33 35.86
N GLU C 143 -28.79 43.88 35.00
CA GLU C 143 -28.43 43.28 33.74
C GLU C 143 -27.01 42.73 33.80
N ILE C 144 -26.67 41.89 32.83
CA ILE C 144 -25.37 41.24 32.77
C ILE C 144 -24.32 42.28 32.41
N ALA C 145 -23.43 42.57 33.35
CA ALA C 145 -22.38 43.57 33.15
C ALA C 145 -20.99 42.94 33.09
N GLY C 146 -20.92 41.63 32.96
CA GLY C 146 -19.62 40.98 32.88
C GLY C 146 -19.73 39.51 33.23
N VAL C 147 -18.63 38.98 33.76
CA VAL C 147 -18.42 37.54 33.93
C VAL C 147 -17.62 37.31 35.21
N VAL C 148 -18.14 36.43 36.08
CA VAL C 148 -17.36 35.92 37.21
C VAL C 148 -16.94 34.50 36.87
N THR C 149 -15.75 34.13 37.32
CA THR C 149 -15.14 32.86 36.95
C THR C 149 -14.85 32.04 38.21
N SER C 150 -14.34 30.83 37.99
CA SER C 150 -13.91 29.99 39.09
C SER C 150 -12.55 30.39 39.63
N ARG C 151 -11.84 31.29 38.97
CA ARG C 151 -10.55 31.76 39.42
C ARG C 151 -10.71 32.62 40.67
N PRO C 152 -9.64 32.73 41.50
CA PRO C 152 -9.73 33.51 42.75
C PRO C 152 -10.09 34.99 42.59
N LYS C 153 -9.30 35.75 41.82
CA LYS C 153 -9.60 37.16 41.59
C LYS C 153 -10.30 37.36 40.26
N GLY C 154 -11.15 36.42 39.89
CA GLY C 154 -11.72 36.39 38.56
C GLY C 154 -13.05 37.09 38.41
N GLU C 155 -13.02 38.30 37.86
CA GLU C 155 -14.23 39.08 37.61
C GLU C 155 -13.94 39.94 36.38
N ILE C 156 -14.38 39.47 35.22
CA ILE C 156 -14.13 40.18 33.98
C ILE C 156 -15.29 41.11 33.68
N HIS C 157 -15.00 42.38 33.44
CA HIS C 157 -16.01 43.39 33.16
C HIS C 157 -16.11 43.59 31.66
N SER C 158 -17.33 43.64 31.15
CA SER C 158 -17.53 43.80 29.72
C SER C 158 -18.87 44.46 29.47
N LYS C 159 -18.95 45.17 28.34
CA LYS C 159 -20.20 45.81 27.95
C LYS C 159 -21.22 44.83 27.38
N ALA C 160 -20.77 43.64 26.98
CA ALA C 160 -21.67 42.60 26.49
C ALA C 160 -21.03 41.24 26.76
N VAL C 161 -21.87 40.22 26.85
CA VAL C 161 -21.42 38.87 27.14
C VAL C 161 -22.09 37.93 26.14
N VAL C 162 -21.29 37.19 25.40
CA VAL C 162 -21.79 36.25 24.40
C VAL C 162 -21.74 34.85 25.00
N ILE C 163 -22.92 34.24 25.20
CA ILE C 163 -22.99 32.91 25.82
C ILE C 163 -22.92 31.91 24.68
N ALA C 164 -21.71 31.68 24.19
CA ALA C 164 -21.48 30.65 23.17
C ALA C 164 -20.92 29.37 23.78
N GLU C 165 -21.60 28.82 24.77
CA GLU C 165 -21.06 27.72 25.56
C GLU C 165 -21.65 26.37 25.19
N GLY C 166 -22.35 26.29 24.07
CA GLY C 166 -22.80 25.01 23.59
C GLY C 166 -23.98 24.45 24.37
N VAL C 167 -24.21 23.16 24.16
CA VAL C 167 -25.24 22.39 24.83
C VAL C 167 -24.84 22.26 26.30
N ASN C 168 -25.75 21.75 27.16
CA ASN C 168 -25.76 21.89 28.62
C ASN C 168 -25.86 23.36 28.94
N PRO C 169 -27.06 23.95 28.83
CA PRO C 169 -27.24 25.39 28.95
C PRO C 169 -27.22 25.86 30.39
N ILE C 170 -26.11 25.60 31.08
CA ILE C 170 -25.99 25.96 32.48
C ILE C 170 -25.86 27.45 32.63
N LEU C 171 -25.02 28.07 31.81
CA LEU C 171 -24.81 29.50 31.88
C LEU C 171 -25.91 30.28 31.19
N THR C 172 -26.68 29.64 30.31
CA THR C 172 -27.81 30.32 29.70
C THR C 172 -28.94 30.49 30.70
N MET C 173 -29.14 29.52 31.58
CA MET C 173 -30.16 29.62 32.62
C MET C 173 -29.82 30.66 33.68
N LYS C 174 -28.53 30.96 33.89
CA LYS C 174 -28.17 32.02 34.83
C LYS C 174 -28.48 33.40 34.29
N ALA C 175 -28.57 33.55 32.97
CA ALA C 175 -28.85 34.84 32.36
C ALA C 175 -30.33 35.13 32.22
N GLY C 176 -31.20 34.24 32.72
CA GLY C 176 -32.63 34.42 32.61
C GLY C 176 -33.26 33.74 31.42
N LEU C 177 -32.50 33.56 30.34
CA LEU C 177 -32.91 32.77 29.20
C LEU C 177 -32.94 31.29 29.60
N ARG C 178 -33.55 30.46 28.76
CA ARG C 178 -33.77 29.03 29.03
C ARG C 178 -34.51 28.84 30.36
N LYS C 179 -35.80 29.20 30.36
CA LYS C 179 -36.61 29.17 31.58
C LYS C 179 -36.68 27.79 32.22
N GLU C 180 -36.49 26.72 31.46
CA GLU C 180 -36.29 25.39 32.02
C GLU C 180 -35.00 24.79 31.51
N ASP C 181 -34.65 23.63 32.03
CA ASP C 181 -33.49 22.87 31.56
C ASP C 181 -33.85 22.13 30.28
N LEU C 182 -32.87 21.44 29.70
CA LEU C 182 -33.15 20.58 28.56
C LEU C 182 -33.88 19.33 29.03
N LYS C 183 -34.94 19.02 28.36
CA LYS C 183 -35.62 17.75 28.57
C LYS C 183 -34.97 16.69 27.69
N PRO C 184 -35.07 15.40 28.02
CA PRO C 184 -34.35 14.41 27.20
C PRO C 184 -35.03 14.04 25.89
N HIS C 185 -35.60 15.02 25.21
CA HIS C 185 -36.05 14.87 23.83
C HIS C 185 -35.53 16.01 22.97
N MET C 186 -34.95 17.04 23.57
CA MET C 186 -34.27 18.10 22.85
C MET C 186 -32.82 17.76 22.56
N VAL C 187 -32.29 16.67 23.11
CA VAL C 187 -30.89 16.31 22.95
C VAL C 187 -30.74 14.88 22.51
N ALA C 188 -29.58 14.60 21.93
CA ALA C 188 -29.21 13.26 21.48
C ALA C 188 -27.84 12.91 22.03
N VAL C 189 -27.74 11.75 22.68
CA VAL C 189 -26.46 11.27 23.17
C VAL C 189 -25.63 10.79 22.00
N ALA C 190 -24.49 11.41 21.80
CA ALA C 190 -23.62 11.08 20.67
C ALA C 190 -22.29 10.58 21.21
N VAL C 191 -22.01 9.32 20.96
CA VAL C 191 -20.82 8.64 21.44
C VAL C 191 -19.90 8.39 20.26
N LYS C 192 -18.66 8.83 20.35
CA LYS C 192 -17.73 8.86 19.23
C LYS C 192 -16.40 8.23 19.62
N GLU C 193 -15.82 7.46 18.72
CA GLU C 193 -14.47 6.94 18.86
C GLU C 193 -13.59 7.52 17.76
N VAL C 194 -12.36 7.87 18.11
CA VAL C 194 -11.34 8.20 17.12
C VAL C 194 -10.39 7.01 17.07
N ILE C 195 -10.38 6.32 15.94
CA ILE C 195 -9.62 5.08 15.79
C ILE C 195 -8.41 5.35 14.92
N SER C 196 -7.26 4.86 15.34
CA SER C 196 -6.01 5.06 14.60
C SER C 196 -5.95 4.04 13.47
N VAL C 197 -6.13 4.50 12.24
CA VAL C 197 -6.10 3.66 11.05
C VAL C 197 -5.03 4.26 10.15
N PRO C 198 -3.98 3.52 9.78
CA PRO C 198 -2.70 4.15 9.41
C PRO C 198 -2.61 4.61 7.96
N GLU C 199 -3.45 5.59 7.60
CA GLU C 199 -3.22 6.55 6.51
C GLU C 199 -3.32 5.94 5.10
N ASP C 200 -3.31 4.62 5.00
CA ASP C 200 -3.40 3.91 3.73
C ASP C 200 -4.52 2.91 3.70
N VAL C 201 -4.93 2.42 4.87
CA VAL C 201 -6.19 1.70 4.97
C VAL C 201 -7.35 2.70 4.92
N VAL C 202 -7.13 3.94 5.36
CA VAL C 202 -8.11 5.01 5.17
C VAL C 202 -8.32 5.27 3.69
N ASN C 203 -7.24 5.27 2.91
CA ASN C 203 -7.35 5.42 1.47
C ASN C 203 -8.05 4.24 0.83
N ARG C 204 -7.85 3.04 1.38
CA ARG C 204 -8.41 1.84 0.74
C ARG C 204 -9.88 1.64 1.09
N VAL C 205 -10.27 1.82 2.35
CA VAL C 205 -11.66 1.53 2.71
C VAL C 205 -12.61 2.66 2.38
N PHE C 206 -12.11 3.86 2.08
CA PHE C 206 -12.96 4.94 1.65
C PHE C 206 -12.89 5.20 0.15
N GLY C 207 -11.94 4.57 -0.55
CA GLY C 207 -11.81 4.76 -1.98
C GLY C 207 -11.26 6.10 -2.38
N VAL C 208 -10.34 6.65 -1.59
CA VAL C 208 -9.80 7.98 -1.79
C VAL C 208 -8.28 7.90 -1.79
N GLU C 209 -7.64 9.06 -1.94
CA GLU C 209 -6.18 9.14 -1.94
C GLU C 209 -5.76 10.58 -1.71
N GLY C 210 -4.75 10.77 -0.86
CA GLY C 210 -4.02 12.01 -0.77
C GLY C 210 -4.78 13.24 -0.32
N ASN C 211 -5.16 13.28 0.96
CA ASN C 211 -5.88 14.39 1.59
C ASN C 211 -7.22 14.67 0.91
N ASP C 212 -7.85 13.62 0.41
CA ASP C 212 -9.23 13.66 -0.03
C ASP C 212 -10.01 12.71 0.85
N GLY C 213 -11.15 13.16 1.34
CA GLY C 213 -11.83 12.40 2.36
C GLY C 213 -13.20 11.94 1.95
N ALA C 214 -13.74 10.98 2.70
CA ALA C 214 -15.08 10.48 2.47
C ALA C 214 -15.79 10.38 3.81
N THR C 215 -17.09 10.61 3.79
CA THR C 215 -17.92 10.54 4.98
C THR C 215 -18.96 9.46 4.78
N ILE C 216 -19.09 8.60 5.76
CA ILE C 216 -20.12 7.57 5.76
C ILE C 216 -21.19 8.00 6.76
N GLU C 217 -22.45 7.83 6.40
CA GLU C 217 -23.55 7.98 7.34
C GLU C 217 -24.27 6.64 7.44
N LEU C 218 -24.29 6.08 8.64
CA LEU C 218 -24.66 4.70 8.87
C LEU C 218 -26.06 4.64 9.44
N LEU C 219 -26.95 3.96 8.74
CA LEU C 219 -28.26 3.62 9.27
C LEU C 219 -28.39 2.11 9.30
N GLY C 220 -29.21 1.61 10.20
CA GLY C 220 -29.40 0.18 10.31
C GLY C 220 -29.97 -0.19 11.66
N SER C 221 -29.98 -1.49 11.91
CA SER C 221 -30.51 -2.05 13.15
C SER C 221 -29.43 -2.23 14.20
N TRP C 222 -28.27 -1.59 14.03
CA TRP C 222 -27.31 -1.52 15.13
C TRP C 222 -27.81 -0.62 16.23
N SER C 223 -28.67 0.35 15.90
CA SER C 223 -29.24 1.28 16.86
C SER C 223 -30.50 0.76 17.53
N GLU C 224 -30.72 -0.56 17.46
CA GLU C 224 -31.74 -1.27 18.23
C GLU C 224 -33.16 -0.77 17.96
N GLY C 225 -33.41 -0.29 16.75
CA GLY C 225 -34.71 0.21 16.37
C GLY C 225 -34.92 1.69 16.60
N MET C 226 -34.04 2.34 17.35
CA MET C 226 -34.11 3.78 17.54
C MET C 226 -33.44 4.50 16.38
N PHE C 227 -33.90 5.72 16.11
CA PHE C 227 -33.31 6.45 14.99
C PHE C 227 -31.95 6.98 15.38
N GLY C 228 -30.93 6.18 15.12
CA GLY C 228 -29.55 6.58 15.31
C GLY C 228 -28.86 6.71 13.97
N MET C 229 -28.28 7.87 13.72
CA MET C 229 -27.48 8.11 12.54
C MET C 229 -26.02 8.06 12.97
N GLY C 230 -25.39 6.91 12.78
CA GLY C 230 -23.97 6.80 13.01
C GLY C 230 -23.19 7.43 11.91
N PHE C 231 -21.89 7.59 12.14
CA PHE C 231 -21.02 8.17 11.13
C PHE C 231 -19.69 7.44 11.14
N LEU C 232 -18.94 7.65 10.07
CA LEU C 232 -17.62 7.03 9.93
C LEU C 232 -16.84 7.95 8.99
N TYR C 233 -15.97 8.78 9.54
CA TYR C 233 -15.31 9.80 8.75
C TYR C 233 -13.84 9.46 8.56
N ALA C 234 -13.29 9.99 7.49
CA ALA C 234 -11.90 9.78 7.14
C ALA C 234 -11.09 10.96 7.65
N ASN C 235 -10.29 10.73 8.68
CA ASN C 235 -9.27 11.68 9.08
C ASN C 235 -8.01 11.40 8.28
N ARG C 236 -6.93 12.11 8.59
CA ARG C 236 -5.70 11.93 7.82
C ARG C 236 -5.07 10.58 8.10
N SER C 237 -4.67 10.35 9.36
CA SER C 237 -4.11 9.09 9.79
C SER C 237 -5.04 8.37 10.77
N SER C 238 -6.35 8.63 10.64
CA SER C 238 -7.30 8.14 11.60
C SER C 238 -8.67 7.98 10.95
N VAL C 239 -9.59 7.42 11.73
CA VAL C 239 -10.99 7.28 11.35
C VAL C 239 -11.81 7.59 12.59
N SER C 240 -12.68 8.59 12.50
CA SER C 240 -13.55 8.96 13.62
C SER C 240 -14.90 8.30 13.43
N LEU C 241 -15.14 7.25 14.20
CA LEU C 241 -16.35 6.45 14.09
C LEU C 241 -17.21 6.70 15.30
N GLY C 242 -18.45 7.11 15.09
CA GLY C 242 -19.32 7.41 16.20
C GLY C 242 -20.77 7.14 15.84
N CYS C 243 -21.65 7.44 16.80
CA CYS C 243 -23.07 7.20 16.63
C CYS C 243 -23.82 8.08 17.61
N GLY C 244 -24.97 8.58 17.16
CA GLY C 244 -25.77 9.45 18.00
C GLY C 244 -27.23 9.05 18.01
N VAL C 245 -27.83 8.93 19.18
CA VAL C 245 -29.22 8.55 19.32
C VAL C 245 -29.89 9.48 20.32
N LEU C 246 -31.20 9.68 20.17
CA LEU C 246 -31.93 10.59 21.02
C LEU C 246 -32.02 10.07 22.45
N LEU C 247 -32.08 11.01 23.41
CA LEU C 247 -32.14 10.63 24.81
C LEU C 247 -33.47 10.03 25.23
N GLU C 248 -34.58 10.40 24.59
CA GLU C 248 -35.84 9.75 24.91
C GLU C 248 -35.84 8.30 24.48
N ASP C 249 -35.24 8.00 23.33
CA ASP C 249 -35.15 6.62 22.87
C ASP C 249 -34.15 5.84 23.69
N LEU C 250 -33.05 6.48 24.11
CA LEU C 250 -32.02 5.79 24.87
C LEU C 250 -32.46 5.54 26.30
N ARG C 251 -33.30 6.42 26.87
CA ARG C 251 -33.75 6.23 28.24
C ARG C 251 -34.71 5.05 28.35
N LYS C 252 -35.62 4.91 27.40
CA LYS C 252 -36.61 3.85 27.45
C LYS C 252 -36.12 2.54 26.84
N LYS C 253 -34.87 2.49 26.39
CA LYS C 253 -34.28 1.24 25.92
C LYS C 253 -33.24 0.69 26.89
N LYS C 254 -32.58 1.57 27.65
CA LYS C 254 -31.67 1.24 28.75
C LYS C 254 -30.49 0.37 28.30
N ILE C 255 -29.70 0.87 27.36
CA ILE C 255 -28.71 0.01 26.73
C ILE C 255 -27.31 0.59 26.61
N LYS C 256 -26.95 1.60 27.44
CA LYS C 256 -25.57 2.06 27.61
C LYS C 256 -24.90 2.56 26.33
N PRO C 257 -25.11 3.84 25.95
CA PRO C 257 -24.86 4.31 24.56
C PRO C 257 -23.53 4.02 23.86
N TYR C 258 -22.53 3.50 24.57
CA TYR C 258 -21.37 2.97 23.89
C TYR C 258 -21.61 1.57 23.34
N GLN C 259 -22.71 0.92 23.70
CA GLN C 259 -23.05 -0.36 23.12
C GLN C 259 -23.51 -0.21 21.68
N LEU C 260 -24.16 0.91 21.36
CA LEU C 260 -24.49 1.23 19.99
C LEU C 260 -23.25 1.42 19.15
N LEU C 261 -22.20 2.00 19.72
CA LEU C 261 -20.93 2.07 19.03
C LEU C 261 -20.26 0.70 18.95
N GLU C 262 -20.57 -0.19 19.88
CA GLU C 262 -20.08 -1.55 19.76
C GLU C 262 -20.90 -2.36 18.78
N ASN C 263 -22.19 -2.05 18.64
CA ASN C 263 -22.96 -2.64 17.55
C ASN C 263 -22.56 -2.06 16.20
N LEU C 264 -21.97 -0.88 16.18
CA LEU C 264 -21.53 -0.28 14.93
C LEU C 264 -20.15 -0.75 14.53
N LYS C 265 -19.28 -1.04 15.50
CA LYS C 265 -17.98 -1.61 15.17
C LYS C 265 -18.10 -3.07 14.77
N ASN C 266 -18.94 -3.83 15.47
CA ASN C 266 -19.06 -5.26 15.24
C ASN C 266 -20.12 -5.61 14.20
N HIS C 267 -20.53 -4.65 13.38
CA HIS C 267 -21.30 -5.00 12.20
C HIS C 267 -20.41 -5.76 11.23
N PRO C 268 -20.95 -6.71 10.47
CA PRO C 268 -20.12 -7.47 9.51
C PRO C 268 -19.49 -6.63 8.41
N VAL C 269 -20.02 -5.45 8.11
CA VAL C 269 -19.46 -4.62 7.06
C VAL C 269 -18.37 -3.70 7.60
N ILE C 270 -18.61 -3.09 8.76
CA ILE C 270 -17.60 -2.20 9.35
C ILE C 270 -16.42 -3.01 9.88
N SER C 271 -16.66 -4.24 10.35
CA SER C 271 -15.56 -5.10 10.72
C SER C 271 -14.85 -5.71 9.52
N ASP C 272 -15.43 -5.61 8.33
CA ASP C 272 -14.75 -6.05 7.12
C ASP C 272 -13.84 -4.96 6.59
N MET C 273 -14.30 -3.70 6.62
CA MET C 273 -13.50 -2.55 6.20
C MET C 273 -12.28 -2.38 7.06
N LEU C 274 -12.50 -2.04 8.33
CA LEU C 274 -11.45 -2.02 9.34
C LEU C 274 -11.45 -3.42 9.94
N GLY C 275 -10.52 -4.26 9.49
CA GLY C 275 -10.51 -5.64 9.94
C GLY C 275 -10.07 -5.79 11.39
N GLU C 276 -8.79 -5.54 11.64
CA GLU C 276 -8.26 -5.46 12.99
C GLU C 276 -7.72 -4.07 13.31
N TYR C 277 -8.05 -3.08 12.50
CA TYR C 277 -7.88 -1.68 12.84
C TYR C 277 -9.10 -1.09 13.53
N ARG C 278 -9.94 -1.92 14.14
CA ARG C 278 -11.07 -1.40 14.90
C ARG C 278 -10.73 -1.16 16.36
N ASN C 279 -9.81 -1.94 16.92
CA ASN C 279 -9.58 -1.94 18.34
C ASN C 279 -8.35 -1.14 18.74
N ASN C 280 -7.75 -0.40 17.81
CA ASN C 280 -6.75 0.60 18.18
C ASN C 280 -7.42 1.96 18.30
N THR C 281 -8.39 2.01 19.20
CA THR C 281 -9.10 3.23 19.55
C THR C 281 -8.14 4.19 20.23
N MET C 282 -8.04 5.39 19.68
CA MET C 282 -7.17 6.41 20.25
C MET C 282 -7.87 7.26 21.30
N GLU C 283 -9.20 7.33 21.25
CA GLU C 283 -9.94 8.24 22.09
C GLU C 283 -11.40 7.84 22.10
N TYR C 284 -12.07 8.14 23.21
CA TYR C 284 -13.47 7.82 23.40
C TYR C 284 -14.17 9.06 23.91
N LEU C 285 -15.16 9.53 23.17
CA LEU C 285 -15.80 10.80 23.44
C LEU C 285 -17.30 10.60 23.62
N ALA C 286 -17.93 11.60 24.23
CA ALA C 286 -19.37 11.63 24.37
C ALA C 286 -19.81 13.07 24.51
N HIS C 287 -20.94 13.39 23.90
CA HIS C 287 -21.45 14.76 23.90
C HIS C 287 -22.94 14.69 23.70
N LEU C 288 -23.57 15.86 23.61
CA LEU C 288 -24.98 15.97 23.30
C LEU C 288 -25.14 16.82 22.05
N ILE C 289 -26.18 16.52 21.28
CA ILE C 289 -26.53 17.28 20.09
C ILE C 289 -27.91 17.87 20.31
N PRO C 290 -28.08 19.19 20.22
CA PRO C 290 -29.42 19.77 20.35
C PRO C 290 -30.32 19.39 19.19
N GLU C 291 -31.45 18.78 19.50
CA GLU C 291 -32.36 18.30 18.46
C GLU C 291 -33.79 18.77 18.64
N GLY C 292 -34.06 19.60 19.64
CA GLY C 292 -35.36 20.24 19.75
C GLY C 292 -35.51 21.34 18.72
N GLY C 293 -34.53 22.21 18.65
CA GLY C 293 -34.48 23.22 17.62
C GLY C 293 -35.40 24.41 17.84
N TYR C 294 -36.43 24.52 16.99
CA TYR C 294 -37.31 25.68 16.99
C TYR C 294 -38.23 25.72 18.19
N TYR C 295 -38.72 24.57 18.63
CA TYR C 295 -39.64 24.52 19.76
C TYR C 295 -38.94 24.62 21.11
N ALA C 296 -37.61 24.53 21.14
CA ALA C 296 -36.90 24.41 22.41
C ALA C 296 -35.80 25.42 22.59
N MET C 297 -35.58 26.30 21.64
CA MET C 297 -34.51 27.27 21.78
C MET C 297 -34.89 28.36 22.79
N PRO C 298 -33.89 28.99 23.44
CA PRO C 298 -34.21 30.10 24.34
C PRO C 298 -34.51 31.40 23.63
N LYS C 299 -34.72 32.46 24.41
CA LYS C 299 -34.52 33.79 23.89
C LYS C 299 -33.03 33.99 23.68
N VAL C 300 -32.63 34.30 22.45
CA VAL C 300 -31.22 34.26 22.09
C VAL C 300 -30.56 35.63 22.31
N TYR C 301 -31.26 36.51 23.02
CA TYR C 301 -30.78 37.87 23.21
C TYR C 301 -31.28 38.36 24.56
N GLY C 302 -30.79 39.51 24.97
CA GLY C 302 -31.20 40.08 26.22
C GLY C 302 -30.44 41.37 26.47
N ASP C 303 -30.50 41.82 27.73
CA ASP C 303 -29.79 43.02 28.11
C ASP C 303 -28.29 42.72 28.20
N ARG C 304 -27.54 43.25 27.23
CA ARG C 304 -26.09 43.07 27.10
C ARG C 304 -25.68 41.60 26.99
N VAL C 305 -26.50 40.77 26.38
CA VAL C 305 -26.19 39.35 26.32
C VAL C 305 -26.76 38.74 25.03
N LEU C 306 -25.93 37.95 24.36
CA LEU C 306 -26.31 37.19 23.17
C LEU C 306 -25.97 35.73 23.37
N VAL C 307 -26.62 34.85 22.61
CA VAL C 307 -26.47 33.41 22.75
C VAL C 307 -26.27 32.81 21.36
N CYS C 308 -25.18 32.06 21.17
CA CYS C 308 -24.86 31.47 19.88
C CYS C 308 -24.70 29.97 19.97
N GLY C 309 -24.62 29.34 18.81
CA GLY C 309 -24.22 27.95 18.70
C GLY C 309 -25.21 26.96 19.21
N ASP C 310 -24.74 25.94 19.92
CA ASP C 310 -25.63 24.95 20.50
C ASP C 310 -26.33 25.48 21.74
N ALA C 311 -25.87 26.58 22.31
CA ALA C 311 -26.54 27.17 23.46
C ALA C 311 -27.89 27.74 23.06
N ALA C 312 -28.00 28.21 21.82
CA ALA C 312 -29.27 28.60 21.25
C ALA C 312 -29.95 27.45 20.52
N MET C 313 -29.42 26.23 20.66
CA MET C 313 -29.96 25.01 20.07
C MET C 313 -30.07 25.10 18.55
N LEU C 314 -29.07 25.70 17.92
CA LEU C 314 -29.05 25.89 16.48
C LEU C 314 -28.23 24.75 15.87
N VAL C 315 -28.90 23.63 15.60
CA VAL C 315 -28.27 22.44 15.03
C VAL C 315 -29.24 21.83 14.04
N ASN C 316 -28.79 21.62 12.81
CA ASN C 316 -29.52 20.80 11.83
C ASN C 316 -28.86 19.44 11.84
N SER C 317 -29.30 18.57 12.76
CA SER C 317 -28.64 17.29 12.97
C SER C 317 -28.95 16.27 11.90
N ILE C 318 -30.04 16.43 11.16
CA ILE C 318 -30.34 15.47 10.09
C ILE C 318 -29.47 15.72 8.88
N HIS C 319 -29.01 16.96 8.66
CA HIS C 319 -28.05 17.27 7.62
C HIS C 319 -26.64 17.35 8.16
N ARG C 320 -26.49 17.22 9.49
CA ARG C 320 -25.25 17.39 10.23
C ARG C 320 -24.62 18.74 9.97
N GLU C 321 -25.39 19.78 10.25
CA GLU C 321 -24.91 21.15 10.12
C GLU C 321 -25.13 21.80 11.47
N GLY C 322 -24.19 21.59 12.38
CA GLY C 322 -24.21 22.27 13.64
C GLY C 322 -23.10 23.30 13.70
N SER C 323 -21.93 22.94 13.17
CA SER C 323 -20.83 23.88 13.07
C SER C 323 -21.07 24.87 11.95
N ASN C 324 -21.83 24.46 10.94
CA ASN C 324 -22.33 25.38 9.93
C ASN C 324 -23.21 26.45 10.57
N HIS C 325 -24.06 26.04 11.51
CA HIS C 325 -24.95 26.98 12.20
C HIS C 325 -24.23 27.75 13.28
N ALA C 326 -23.19 27.17 13.88
CA ALA C 326 -22.49 27.82 14.98
C ALA C 326 -21.60 28.96 14.47
N ILE C 327 -20.80 28.69 13.44
CA ILE C 327 -19.88 29.70 12.91
C ILE C 327 -20.65 30.87 12.29
N THR C 328 -21.84 30.60 11.75
CA THR C 328 -22.69 31.69 11.27
C THR C 328 -23.28 32.48 12.43
N SER C 329 -23.72 31.80 13.48
CA SER C 329 -24.33 32.47 14.63
C SER C 329 -23.33 33.35 15.37
N GLY C 330 -22.06 32.99 15.35
CA GLY C 330 -21.04 33.89 15.86
C GLY C 330 -20.89 35.11 14.98
N ARG C 331 -21.02 34.94 13.65
CA ARG C 331 -20.90 36.07 12.74
C ARG C 331 -22.09 37.01 12.88
N LEU C 332 -23.28 36.47 13.11
CA LEU C 332 -24.46 37.30 13.27
C LEU C 332 -24.48 38.02 14.61
N ALA C 333 -23.97 37.38 15.66
CA ALA C 333 -23.90 38.04 16.95
C ALA C 333 -22.83 39.10 16.98
N ALA C 334 -21.70 38.85 16.33
CA ALA C 334 -20.62 39.83 16.32
C ALA C 334 -20.96 41.02 15.43
N GLU C 335 -21.74 40.81 14.38
CA GLU C 335 -22.21 41.95 13.59
C GLU C 335 -23.34 42.69 14.29
N THR C 336 -24.06 42.02 15.19
CA THR C 336 -25.05 42.71 16.01
C THR C 336 -24.38 43.60 17.04
N LEU C 337 -23.33 43.09 17.69
CA LEU C 337 -22.63 43.88 18.69
C LEU C 337 -21.85 45.02 18.07
N LEU C 338 -21.39 44.86 16.83
CA LEU C 338 -20.72 45.96 16.15
C LEU C 338 -21.70 47.06 15.79
N GLU C 339 -22.98 46.73 15.60
CA GLU C 339 -24.01 47.75 15.56
C GLU C 339 -24.24 48.36 16.93
N ALA C 340 -24.15 47.54 17.98
CA ALA C 340 -24.39 48.00 19.33
C ALA C 340 -23.27 48.88 19.86
N PHE C 341 -22.07 48.78 19.31
CA PHE C 341 -20.95 49.57 19.83
C PHE C 341 -20.86 50.96 19.23
N GLU C 342 -21.33 51.16 18.01
CA GLU C 342 -21.38 52.52 17.48
C GLU C 342 -22.52 53.32 18.08
N LYS C 343 -23.60 52.66 18.47
CA LYS C 343 -24.71 53.34 19.12
C LYS C 343 -24.55 53.43 20.64
N GLY C 344 -23.79 52.51 21.23
CA GLY C 344 -23.62 52.50 22.67
C GLY C 344 -24.75 51.89 23.46
N ASP C 345 -25.77 51.36 22.78
CA ASP C 345 -26.90 50.73 23.45
C ASP C 345 -26.73 49.22 23.30
N PHE C 346 -26.89 48.50 24.40
CA PHE C 346 -26.77 47.05 24.43
C PHE C 346 -28.02 46.37 24.97
N SER C 347 -29.13 47.10 25.07
CA SER C 347 -30.35 46.51 25.62
C SER C 347 -31.06 45.70 24.55
N GLU C 348 -32.28 45.26 24.85
CA GLU C 348 -33.04 44.43 23.92
C GLU C 348 -33.62 45.20 22.75
N LYS C 349 -33.37 46.51 22.65
CA LYS C 349 -33.82 47.26 21.49
C LYS C 349 -32.84 47.10 20.33
N ILE C 350 -31.54 47.10 20.63
CA ILE C 350 -30.51 46.94 19.61
C ILE C 350 -30.10 45.48 19.45
N LEU C 351 -30.05 44.74 20.56
CA LEU C 351 -29.65 43.34 20.52
C LEU C 351 -30.77 42.42 20.07
N LYS C 352 -31.96 42.95 19.74
CA LYS C 352 -32.98 42.13 19.09
C LYS C 352 -32.67 41.95 17.61
N ASN C 353 -31.74 42.74 17.06
CA ASN C 353 -31.33 42.57 15.67
C ASN C 353 -30.60 41.26 15.45
N TYR C 354 -30.03 40.67 16.50
CA TYR C 354 -29.43 39.35 16.40
C TYR C 354 -30.49 38.29 16.12
N TYR C 355 -31.64 38.39 16.79
CA TYR C 355 -32.73 37.47 16.50
C TYR C 355 -33.36 37.76 15.15
N LEU C 356 -33.26 38.99 14.65
CA LEU C 356 -33.74 39.28 13.30
C LEU C 356 -32.79 38.73 12.24
N ARG C 357 -31.48 38.86 12.47
CA ARG C 357 -30.49 38.26 11.57
C ARG C 357 -30.51 36.74 11.63
N LEU C 358 -30.97 36.16 12.73
CA LEU C 358 -30.95 34.72 12.88
C LEU C 358 -32.06 34.05 12.06
N LYS C 359 -33.15 34.76 11.79
CA LYS C 359 -34.22 34.22 10.95
C LYS C 359 -34.23 34.79 9.54
N GLU C 360 -33.49 35.87 9.29
CA GLU C 360 -33.26 36.30 7.92
C GLU C 360 -32.16 35.49 7.26
N SER C 361 -31.42 34.68 8.00
CA SER C 361 -30.40 33.80 7.47
C SER C 361 -30.91 32.37 7.52
N PHE C 362 -30.05 31.42 7.16
CA PHE C 362 -30.44 30.04 7.01
C PHE C 362 -30.68 29.31 8.32
N ILE C 363 -30.30 29.91 9.45
CA ILE C 363 -30.18 29.15 10.70
C ILE C 363 -31.55 28.78 11.24
N LEU C 364 -32.46 29.74 11.29
CA LEU C 364 -33.80 29.46 11.80
C LEU C 364 -34.73 28.91 10.74
N LYS C 365 -34.42 29.09 9.46
CA LYS C 365 -35.22 28.47 8.42
C LYS C 365 -34.94 26.98 8.31
N ASP C 366 -33.72 26.55 8.64
CA ASP C 366 -33.44 25.12 8.71
C ASP C 366 -34.06 24.51 9.96
N LEU C 367 -34.32 25.32 10.99
CA LEU C 367 -34.95 24.81 12.20
C LEU C 367 -36.47 24.75 12.05
N GLU C 368 -37.06 25.69 11.30
CA GLU C 368 -38.49 25.62 11.02
C GLU C 368 -38.82 24.46 10.09
N LYS C 369 -37.87 24.09 9.22
CA LYS C 369 -38.13 23.04 8.23
C LYS C 369 -38.19 21.67 8.88
N TYR C 370 -37.20 21.33 9.68
CA TYR C 370 -37.14 20.05 10.40
C TYR C 370 -37.61 20.20 11.83
N LYS C 371 -38.63 21.04 12.00
CA LYS C 371 -39.21 21.32 13.32
C LYS C 371 -39.85 20.07 13.91
N ASP C 372 -40.84 19.52 13.22
CA ASP C 372 -41.45 18.26 13.63
C ASP C 372 -40.84 17.12 12.81
N LEU C 373 -39.56 16.91 13.04
CA LEU C 373 -38.79 15.85 12.41
C LEU C 373 -38.53 14.66 13.31
N MET C 374 -37.97 14.90 14.50
CA MET C 374 -37.74 13.78 15.42
C MET C 374 -39.01 13.29 16.10
N PRO C 375 -40.01 14.13 16.45
CA PRO C 375 -41.33 13.57 16.80
C PRO C 375 -42.00 12.77 15.69
N THR C 376 -41.66 13.03 14.43
CA THR C 376 -42.13 12.15 13.36
C THR C 376 -41.38 10.82 13.38
N MET C 377 -40.06 10.88 13.65
CA MET C 377 -39.27 9.66 13.68
C MET C 377 -39.54 8.82 14.92
N GLU C 378 -40.00 9.47 16.00
CA GLU C 378 -40.31 8.74 17.22
C GLU C 378 -41.62 7.97 17.11
N LYS C 379 -42.52 8.41 16.26
CA LYS C 379 -43.83 7.77 16.18
C LYS C 379 -43.92 6.72 15.08
N ASN C 380 -42.78 6.32 14.50
CA ASN C 380 -42.78 5.16 13.62
C ASN C 380 -41.99 4.00 14.21
N HIS C 381 -40.71 4.21 14.49
CA HIS C 381 -39.72 3.16 14.74
C HIS C 381 -39.77 2.09 13.64
N GLN C 382 -39.80 2.54 12.38
CA GLN C 382 -39.74 1.65 11.22
C GLN C 382 -38.61 1.97 10.25
N PHE C 383 -38.19 3.22 10.14
CA PHE C 383 -37.23 3.63 9.13
C PHE C 383 -35.81 3.17 9.44
N VAL C 384 -35.57 2.66 10.65
CA VAL C 384 -34.27 2.13 11.04
C VAL C 384 -34.45 0.78 11.70
N GLU C 385 -35.65 0.24 11.63
CA GLU C 385 -35.91 -1.06 12.26
C GLU C 385 -36.23 -2.15 11.27
N ILE C 386 -37.04 -1.88 10.24
CA ILE C 386 -37.29 -2.87 9.20
C ILE C 386 -36.75 -2.35 7.87
N TYR C 387 -36.86 -1.05 7.64
CA TYR C 387 -36.60 -0.45 6.32
C TYR C 387 -35.16 -0.61 5.80
N PRO C 388 -34.09 -0.52 6.61
CA PRO C 388 -32.78 -0.90 6.06
C PRO C 388 -32.60 -2.39 5.84
N ASP C 389 -33.05 -3.23 6.77
CA ASP C 389 -32.83 -4.66 6.66
C ASP C 389 -33.69 -5.29 5.58
N LEU C 390 -34.77 -4.63 5.19
CA LEU C 390 -35.62 -5.05 4.09
C LEU C 390 -35.10 -4.60 2.74
N ALA C 391 -34.50 -3.41 2.66
CA ALA C 391 -33.87 -2.95 1.44
C ALA C 391 -32.57 -3.67 1.13
N ASN C 392 -31.95 -4.27 2.14
CA ASN C 392 -30.78 -5.11 1.93
C ASN C 392 -31.12 -6.50 1.44
N ASP C 393 -32.17 -7.11 1.98
CA ASP C 393 -32.57 -8.43 1.50
C ASP C 393 -33.24 -8.36 0.14
N ALA C 394 -33.85 -7.22 -0.20
CA ALA C 394 -34.43 -7.05 -1.52
C ALA C 394 -33.35 -6.88 -2.57
N LEU C 395 -32.34 -6.06 -2.30
CA LEU C 395 -31.28 -5.84 -3.28
C LEU C 395 -30.32 -7.02 -3.35
N LYS C 396 -30.24 -7.81 -2.29
CA LYS C 396 -29.48 -9.06 -2.37
C LYS C 396 -30.20 -10.08 -3.23
N ARG C 397 -31.52 -10.19 -3.08
CA ARG C 397 -32.31 -11.09 -3.93
C ARG C 397 -32.32 -10.63 -5.37
N PHE C 398 -32.20 -9.32 -5.60
CA PHE C 398 -32.17 -8.79 -6.95
C PHE C 398 -30.86 -9.14 -7.67
N LEU C 399 -29.76 -9.20 -6.94
CA LEU C 399 -28.47 -9.49 -7.52
C LEU C 399 -28.06 -10.96 -7.39
N GLN C 400 -28.75 -11.73 -6.56
CA GLN C 400 -28.45 -13.15 -6.45
C GLN C 400 -28.94 -13.88 -7.69
N VAL C 401 -28.06 -14.67 -8.29
CA VAL C 401 -28.38 -15.47 -9.46
C VAL C 401 -28.42 -16.92 -9.00
N ASP C 402 -29.62 -17.51 -9.01
CA ASP C 402 -29.79 -18.90 -8.59
C ASP C 402 -30.79 -19.63 -9.47
N GLY C 403 -30.91 -19.22 -10.73
CA GLY C 403 -31.81 -19.89 -11.63
C GLY C 403 -33.27 -19.58 -11.40
N THR C 404 -33.57 -18.43 -10.83
CA THR C 404 -34.94 -18.04 -10.55
C THR C 404 -35.38 -17.02 -11.59
N PRO C 405 -36.50 -17.24 -12.30
CA PRO C 405 -36.68 -16.58 -13.60
C PRO C 405 -37.13 -15.13 -13.61
N LYS C 406 -36.60 -14.30 -12.71
CA LYS C 406 -36.65 -12.83 -12.74
C LYS C 406 -38.03 -12.21 -12.63
N TRP C 407 -39.10 -13.01 -12.79
CA TRP C 407 -40.43 -12.68 -12.35
C TRP C 407 -40.69 -13.23 -10.97
N ASP C 408 -40.06 -14.35 -10.67
CA ASP C 408 -40.06 -14.93 -9.34
C ASP C 408 -38.91 -14.43 -8.50
N VAL C 409 -38.19 -13.41 -8.94
CA VAL C 409 -37.45 -12.53 -8.04
C VAL C 409 -38.09 -11.17 -7.94
N GLN C 410 -38.91 -10.77 -8.93
CA GLN C 410 -39.66 -9.53 -8.83
C GLN C 410 -40.87 -9.69 -7.93
N LYS C 411 -41.34 -10.93 -7.73
CA LYS C 411 -42.41 -11.19 -6.79
C LYS C 411 -41.89 -11.68 -5.43
N GLN C 412 -40.68 -12.24 -5.37
CA GLN C 412 -40.10 -12.53 -4.07
C GLN C 412 -39.65 -11.27 -3.35
N ILE C 413 -39.32 -10.22 -4.10
CA ILE C 413 -39.08 -8.91 -3.50
C ILE C 413 -40.40 -8.33 -3.00
N ALA C 414 -41.47 -8.50 -3.78
CA ALA C 414 -42.79 -8.07 -3.33
C ALA C 414 -43.30 -8.94 -2.17
N ASP C 415 -42.94 -10.21 -2.15
CA ASP C 415 -43.22 -11.04 -0.98
C ASP C 415 -42.27 -10.76 0.17
N MET C 416 -41.17 -10.03 -0.07
CA MET C 416 -40.30 -9.56 1.00
C MET C 416 -40.79 -8.24 1.57
N VAL C 417 -41.17 -7.29 0.71
CA VAL C 417 -41.53 -5.98 1.22
C VAL C 417 -42.93 -6.00 1.81
N LEU C 418 -43.85 -6.78 1.26
CA LEU C 418 -45.20 -6.90 1.81
C LEU C 418 -45.33 -8.14 2.69
N SER C 419 -44.37 -8.33 3.58
CA SER C 419 -44.45 -9.31 4.65
C SER C 419 -44.04 -8.72 5.99
N ARG C 420 -43.04 -7.85 6.00
CA ARG C 420 -42.62 -7.17 7.21
C ARG C 420 -43.40 -5.89 7.46
N ARG C 421 -44.03 -5.34 6.43
CA ARG C 421 -44.91 -4.20 6.55
C ARG C 421 -45.90 -4.25 5.39
N SER C 422 -47.16 -3.95 5.67
CA SER C 422 -48.18 -3.97 4.63
C SER C 422 -48.00 -2.79 3.68
N LEU C 423 -48.63 -2.91 2.50
CA LEU C 423 -48.57 -1.85 1.51
C LEU C 423 -49.28 -0.58 1.97
N ILE C 424 -50.26 -0.71 2.88
CA ILE C 424 -50.83 0.45 3.54
C ILE C 424 -49.88 1.08 4.55
N GLY C 425 -48.78 0.40 4.87
CA GLY C 425 -47.75 0.97 5.72
C GLY C 425 -46.59 1.54 4.93
N ILE C 426 -46.31 0.98 3.74
CA ILE C 426 -45.22 1.49 2.92
C ILE C 426 -45.60 2.81 2.28
N SER C 427 -46.75 2.85 1.61
CA SER C 427 -47.16 4.05 0.90
C SER C 427 -47.59 5.16 1.86
N LEU C 428 -47.95 4.80 3.09
CA LEU C 428 -48.18 5.81 4.10
C LEU C 428 -46.87 6.43 4.58
N ASP C 429 -45.85 5.60 4.80
CA ASP C 429 -44.60 6.05 5.41
C ASP C 429 -43.74 6.90 4.48
N LEU C 430 -43.97 6.85 3.18
CA LEU C 430 -43.17 7.67 2.27
C LEU C 430 -43.60 9.13 2.35
N LEU C 431 -44.88 9.39 2.59
CA LEU C 431 -45.35 10.76 2.68
C LEU C 431 -45.62 11.18 4.13
N ARG C 432 -45.70 10.24 5.06
CA ARG C 432 -45.69 10.61 6.48
C ARG C 432 -44.34 11.21 6.87
N PHE C 433 -43.26 10.74 6.25
CA PHE C 433 -41.97 11.39 6.39
C PHE C 433 -41.87 12.66 5.55
N TRP C 434 -42.71 12.75 4.52
CA TRP C 434 -42.74 13.91 3.60
C TRP C 434 -43.15 15.16 4.40
N ARG C 435 -43.89 14.95 5.50
CA ARG C 435 -44.34 16.07 6.37
C ARG C 435 -43.18 16.48 7.27
N ALA C 436 -42.25 15.55 7.50
CA ALA C 436 -41.06 15.81 8.34
C ALA C 436 -40.00 16.55 7.52
N VAL C 437 -39.95 16.29 6.20
CA VAL C 437 -38.99 16.93 5.33
C VAL C 437 -39.54 18.23 4.75
N ARG C 438 -40.86 18.45 4.81
CA ARG C 438 -41.55 19.64 4.31
C ARG C 438 -41.26 19.95 2.84
N MET D 1 -14.91 -2.05 34.24
CA MET D 1 -13.88 -2.88 33.65
C MET D 1 -13.82 -2.72 32.14
N ARG D 2 -14.99 -2.84 31.49
CA ARG D 2 -15.01 -2.80 30.03
C ARG D 2 -14.83 -1.37 29.51
N ILE D 3 -15.60 -0.42 30.02
CA ILE D 3 -15.50 0.93 29.50
C ILE D 3 -14.37 1.71 30.15
N GLU D 4 -13.87 1.27 31.30
CA GLU D 4 -12.69 1.91 31.86
C GLU D 4 -11.41 1.50 31.16
N ASP D 5 -11.47 0.48 30.31
CA ASP D 5 -10.41 0.28 29.34
C ASP D 5 -10.38 1.41 28.32
N LYS D 6 -11.55 1.88 27.90
CA LYS D 6 -11.63 2.95 26.90
C LYS D 6 -11.55 4.33 27.53
N LEU D 7 -11.90 4.46 28.80
CA LEU D 7 -11.69 5.73 29.49
C LEU D 7 -10.24 5.97 29.82
N TYR D 8 -9.42 4.91 29.82
CA TYR D 8 -7.99 5.07 30.01
C TYR D 8 -7.34 5.74 28.80
N LEU D 9 -7.97 5.66 27.63
CA LEU D 9 -7.44 6.29 26.44
C LEU D 9 -7.57 7.81 26.50
N ASN D 10 -8.61 8.30 27.16
CA ASN D 10 -8.82 9.73 27.27
C ASN D 10 -7.80 10.35 28.21
N ARG D 11 -7.63 11.66 28.08
CA ARG D 11 -6.76 12.41 28.96
C ARG D 11 -7.60 13.18 29.96
N TYR D 12 -7.24 13.09 31.22
CA TYR D 12 -7.96 13.76 32.28
C TYR D 12 -7.00 14.59 33.10
N ARG D 13 -7.50 15.70 33.62
CA ARG D 13 -6.93 16.31 34.82
C ARG D 13 -8.02 16.21 35.86
N THR D 14 -7.90 15.24 36.75
CA THR D 14 -8.94 14.97 37.71
C THR D 14 -8.86 15.96 38.87
N ASP D 15 -10.03 16.45 39.29
CA ASP D 15 -10.17 17.33 40.43
C ASP D 15 -10.86 16.53 41.53
N GLU D 16 -10.07 15.77 42.29
CA GLU D 16 -10.65 14.80 43.21
C GLU D 16 -11.23 15.47 44.46
N GLU D 17 -10.73 16.64 44.83
CA GLU D 17 -11.26 17.32 45.99
C GLU D 17 -12.55 18.08 45.68
N ASN D 18 -12.89 18.22 44.40
CA ASN D 18 -14.11 18.92 43.98
C ASN D 18 -14.90 18.01 43.05
N PRO D 19 -15.76 17.16 43.60
CA PRO D 19 -16.65 16.36 42.74
C PRO D 19 -17.71 17.25 42.12
N HIS D 20 -17.74 17.28 40.79
CA HIS D 20 -18.69 18.11 40.07
C HIS D 20 -20.02 17.40 39.84
N LEU D 21 -20.15 16.14 40.23
CA LEU D 21 -21.40 15.40 40.14
C LEU D 21 -21.80 15.02 41.56
N LYS D 22 -22.72 15.80 42.13
CA LYS D 22 -23.28 15.49 43.42
C LYS D 22 -24.73 15.10 43.23
N ILE D 23 -25.20 14.15 44.01
CA ILE D 23 -26.60 13.75 44.00
C ILE D 23 -27.30 14.46 45.14
N LYS D 24 -28.36 15.20 44.81
CA LYS D 24 -28.99 16.10 45.77
C LYS D 24 -29.71 15.34 46.87
N ASP D 25 -30.28 14.19 46.55
CA ASP D 25 -31.05 13.41 47.51
C ASP D 25 -30.89 11.94 47.18
N GLU D 26 -30.18 11.21 48.03
CA GLU D 26 -29.93 9.79 47.82
C GLU D 26 -31.19 8.95 48.01
N SER D 27 -32.21 9.47 48.68
CA SER D 27 -33.42 8.68 48.92
C SER D 27 -34.31 8.62 47.69
N ILE D 28 -34.23 9.63 46.82
CA ILE D 28 -34.96 9.59 45.55
C ILE D 28 -34.41 8.49 44.67
N CYS D 29 -33.11 8.19 44.80
CA CYS D 29 -32.50 7.13 43.96
C CYS D 29 -32.83 5.75 44.53
N ALA D 30 -33.37 5.65 45.75
CA ALA D 30 -33.61 4.34 46.32
C ALA D 30 -35.05 3.86 46.13
N GLU D 31 -36.03 4.72 46.40
CA GLU D 31 -37.43 4.31 46.34
C GLU D 31 -38.20 5.05 45.26
N LYS D 32 -37.84 6.29 44.92
CA LYS D 32 -38.66 7.07 44.01
C LYS D 32 -38.38 6.71 42.56
N CYS D 33 -37.13 6.34 42.28
CA CYS D 33 -36.64 5.95 40.93
C CYS D 33 -36.86 4.46 40.70
N SER D 34 -37.32 4.06 39.50
CA SER D 34 -37.56 2.65 39.21
C SER D 34 -36.43 2.05 38.40
N ASP D 35 -36.02 2.70 37.31
CA ASP D 35 -35.12 2.09 36.35
C ASP D 35 -33.69 2.60 36.44
N ARG D 36 -33.45 3.70 37.17
CA ARG D 36 -32.18 4.41 37.29
C ARG D 36 -31.60 4.76 35.92
N PRO D 37 -32.15 5.77 35.23
CA PRO D 37 -31.63 6.09 33.90
C PRO D 37 -30.27 6.77 33.91
N CYS D 38 -29.78 7.14 35.10
CA CYS D 38 -28.44 7.77 35.18
C CYS D 38 -27.39 6.67 35.00
N VAL D 39 -27.71 5.44 35.44
CA VAL D 39 -26.80 4.31 35.29
C VAL D 39 -26.82 3.79 33.87
N SER D 40 -28.01 3.57 33.33
CA SER D 40 -28.16 2.91 32.04
C SER D 40 -27.91 3.83 30.85
N CYS D 41 -27.81 5.14 31.06
CA CYS D 41 -27.52 6.05 29.97
C CYS D 41 -26.25 6.84 30.19
N CYS D 42 -25.38 6.41 31.10
CA CYS D 42 -24.10 7.16 31.28
C CYS D 42 -23.03 6.54 30.37
N PRO D 43 -22.51 7.29 29.39
CA PRO D 43 -21.49 6.80 28.45
C PRO D 43 -20.16 6.47 29.07
N ALA D 44 -19.96 6.73 30.36
CA ALA D 44 -18.67 6.53 30.99
C ALA D 44 -18.74 5.66 32.24
N ASP D 45 -19.91 5.05 32.49
CA ASP D 45 -20.19 4.20 33.65
C ASP D 45 -19.87 4.88 34.96
N VAL D 46 -20.20 6.17 35.06
CA VAL D 46 -19.91 6.93 36.27
C VAL D 46 -20.80 6.48 37.41
N TYR D 47 -22.09 6.32 37.13
CA TYR D 47 -23.05 5.96 38.15
C TYR D 47 -23.21 4.45 38.24
N GLU D 48 -23.15 3.93 39.45
CA GLU D 48 -23.39 2.52 39.71
C GLU D 48 -24.23 2.44 40.97
N TRP D 49 -25.40 1.84 40.87
CA TRP D 49 -26.30 1.76 42.03
C TRP D 49 -25.98 0.52 42.82
N THR D 50 -25.26 0.70 43.93
CA THR D 50 -25.07 -0.36 44.90
C THR D 50 -26.20 -0.28 45.92
N GLU D 51 -26.23 -1.22 46.87
CA GLU D 51 -27.15 -1.09 47.99
C GLU D 51 -26.62 -0.18 49.07
N SER D 52 -25.35 0.22 48.98
CA SER D 52 -24.77 1.19 49.89
C SER D 52 -25.09 2.63 49.49
N GLY D 53 -25.84 2.83 48.41
CA GLY D 53 -26.12 4.12 47.84
C GLY D 53 -25.68 4.15 46.40
N MET D 54 -25.53 5.35 45.86
CA MET D 54 -25.09 5.50 44.48
C MET D 54 -23.61 5.83 44.46
N GLU D 55 -22.83 4.97 43.81
CA GLU D 55 -21.41 5.23 43.61
C GLU D 55 -21.23 6.10 42.38
N VAL D 56 -20.76 7.33 42.59
CA VAL D 56 -20.58 8.30 41.52
C VAL D 56 -19.09 8.42 41.27
N LYS D 57 -18.59 7.68 40.27
CA LYS D 57 -17.18 7.75 39.90
C LYS D 57 -16.98 8.93 38.96
N PHE D 58 -16.98 10.13 39.54
CA PHE D 58 -16.93 11.37 38.77
C PHE D 58 -15.61 11.59 38.05
N GLU D 59 -14.59 10.77 38.30
CA GLU D 59 -13.29 10.98 37.69
C GLU D 59 -13.30 10.65 36.21
N GLY D 60 -14.18 9.75 35.77
CA GLY D 60 -14.31 9.39 34.38
C GLY D 60 -15.36 10.14 33.61
N CYS D 61 -15.96 11.14 34.25
CA CYS D 61 -17.04 11.93 33.60
C CYS D 61 -16.51 12.59 32.33
N LEU D 62 -17.22 12.37 31.23
CA LEU D 62 -16.95 12.96 29.93
C LEU D 62 -17.65 14.30 29.73
N GLU D 63 -18.32 14.80 30.76
CA GLU D 63 -18.91 16.14 30.81
C GLU D 63 -19.98 16.35 29.74
N CYS D 64 -20.57 15.24 29.29
CA CYS D 64 -21.60 15.33 28.22
C CYS D 64 -22.82 16.05 28.78
N GLY D 65 -23.35 15.57 29.90
CA GLY D 65 -24.50 16.21 30.52
C GLY D 65 -25.76 15.38 30.47
N THR D 66 -25.63 14.12 30.05
CA THR D 66 -26.77 13.23 29.89
C THR D 66 -27.44 12.96 31.22
N CYS D 67 -26.63 12.66 32.24
CA CYS D 67 -27.13 12.28 33.59
C CYS D 67 -28.07 13.36 34.14
N ARG D 68 -27.71 14.63 34.02
CA ARG D 68 -28.54 15.70 34.55
C ARG D 68 -29.88 15.75 33.82
N ILE D 69 -29.87 15.42 32.54
CA ILE D 69 -31.05 15.56 31.70
C ILE D 69 -31.90 14.30 31.76
N VAL D 70 -31.27 13.13 31.78
CA VAL D 70 -32.04 11.88 31.75
C VAL D 70 -32.64 11.59 33.11
N CYS D 71 -32.12 12.25 34.17
CA CYS D 71 -32.67 12.02 35.53
C CYS D 71 -34.05 12.68 35.60
N PRO D 72 -35.13 11.92 35.86
CA PRO D 72 -36.49 12.45 35.87
C PRO D 72 -36.79 13.35 37.05
N PHE D 73 -36.07 13.20 38.16
CA PHE D 73 -36.38 13.94 39.36
C PHE D 73 -35.46 15.13 39.60
N GLY D 74 -34.45 15.33 38.78
CA GLY D 74 -33.64 16.52 38.92
C GLY D 74 -32.62 16.48 40.04
N ASN D 75 -32.43 15.33 40.68
CA ASN D 75 -31.53 15.26 41.85
C ASN D 75 -30.13 14.83 41.44
N ILE D 76 -29.59 15.52 40.44
CA ILE D 76 -28.16 15.44 40.14
C ILE D 76 -27.67 16.87 40.09
N GLU D 77 -26.92 17.29 41.11
CA GLU D 77 -26.26 18.58 41.09
C GLU D 77 -25.12 18.47 40.10
N TRP D 78 -25.37 18.85 38.87
CA TRP D 78 -24.42 18.67 37.78
C TRP D 78 -23.72 19.99 37.52
N ASN D 79 -22.40 19.97 37.59
CA ASN D 79 -21.58 21.08 37.16
C ASN D 79 -20.57 20.57 36.16
N TYR D 80 -20.01 21.47 35.39
CA TYR D 80 -18.77 21.19 34.74
C TYR D 80 -17.67 21.17 35.80
N PRO D 81 -16.58 20.45 35.56
CA PRO D 81 -15.39 20.64 36.38
C PRO D 81 -14.84 22.04 36.17
N ARG D 82 -13.91 22.42 37.04
CA ARG D 82 -13.31 23.73 36.95
C ARG D 82 -12.47 23.86 35.68
N GLY D 83 -11.98 25.07 35.44
CA GLY D 83 -11.10 25.28 34.31
C GLY D 83 -9.82 24.48 34.47
N ASN D 84 -9.34 23.93 33.36
CA ASN D 84 -8.19 23.02 33.28
C ASN D 84 -8.44 21.73 34.07
N TYR D 85 -9.68 21.25 34.08
CA TYR D 85 -9.97 20.00 34.78
C TYR D 85 -11.02 19.22 34.01
N GLY D 86 -11.11 17.93 34.31
CA GLY D 86 -12.05 17.05 33.65
C GLY D 86 -11.45 16.35 32.45
N VAL D 87 -12.26 16.00 31.45
CA VAL D 87 -11.71 15.49 30.20
C VAL D 87 -10.89 16.56 29.51
N LEU D 88 -9.80 16.14 28.88
CA LEU D 88 -9.00 17.02 28.04
C LEU D 88 -8.87 16.27 26.73
N TYR D 89 -9.79 16.51 25.82
CA TYR D 89 -9.84 15.77 24.57
C TYR D 89 -8.67 16.18 23.68
N LYS D 90 -7.79 15.23 23.41
CA LYS D 90 -6.79 15.38 22.37
C LYS D 90 -7.39 14.81 21.09
N PHE D 91 -7.21 15.54 19.98
CA PHE D 91 -7.92 15.35 18.69
C PHE D 91 -9.39 14.97 18.87
N GLY D 92 -10.12 15.87 19.52
CA GLY D 92 -11.51 15.64 19.83
C GLY D 92 -12.47 15.64 18.65
N HIS E 11 14.45 -47.00 -44.71
CA HIS E 11 13.85 -45.79 -44.14
C HIS E 11 14.87 -45.02 -43.31
N ALA E 12 14.76 -43.71 -43.32
CA ALA E 12 15.64 -42.83 -42.55
C ALA E 12 15.07 -42.60 -41.16
N ASN E 13 15.92 -42.08 -40.28
CA ASN E 13 15.51 -41.67 -38.95
C ASN E 13 15.78 -40.18 -38.82
N VAL E 14 14.71 -39.39 -38.74
CA VAL E 14 14.82 -37.96 -38.59
C VAL E 14 14.47 -37.60 -37.15
N VAL E 15 15.22 -36.66 -36.58
CA VAL E 15 14.91 -36.11 -35.26
C VAL E 15 14.87 -34.61 -35.40
N VAL E 16 13.76 -34.00 -34.99
CA VAL E 16 13.58 -32.56 -35.12
C VAL E 16 13.62 -31.97 -33.72
N CYS E 17 14.70 -31.28 -33.40
CA CYS E 17 14.77 -30.56 -32.14
C CYS E 17 14.02 -29.25 -32.28
N ILE E 18 12.89 -29.13 -31.60
CA ILE E 18 12.10 -27.89 -31.60
C ILE E 18 12.14 -27.29 -30.21
N LYS E 19 11.90 -25.98 -30.16
CA LYS E 19 11.95 -25.25 -28.91
C LYS E 19 10.66 -24.45 -28.74
N GLN E 20 10.06 -24.54 -27.57
CA GLN E 20 8.89 -23.72 -27.26
C GLN E 20 9.32 -22.30 -26.98
N VAL E 21 8.82 -21.36 -27.77
CA VAL E 21 9.28 -19.98 -27.76
C VAL E 21 8.05 -19.12 -27.50
N PRO E 22 8.14 -18.06 -26.69
CA PRO E 22 7.01 -17.13 -26.57
C PRO E 22 6.71 -16.42 -27.88
N ASP E 23 5.46 -16.03 -28.06
CA ASP E 23 5.07 -15.39 -29.31
C ASP E 23 5.61 -13.97 -29.36
N THR E 24 6.81 -13.83 -29.92
CA THR E 24 7.54 -12.57 -29.88
C THR E 24 6.99 -11.51 -30.82
N THR E 25 6.03 -11.85 -31.68
CA THR E 25 5.26 -10.82 -32.35
C THR E 25 4.40 -10.03 -31.37
N ASN E 26 4.05 -10.63 -30.24
CA ASN E 26 3.28 -9.98 -29.20
C ASN E 26 4.11 -9.61 -27.98
N VAL E 27 5.27 -10.21 -27.78
CA VAL E 27 6.16 -9.82 -26.70
C VAL E 27 6.76 -8.47 -27.07
N ARG E 28 6.26 -7.41 -26.44
CA ARG E 28 6.59 -6.06 -26.85
C ARG E 28 7.21 -5.32 -25.67
N ILE E 29 7.77 -4.15 -25.97
CA ILE E 29 8.46 -3.33 -25.00
C ILE E 29 7.48 -2.30 -24.46
N ASP E 30 7.29 -2.31 -23.15
CA ASP E 30 6.54 -1.27 -22.45
C ASP E 30 7.54 -0.29 -21.86
N ARG E 31 7.52 0.95 -22.35
CA ARG E 31 8.53 1.93 -21.95
C ARG E 31 8.34 2.43 -20.52
N LYS E 32 7.11 2.38 -20.00
CA LYS E 32 6.84 3.02 -18.71
C LYS E 32 7.24 2.12 -17.55
N THR E 33 7.13 0.81 -17.72
CA THR E 33 7.72 -0.08 -16.74
C THR E 33 9.13 -0.51 -17.10
N ASN E 34 9.59 -0.17 -18.32
CA ASN E 34 10.92 -0.51 -18.85
C ASN E 34 11.19 -2.01 -18.77
N ASN E 35 10.24 -2.80 -19.30
CA ASN E 35 10.37 -4.25 -19.27
C ASN E 35 9.62 -4.83 -20.45
N LEU E 36 9.85 -6.12 -20.70
CA LEU E 36 9.07 -6.86 -21.68
C LEU E 36 7.76 -7.29 -21.04
N VAL E 37 6.64 -6.89 -21.64
CA VAL E 37 5.33 -7.35 -21.19
C VAL E 37 5.05 -8.64 -21.94
N ARG E 38 5.59 -9.74 -21.41
CA ARG E 38 5.44 -11.06 -21.98
C ARG E 38 4.53 -11.96 -21.14
N GLU E 39 3.87 -11.41 -20.13
CA GLU E 39 2.92 -12.18 -19.36
C GLU E 39 1.61 -12.31 -20.12
N GLY E 40 1.00 -13.49 -20.05
CA GLY E 40 -0.19 -13.79 -20.80
C GLY E 40 0.04 -14.23 -22.22
N VAL E 41 1.18 -13.87 -22.82
CA VAL E 41 1.51 -14.22 -24.20
C VAL E 41 1.81 -15.72 -24.26
N PRO E 42 1.04 -16.48 -25.04
CA PRO E 42 1.25 -17.93 -25.05
C PRO E 42 2.49 -18.30 -25.83
N SER E 43 3.02 -19.48 -25.49
CA SER E 43 4.25 -19.95 -26.09
C SER E 43 3.95 -20.88 -27.26
N ILE E 44 4.70 -20.73 -28.34
CA ILE E 44 4.44 -21.43 -29.58
C ILE E 44 5.65 -22.26 -29.95
N ILE E 45 5.59 -22.94 -31.10
CA ILE E 45 6.81 -23.43 -31.72
C ILE E 45 7.64 -22.24 -32.15
N ASN E 46 8.95 -22.40 -32.12
CA ASN E 46 9.83 -21.47 -32.79
C ASN E 46 9.51 -21.46 -34.28
N PRO E 47 9.30 -20.30 -34.89
CA PRO E 47 8.89 -20.25 -36.31
C PRO E 47 9.96 -20.73 -37.27
N ASP E 48 11.24 -20.74 -36.88
CA ASP E 48 12.25 -21.43 -37.67
C ASP E 48 12.10 -22.94 -37.60
N ASP E 49 11.44 -23.45 -36.57
CA ASP E 49 11.26 -24.89 -36.41
C ASP E 49 9.97 -25.40 -37.02
N GLU E 50 9.01 -24.53 -37.31
CA GLU E 50 7.85 -24.98 -38.08
C GLU E 50 8.23 -25.31 -39.51
N ARG E 51 9.28 -24.67 -40.03
CA ARG E 51 9.80 -25.04 -41.34
C ARG E 51 10.58 -26.35 -41.25
N ALA E 52 11.19 -26.61 -40.10
CA ALA E 52 11.89 -27.88 -39.90
C ALA E 52 10.91 -29.02 -39.75
N LEU E 53 9.77 -28.78 -39.10
CA LEU E 53 8.77 -29.82 -38.94
C LEU E 53 8.04 -30.09 -40.25
N GLU E 54 7.84 -29.06 -41.07
CA GLU E 54 7.17 -29.25 -42.34
C GLU E 54 8.07 -30.00 -43.32
N LEU E 55 9.38 -29.73 -43.28
CA LEU E 55 10.33 -30.50 -44.07
C LEU E 55 10.38 -31.96 -43.62
N ALA E 56 10.26 -32.18 -42.30
CA ALA E 56 10.26 -33.54 -41.78
C ALA E 56 8.99 -34.28 -42.16
N SER E 57 7.87 -33.58 -42.24
CA SER E 57 6.64 -34.21 -42.71
C SER E 57 6.68 -34.45 -44.21
N GLN E 58 7.42 -33.62 -44.94
CA GLN E 58 7.66 -33.90 -46.36
C GLN E 58 8.58 -35.09 -46.54
N LEU E 59 9.58 -35.24 -45.66
CA LEU E 59 10.46 -36.39 -45.67
C LEU E 59 9.78 -37.67 -45.22
N LYS E 60 8.64 -37.56 -44.54
CA LYS E 60 7.89 -38.72 -44.08
C LYS E 60 6.92 -39.24 -45.13
N GLU E 61 6.37 -38.35 -45.95
CA GLU E 61 5.45 -38.80 -46.99
C GLU E 61 6.14 -39.10 -48.30
N LYS E 62 7.43 -38.78 -48.43
CA LYS E 62 8.18 -39.07 -49.63
C LYS E 62 9.05 -40.32 -49.50
N PHE E 63 9.59 -40.56 -48.31
CA PHE E 63 10.51 -41.67 -48.10
C PHE E 63 10.16 -42.55 -46.91
N GLY E 64 9.12 -42.20 -46.15
CA GLY E 64 8.71 -43.02 -45.02
C GLY E 64 9.70 -42.99 -43.88
N ALA E 65 10.28 -41.82 -43.61
CA ALA E 65 11.26 -41.67 -42.55
C ALA E 65 10.54 -41.54 -41.20
N THR E 66 11.00 -42.31 -40.23
CA THR E 66 10.39 -42.26 -38.90
C THR E 66 10.86 -41.03 -38.16
N VAL E 67 10.02 -39.99 -38.14
CA VAL E 67 10.44 -38.71 -37.57
C VAL E 67 10.08 -38.65 -36.09
N TYR E 68 11.05 -38.35 -35.26
CA TYR E 68 10.83 -38.02 -33.85
C TYR E 68 11.01 -36.52 -33.68
N VAL E 69 10.43 -35.97 -32.63
CA VAL E 69 10.61 -34.57 -32.28
C VAL E 69 10.92 -34.49 -30.79
N ILE E 70 11.95 -33.71 -30.44
CA ILE E 70 12.47 -33.70 -29.09
C ILE E 70 12.54 -32.26 -28.60
N THR E 71 12.21 -32.05 -27.33
CA THR E 71 12.28 -30.73 -26.71
C THR E 71 12.81 -30.87 -25.30
N MET E 72 13.85 -30.10 -24.99
CA MET E 72 14.33 -29.94 -23.63
C MET E 72 13.78 -28.61 -23.14
N GLY E 73 12.75 -28.67 -22.31
CA GLY E 73 12.12 -27.46 -21.85
C GLY E 73 11.32 -27.63 -20.57
N PRO E 74 10.51 -26.63 -20.25
CA PRO E 74 9.67 -26.69 -19.05
C PRO E 74 8.55 -27.71 -19.20
N PRO E 75 7.81 -28.02 -18.13
CA PRO E 75 6.65 -28.92 -18.29
C PRO E 75 5.53 -28.34 -19.15
N GLN E 76 5.49 -27.03 -19.34
CA GLN E 76 4.52 -26.43 -20.25
C GLN E 76 4.90 -26.59 -21.71
N ALA E 77 6.08 -27.13 -22.01
CA ALA E 77 6.53 -27.34 -23.38
C ALA E 77 6.10 -28.68 -23.94
N LYS E 78 5.23 -29.41 -23.24
CA LYS E 78 4.62 -30.59 -23.84
C LYS E 78 3.50 -30.23 -24.80
N GLU E 79 3.03 -28.98 -24.77
CA GLU E 79 2.03 -28.54 -25.72
C GLU E 79 2.66 -28.13 -27.05
N ALA E 80 3.93 -27.73 -27.03
CA ALA E 80 4.67 -27.55 -28.27
C ALA E 80 4.97 -28.90 -28.91
N LEU E 81 5.28 -29.90 -28.09
CA LEU E 81 5.53 -31.23 -28.62
C LEU E 81 4.27 -31.87 -29.18
N LYS E 82 3.11 -31.47 -28.70
CA LYS E 82 1.87 -31.96 -29.30
C LYS E 82 1.54 -31.22 -30.58
N ASP E 83 1.94 -29.95 -30.70
CA ASP E 83 1.74 -29.23 -31.96
C ASP E 83 2.67 -29.70 -33.06
N ALA E 84 3.73 -30.45 -32.73
CA ALA E 84 4.60 -31.03 -33.73
C ALA E 84 4.06 -32.34 -34.28
N ILE E 85 3.24 -33.05 -33.49
CA ILE E 85 2.61 -34.27 -33.95
C ILE E 85 1.48 -33.97 -34.92
N ALA E 86 0.95 -32.74 -34.88
CA ALA E 86 -0.07 -32.31 -35.84
C ALA E 86 0.47 -32.24 -37.26
N PHE E 87 1.78 -32.14 -37.45
CA PHE E 87 2.39 -32.19 -38.77
C PHE E 87 2.36 -33.59 -39.38
N GLY E 88 2.06 -34.62 -38.60
CA GLY E 88 2.06 -35.98 -39.08
C GLY E 88 3.20 -36.81 -38.58
N LEU E 89 3.91 -36.37 -37.55
CA LEU E 89 5.13 -37.01 -37.10
C LEU E 89 4.80 -38.25 -36.28
N ASP E 90 5.80 -39.11 -36.10
CA ASP E 90 5.57 -40.35 -35.37
C ASP E 90 5.53 -40.13 -33.86
N GLU E 91 6.64 -39.69 -33.28
CA GLU E 91 6.75 -39.65 -31.83
C GLU E 91 7.28 -38.30 -31.38
N ALA E 92 6.93 -37.94 -30.15
CA ALA E 92 7.46 -36.77 -29.49
C ALA E 92 8.15 -37.22 -28.21
N VAL E 93 9.21 -36.50 -27.85
CA VAL E 93 10.05 -36.85 -26.71
C VAL E 93 10.28 -35.59 -25.90
N HIS E 94 9.98 -35.65 -24.62
CA HIS E 94 10.15 -34.52 -23.72
C HIS E 94 11.31 -34.79 -22.77
N LEU E 95 12.23 -33.85 -22.68
CA LEU E 95 13.29 -33.88 -21.69
C LEU E 95 12.88 -32.88 -20.62
N SER E 96 12.03 -33.32 -19.70
CA SER E 96 11.44 -32.45 -18.70
C SER E 96 12.02 -32.77 -17.33
N ASP E 97 12.79 -31.82 -16.80
CA ASP E 97 13.42 -31.91 -15.50
C ASP E 97 13.94 -30.52 -15.18
N ARG E 98 13.86 -30.14 -13.90
CA ARG E 98 14.48 -28.87 -13.52
C ARG E 98 15.94 -29.05 -13.15
N THR E 99 16.47 -30.26 -13.32
CA THR E 99 17.89 -30.44 -13.52
C THR E 99 18.37 -29.73 -14.78
N PHE E 100 17.52 -29.61 -15.80
CA PHE E 100 17.86 -28.96 -17.05
C PHE E 100 17.51 -27.48 -17.08
N ALA E 101 17.04 -26.91 -15.98
CA ALA E 101 16.56 -25.54 -15.99
C ALA E 101 17.72 -24.56 -16.01
N GLY E 102 17.50 -23.42 -16.67
CA GLY E 102 18.53 -22.41 -16.80
C GLY E 102 19.69 -22.80 -17.67
N ALA E 103 19.50 -23.78 -18.55
CA ALA E 103 20.56 -24.32 -19.38
C ALA E 103 20.96 -23.33 -20.46
N ASP E 104 22.24 -23.32 -20.78
CA ASP E 104 22.76 -22.58 -21.92
C ASP E 104 22.90 -23.53 -23.10
N THR E 105 23.56 -23.08 -24.17
CA THR E 105 23.67 -23.86 -25.39
C THR E 105 24.52 -25.12 -25.20
N LEU E 106 25.66 -25.02 -24.50
CA LEU E 106 26.45 -26.20 -24.20
C LEU E 106 25.69 -27.16 -23.30
N ALA E 107 24.89 -26.62 -22.37
CA ALA E 107 24.10 -27.46 -21.51
C ALA E 107 22.87 -28.03 -22.21
N THR E 108 22.27 -27.28 -23.14
CA THR E 108 21.16 -27.80 -23.92
C THR E 108 21.64 -28.89 -24.87
N THR E 109 22.75 -28.65 -25.53
CA THR E 109 23.27 -29.62 -26.50
C THR E 109 23.73 -30.90 -25.81
N TYR E 110 24.27 -30.80 -24.59
CA TYR E 110 24.64 -32.00 -23.86
C TYR E 110 23.41 -32.80 -23.46
N THR E 111 22.32 -32.11 -23.12
CA THR E 111 21.06 -32.80 -22.85
C THR E 111 20.46 -33.34 -24.13
N LEU E 112 20.53 -32.56 -25.22
CA LEU E 112 19.96 -33.01 -26.49
C LEU E 112 20.78 -34.10 -27.13
N TYR E 113 22.10 -34.11 -26.92
CA TYR E 113 22.91 -35.23 -27.42
C TYR E 113 22.54 -36.52 -26.71
N TRP E 114 22.38 -36.47 -25.39
CA TRP E 114 21.96 -37.66 -24.67
C TRP E 114 20.46 -37.90 -24.79
N GLY E 115 19.69 -36.91 -25.22
CA GLY E 115 18.29 -37.15 -25.54
C GLY E 115 18.13 -37.89 -26.84
N ILE E 116 18.89 -37.49 -27.87
CA ILE E 116 18.82 -38.18 -29.15
C ILE E 116 19.53 -39.53 -29.08
N LYS E 117 20.52 -39.67 -28.19
CA LYS E 117 21.20 -40.95 -28.02
C LYS E 117 20.28 -42.00 -27.42
N LYS E 118 19.29 -41.59 -26.63
CA LYS E 118 18.29 -42.56 -26.16
C LYS E 118 17.25 -42.85 -27.23
N ILE E 119 16.99 -41.89 -28.12
CA ILE E 119 16.16 -42.14 -29.29
C ILE E 119 16.87 -43.14 -30.22
N GLU E 120 18.20 -43.06 -30.29
CA GLU E 120 18.98 -44.01 -31.08
C GLU E 120 18.92 -45.42 -30.53
N GLU E 121 18.61 -45.58 -29.25
CA GLU E 121 18.39 -46.91 -28.68
C GLU E 121 17.02 -47.48 -29.00
N ARG E 122 16.15 -46.71 -29.68
CA ARG E 122 14.81 -47.15 -30.02
C ARG E 122 14.64 -47.44 -31.50
N ILE E 123 15.09 -46.55 -32.38
CA ILE E 123 14.83 -46.67 -33.80
C ILE E 123 16.08 -46.98 -34.62
N GLY E 124 17.26 -46.58 -34.16
CA GLY E 124 18.49 -46.77 -34.89
C GLY E 124 19.26 -45.48 -34.95
N LYS E 125 20.34 -45.48 -35.74
CA LYS E 125 21.18 -44.31 -35.85
C LYS E 125 20.46 -43.24 -36.65
N ILE E 126 20.51 -42.00 -36.15
CA ILE E 126 19.72 -40.91 -36.71
C ILE E 126 20.36 -40.44 -38.00
N ASP E 127 19.61 -40.51 -39.09
CA ASP E 127 20.10 -40.13 -40.40
C ASP E 127 20.09 -38.63 -40.64
N LEU E 128 19.30 -37.87 -39.89
CA LEU E 128 19.15 -36.45 -40.14
C LEU E 128 18.61 -35.79 -38.88
N ILE E 129 19.22 -34.67 -38.48
CA ILE E 129 18.75 -33.89 -37.35
C ILE E 129 18.37 -32.51 -37.87
N LEU E 130 17.11 -32.14 -37.71
CA LEU E 130 16.61 -30.86 -38.19
C LEU E 130 16.42 -29.92 -37.01
N THR E 131 17.14 -28.82 -37.00
CA THR E 131 16.88 -27.74 -36.06
C THR E 131 16.46 -26.51 -36.83
N GLY E 132 16.12 -25.47 -36.11
CA GLY E 132 15.84 -24.20 -36.73
C GLY E 132 17.06 -23.33 -36.75
N LYS E 133 16.97 -22.24 -37.51
CA LYS E 133 18.10 -21.33 -37.63
C LYS E 133 18.35 -20.59 -36.33
N GLN E 134 17.28 -20.21 -35.64
CA GLN E 134 17.37 -19.49 -34.38
C GLN E 134 16.10 -19.73 -33.59
N ALA E 135 16.24 -19.78 -32.27
CA ALA E 135 15.12 -19.47 -31.42
C ALA E 135 14.92 -17.97 -31.40
N VAL E 136 13.81 -17.52 -30.86
CA VAL E 136 13.62 -16.07 -30.84
C VAL E 136 13.89 -15.49 -29.45
N ASP E 137 13.66 -16.26 -28.39
CA ASP E 137 14.10 -15.87 -27.06
C ASP E 137 15.55 -16.30 -26.89
N GLY E 138 16.46 -15.34 -26.82
CA GLY E 138 17.87 -15.66 -26.83
C GLY E 138 18.28 -16.21 -28.18
N ASP E 139 18.22 -15.37 -29.22
CA ASP E 139 18.47 -15.79 -30.59
C ASP E 139 19.96 -15.99 -30.84
N THR E 140 20.48 -17.10 -30.30
CA THR E 140 21.89 -17.42 -30.49
C THR E 140 22.11 -18.27 -31.73
N GLY E 141 21.32 -19.33 -31.89
CA GLY E 141 21.45 -20.18 -33.05
C GLY E 141 22.64 -21.11 -33.00
N GLN E 142 23.12 -21.44 -31.81
CA GLN E 142 24.30 -22.28 -31.67
C GLN E 142 23.98 -23.72 -31.30
N VAL E 143 22.70 -24.05 -31.07
CA VAL E 143 22.34 -25.41 -30.71
C VAL E 143 22.48 -26.34 -31.91
N GLY E 144 22.05 -25.88 -33.08
CA GLY E 144 22.22 -26.61 -34.31
C GLY E 144 23.66 -26.87 -34.71
N PRO E 145 24.49 -25.82 -34.74
CA PRO E 145 25.94 -26.06 -34.86
C PRO E 145 26.54 -26.89 -33.75
N GLY E 146 26.08 -26.73 -32.51
CA GLY E 146 26.61 -27.52 -31.42
C GLY E 146 26.23 -28.99 -31.50
N LEU E 147 25.04 -29.28 -32.02
CA LEU E 147 24.58 -30.67 -32.11
C LEU E 147 25.30 -31.45 -33.20
N ALA E 148 25.82 -30.78 -34.21
CA ALA E 148 26.56 -31.49 -35.25
C ALA E 148 27.95 -31.90 -34.80
N THR E 149 28.44 -31.32 -33.71
CA THR E 149 29.78 -31.57 -33.21
C THR E 149 29.79 -32.72 -32.19
N ARG E 150 28.73 -32.84 -31.39
CA ARG E 150 28.60 -33.95 -30.46
C ARG E 150 28.51 -35.28 -31.21
N PHE E 151 27.66 -35.34 -32.22
CA PHE E 151 27.53 -36.55 -33.02
C PHE E 151 28.66 -36.69 -34.02
N GLY E 152 29.38 -35.62 -34.32
CA GLY E 152 30.34 -35.65 -35.41
C GLY E 152 29.65 -35.76 -36.75
N TYR E 153 28.57 -35.01 -36.95
CA TYR E 153 27.80 -35.06 -38.17
C TYR E 153 28.11 -33.87 -39.06
N ALA E 154 27.72 -33.96 -40.31
CA ALA E 154 27.90 -32.87 -41.25
C ALA E 154 26.90 -31.76 -40.94
N LEU E 155 27.41 -30.56 -40.69
CA LEU E 155 26.56 -29.42 -40.38
C LEU E 155 26.22 -28.69 -41.66
N GLY E 156 24.98 -28.81 -42.11
CA GLY E 156 24.49 -27.91 -43.12
C GLY E 156 23.58 -26.88 -42.51
N ALA E 157 24.10 -25.68 -42.27
CA ALA E 157 23.34 -24.65 -41.59
C ALA E 157 22.78 -23.65 -42.60
N TYR E 158 21.73 -22.94 -42.18
CA TYR E 158 21.04 -21.91 -42.96
C TYR E 158 20.52 -22.45 -44.29
N VAL E 159 19.78 -23.55 -44.21
CA VAL E 159 19.28 -24.23 -45.40
C VAL E 159 18.12 -23.44 -45.99
N VAL E 160 18.21 -23.13 -47.28
CA VAL E 160 17.14 -22.45 -47.99
C VAL E 160 16.43 -23.39 -48.97
N ARG E 161 17.13 -24.34 -49.57
CA ARG E 161 16.49 -25.29 -50.47
C ARG E 161 17.00 -26.69 -50.18
N ILE E 162 16.23 -27.67 -50.59
CA ILE E 162 16.58 -29.08 -50.52
C ILE E 162 16.41 -29.64 -51.93
N GLU E 163 17.51 -30.05 -52.55
CA GLU E 163 17.47 -30.56 -53.94
C GLU E 163 17.32 -32.08 -53.93
N GLU E 164 18.44 -32.81 -54.06
CA GLU E 164 18.40 -34.29 -54.10
C GLU E 164 18.64 -34.84 -52.68
N ILE E 165 17.62 -35.44 -52.08
CA ILE E 165 17.74 -36.05 -50.72
C ILE E 165 17.92 -37.56 -50.93
N ASP E 166 18.91 -37.94 -51.74
CA ASP E 166 19.22 -39.35 -52.08
C ASP E 166 19.19 -40.23 -50.83
N PRO E 167 18.17 -41.11 -50.67
CA PRO E 167 18.08 -41.99 -49.50
C PRO E 167 18.89 -43.28 -49.71
N GLU E 168 19.35 -43.51 -50.94
CA GLU E 168 20.13 -44.73 -51.28
C GLU E 168 21.62 -44.46 -51.05
N LYS E 169 22.09 -43.25 -51.41
CA LYS E 169 23.52 -42.89 -51.24
C LYS E 169 23.75 -42.26 -49.86
N LYS E 170 22.69 -42.10 -49.08
CA LYS E 170 22.79 -41.51 -47.71
C LYS E 170 23.55 -40.18 -47.81
N GLU E 171 23.18 -39.34 -48.78
CA GLU E 171 23.83 -38.02 -48.97
C GLU E 171 22.82 -37.10 -49.68
N MET E 172 22.67 -35.86 -49.20
CA MET E 172 21.69 -34.93 -49.81
C MET E 172 22.32 -33.57 -50.09
N VAL E 173 21.77 -32.87 -51.08
CA VAL E 173 22.21 -31.55 -51.54
C VAL E 173 21.27 -30.51 -50.97
N ILE E 174 21.83 -29.60 -50.17
CA ILE E 174 21.13 -28.46 -49.63
C ILE E 174 21.63 -27.22 -50.35
N VAL E 175 21.00 -26.08 -50.06
CA VAL E 175 21.48 -24.78 -50.52
C VAL E 175 21.61 -23.91 -49.27
N ARG E 176 22.80 -23.86 -48.71
CA ARG E 176 23.07 -23.06 -47.53
C ARG E 176 23.21 -21.60 -47.91
N ARG E 177 22.59 -20.71 -47.14
CA ARG E 177 22.77 -19.28 -47.31
C ARG E 177 23.97 -18.80 -46.51
N LEU E 178 24.87 -18.09 -47.18
CA LEU E 178 25.94 -17.36 -46.53
C LEU E 178 25.82 -15.88 -46.88
N ASP E 179 26.80 -15.10 -46.45
CA ASP E 179 26.71 -13.66 -46.69
C ASP E 179 27.22 -13.26 -48.07
N GLN E 180 28.15 -14.01 -48.64
CA GLN E 180 28.57 -13.75 -50.01
C GLN E 180 27.59 -14.35 -51.02
N GLY E 181 26.68 -15.21 -50.58
CA GLY E 181 25.73 -15.83 -51.47
C GLY E 181 25.38 -17.23 -51.05
N PHE E 182 24.40 -17.82 -51.72
CA PHE E 182 24.02 -19.20 -51.45
C PHE E 182 25.06 -20.15 -52.04
N GLU E 183 25.03 -21.39 -51.57
CA GLU E 183 25.93 -22.41 -52.12
C GLU E 183 25.29 -23.78 -51.98
N LYS E 184 25.32 -24.55 -53.07
CA LYS E 184 24.89 -25.94 -53.02
C LYS E 184 25.97 -26.77 -52.36
N ILE E 185 25.56 -27.68 -51.48
CA ILE E 185 26.50 -28.46 -50.66
C ILE E 185 26.02 -29.90 -50.66
N ARG E 186 26.89 -30.82 -51.07
CA ARG E 186 26.60 -32.25 -50.97
C ARG E 186 26.89 -32.69 -49.54
N LEU E 187 25.88 -32.64 -48.70
CA LEU E 187 26.03 -33.14 -47.34
C LEU E 187 26.05 -34.67 -47.35
N LYS E 188 26.78 -35.23 -46.40
CA LYS E 188 26.87 -36.68 -46.24
C LYS E 188 26.06 -37.07 -45.01
N LEU E 189 25.02 -37.87 -45.22
CA LEU E 189 24.22 -38.36 -44.10
C LEU E 189 25.02 -39.37 -43.29
N PRO E 190 24.94 -39.33 -41.95
CA PRO E 190 24.10 -38.53 -41.06
C PRO E 190 24.52 -37.07 -40.92
N ALA E 191 23.57 -36.16 -41.11
CA ALA E 191 23.84 -34.74 -41.10
C ALA E 191 22.93 -34.06 -40.09
N VAL E 192 23.29 -32.84 -39.73
CA VAL E 192 22.50 -32.00 -38.84
C VAL E 192 22.15 -30.75 -39.62
N LEU E 193 20.91 -30.67 -40.11
CA LEU E 193 20.49 -29.49 -40.82
C LEU E 193 20.10 -28.39 -39.86
N THR E 194 19.89 -27.19 -40.40
CA THR E 194 19.53 -26.03 -39.61
C THR E 194 18.73 -25.12 -40.53
N ILE E 195 17.43 -25.10 -40.34
CA ILE E 195 16.47 -24.64 -41.35
C ILE E 195 16.10 -23.19 -41.08
N THR E 196 16.01 -22.40 -42.15
CA THR E 196 15.56 -21.02 -42.08
C THR E 196 14.05 -20.92 -42.32
N ASP E 197 13.55 -19.69 -42.38
CA ASP E 197 12.15 -19.47 -42.71
C ASP E 197 11.87 -19.68 -44.19
N GLU E 198 12.88 -19.50 -45.04
CA GLU E 198 12.66 -19.46 -46.48
C GLU E 198 12.66 -20.82 -47.13
N LEU E 199 12.74 -21.91 -46.36
CA LEU E 199 12.75 -23.24 -46.96
C LEU E 199 11.40 -23.60 -47.54
N ASN E 200 10.35 -23.51 -46.73
CA ASN E 200 9.01 -23.84 -47.17
C ASN E 200 8.02 -22.99 -46.38
N LYS E 201 6.75 -23.23 -46.59
CA LYS E 201 5.70 -22.69 -45.76
C LYS E 201 4.98 -23.84 -45.09
N PRO E 202 4.81 -23.83 -43.77
CA PRO E 202 4.26 -25.00 -43.08
C PRO E 202 2.79 -25.22 -43.40
N ARG E 203 2.41 -26.48 -43.43
CA ARG E 203 1.09 -26.86 -43.90
C ARG E 203 0.03 -26.53 -42.87
N TYR E 204 -1.19 -26.32 -43.37
CA TYR E 204 -2.37 -26.35 -42.52
C TYR E 204 -2.67 -27.82 -42.21
N ALA E 205 -2.56 -28.19 -40.94
CA ALA E 205 -2.65 -29.59 -40.55
C ALA E 205 -4.05 -30.13 -40.74
N ASP E 206 -4.13 -31.39 -41.18
CA ASP E 206 -5.42 -32.05 -41.31
C ASP E 206 -5.95 -32.46 -39.95
N LEU E 207 -7.26 -32.71 -39.89
CA LEU E 207 -7.84 -33.19 -38.63
C LEU E 207 -7.39 -34.57 -38.13
N PRO E 208 -7.19 -35.62 -38.94
CA PRO E 208 -6.73 -36.89 -38.35
C PRO E 208 -5.36 -36.83 -37.70
N ASN E 209 -4.50 -35.90 -38.11
CA ASN E 209 -3.25 -35.68 -37.42
C ASN E 209 -3.40 -34.72 -36.25
N LEU E 210 -4.28 -33.72 -36.37
CA LEU E 210 -4.49 -32.79 -35.27
C LEU E 210 -5.25 -33.43 -34.12
N ILE E 211 -6.23 -34.28 -34.44
CA ILE E 211 -6.95 -35.02 -33.40
C ILE E 211 -6.02 -36.00 -32.72
N ARG E 212 -5.15 -36.67 -33.49
CA ARG E 212 -4.11 -37.52 -32.91
C ARG E 212 -3.11 -36.71 -32.10
N ALA E 213 -2.89 -35.45 -32.49
CA ALA E 213 -1.98 -34.58 -31.72
C ALA E 213 -2.57 -34.20 -30.38
N ILE E 214 -3.90 -34.14 -30.27
CA ILE E 214 -4.53 -33.75 -29.01
C ILE E 214 -4.46 -34.89 -28.00
N ARG E 215 -4.85 -36.09 -28.41
CA ARG E 215 -4.78 -37.24 -27.51
C ARG E 215 -3.45 -37.97 -27.64
N TYR E 216 -2.36 -37.23 -27.54
CA TYR E 216 -1.02 -37.79 -27.59
C TYR E 216 -0.25 -37.32 -26.35
N GLU E 217 0.51 -38.24 -25.76
CA GLU E 217 1.35 -37.91 -24.62
C GLU E 217 2.81 -38.10 -25.00
N PRO E 218 3.60 -37.03 -25.03
CA PRO E 218 5.02 -37.18 -25.37
C PRO E 218 5.78 -37.94 -24.29
N ILE E 219 6.79 -38.69 -24.74
CA ILE E 219 7.59 -39.54 -23.87
C ILE E 219 8.47 -38.63 -23.02
N VAL E 220 8.20 -38.57 -21.72
CA VAL E 220 8.95 -37.70 -20.82
C VAL E 220 10.15 -38.46 -20.27
N TRP E 221 11.33 -37.85 -20.39
CA TRP E 221 12.57 -38.42 -19.89
C TRP E 221 13.22 -37.42 -18.95
N THR E 222 13.48 -37.84 -17.71
CA THR E 222 14.17 -37.02 -16.75
C THR E 222 15.68 -37.19 -16.89
N HIS E 223 16.44 -36.62 -15.96
CA HIS E 223 17.88 -36.77 -16.01
C HIS E 223 18.35 -38.14 -15.57
N LYS E 224 17.53 -38.88 -14.82
CA LYS E 224 17.84 -40.27 -14.52
C LYS E 224 17.57 -41.17 -15.71
N ASP E 225 16.61 -40.79 -16.57
CA ASP E 225 16.26 -41.61 -17.73
C ASP E 225 17.38 -41.62 -18.77
N LEU E 226 18.12 -40.52 -18.90
CA LEU E 226 19.15 -40.42 -19.92
C LEU E 226 20.50 -40.98 -19.47
N GLY E 227 20.81 -40.90 -18.18
CA GLY E 227 22.06 -41.40 -17.67
C GLY E 227 23.19 -40.41 -17.68
N LEU E 228 22.91 -39.13 -17.90
CA LEU E 228 23.93 -38.10 -18.01
C LEU E 228 24.41 -37.65 -16.63
N ASP E 229 25.40 -36.76 -16.63
CA ASP E 229 25.92 -36.19 -15.39
C ASP E 229 24.88 -35.23 -14.80
N PRO E 230 24.65 -35.28 -13.48
CA PRO E 230 23.56 -34.48 -12.90
C PRO E 230 23.82 -32.99 -12.86
N LYS E 231 25.07 -32.54 -12.97
CA LYS E 231 25.36 -31.10 -12.96
C LYS E 231 26.15 -30.67 -14.18
N LYS E 232 26.00 -31.37 -15.29
CA LYS E 232 26.49 -30.93 -16.59
C LYS E 232 25.37 -30.43 -17.50
N CYS E 233 24.21 -30.10 -16.93
CA CYS E 233 23.03 -29.82 -17.76
C CYS E 233 22.28 -28.57 -17.37
N GLY E 234 22.43 -28.10 -16.14
CA GLY E 234 21.63 -26.97 -15.72
C GLY E 234 22.38 -25.65 -15.63
N PHE E 235 22.30 -25.01 -14.47
CA PHE E 235 23.07 -23.84 -14.15
C PHE E 235 24.53 -24.17 -13.86
N PHE E 236 24.83 -25.43 -13.58
CA PHE E 236 26.19 -25.87 -13.28
C PHE E 236 26.94 -26.34 -14.51
N GLY E 237 26.25 -26.95 -15.47
CA GLY E 237 26.84 -27.27 -16.76
C GLY E 237 26.82 -26.11 -17.73
N SER E 238 26.29 -24.97 -17.30
CA SER E 238 26.30 -23.74 -18.06
C SER E 238 27.60 -22.99 -17.79
N PRO E 239 28.48 -22.83 -18.78
CA PRO E 239 29.65 -21.98 -18.58
C PRO E 239 29.27 -20.54 -18.43
N THR E 240 28.51 -20.04 -19.40
CA THR E 240 28.05 -18.67 -19.35
C THR E 240 26.93 -18.51 -18.33
N ARG E 241 26.79 -17.29 -17.80
CA ARG E 241 25.74 -16.95 -16.83
C ARG E 241 25.14 -15.63 -17.29
N VAL E 242 23.82 -15.60 -17.45
CA VAL E 242 23.14 -14.35 -17.78
C VAL E 242 23.04 -13.52 -16.50
N VAL E 243 23.81 -12.44 -16.42
CA VAL E 243 23.89 -11.70 -15.17
C VAL E 243 22.87 -10.57 -15.08
N SER E 244 22.42 -10.02 -16.21
CA SER E 244 21.44 -8.95 -16.20
C SER E 244 20.81 -8.84 -17.58
N THR E 245 19.48 -8.79 -17.62
CA THR E 245 18.74 -8.52 -18.84
C THR E 245 18.11 -7.14 -18.74
N ASN E 246 18.28 -6.35 -19.79
CA ASN E 246 17.80 -4.97 -19.79
C ASN E 246 17.31 -4.64 -21.19
N ILE E 247 16.19 -3.94 -21.27
CA ILE E 247 15.61 -3.55 -22.55
C ILE E 247 16.47 -2.47 -23.17
N PRO E 248 16.42 -2.27 -24.50
CA PRO E 248 17.23 -1.24 -25.19
C PRO E 248 16.67 0.16 -24.93
N PRO E 249 17.24 1.23 -25.55
CA PRO E 249 16.75 2.59 -25.35
C PRO E 249 15.62 2.94 -26.33
N ALA E 250 15.18 4.20 -26.33
CA ALA E 250 14.10 4.66 -27.23
C ALA E 250 14.70 5.24 -28.51
N ARG E 251 15.53 4.45 -29.21
CA ARG E 251 16.18 4.90 -30.47
C ARG E 251 16.84 6.26 -30.25
N LYS E 252 16.56 7.21 -31.13
CA LYS E 252 17.15 8.59 -31.03
C LYS E 252 16.35 9.55 -31.91
N GLY E 253 15.75 10.57 -31.31
CA GLY E 253 14.94 11.57 -32.06
C GLY E 253 15.72 12.15 -33.23
N GLY E 254 15.14 12.13 -34.43
CA GLY E 254 15.79 12.66 -35.63
C GLY E 254 15.39 14.10 -35.89
N ASP E 255 15.59 14.58 -37.12
CA ASP E 255 15.24 15.98 -37.50
C ASP E 255 14.98 16.04 -39.01
N ILE E 256 13.89 16.69 -39.43
CA ILE E 256 13.54 16.82 -40.87
C ILE E 256 14.71 17.49 -41.60
N ILE E 257 15.63 16.69 -42.15
CA ILE E 257 16.82 17.22 -42.88
C ILE E 257 16.33 18.20 -43.96
N SER E 258 15.38 17.76 -44.80
CA SER E 258 14.83 18.62 -45.89
C SER E 258 13.44 19.14 -45.48
N LYS E 259 12.57 19.37 -46.47
CA LYS E 259 11.20 19.88 -46.21
C LYS E 259 10.32 19.60 -47.43
N ASN E 260 9.11 20.18 -47.47
CA ASN E 260 8.17 19.99 -48.59
C ASN E 260 8.42 21.07 -49.65
N GLU E 261 9.28 22.04 -49.33
CA GLU E 261 9.61 23.14 -50.28
C GLU E 261 10.67 22.66 -51.27
N ASP E 262 11.84 22.26 -50.77
CA ASP E 262 12.95 21.77 -51.64
C ASP E 262 12.43 20.61 -52.51
N PRO E 263 12.36 20.77 -53.85
CA PRO E 263 11.87 19.70 -54.73
C PRO E 263 12.93 18.60 -54.92
N GLU E 264 14.22 18.97 -54.80
CA GLU E 264 15.33 18.01 -54.96
C GLU E 264 16.49 18.42 -54.05
N VAL E 265 16.65 19.72 -53.81
CA VAL E 265 17.72 20.24 -52.96
C VAL E 265 17.73 19.50 -51.64
N ALA E 266 16.67 18.74 -51.34
CA ALA E 266 16.67 17.83 -50.20
C ALA E 266 17.45 16.55 -50.50
N ALA E 267 17.74 16.29 -51.77
CA ALA E 267 18.44 15.06 -52.13
C ALA E 267 19.90 15.12 -51.73
N GLU E 268 20.57 16.25 -51.98
CA GLU E 268 21.95 16.39 -51.51
C GLU E 268 22.02 16.70 -50.03
N LYS E 269 20.95 17.23 -49.43
CA LYS E 269 20.92 17.40 -47.98
C LYS E 269 20.77 16.06 -47.26
N LEU E 270 20.29 15.03 -47.95
CA LEU E 270 20.33 13.68 -47.41
C LEU E 270 21.75 13.15 -47.39
N ILE E 271 22.47 13.31 -48.51
CA ILE E 271 23.85 12.86 -48.59
C ILE E 271 24.77 13.77 -47.80
N GLU E 272 24.34 15.02 -47.54
CA GLU E 272 25.02 15.87 -46.57
C GLU E 272 25.02 15.23 -45.19
N ALA E 273 23.84 14.77 -44.75
CA ALA E 273 23.68 14.28 -43.40
C ALA E 273 23.88 12.77 -43.27
N LEU E 274 24.08 12.07 -44.39
CA LEU E 274 24.48 10.67 -44.30
C LEU E 274 25.89 10.55 -43.74
N LYS E 275 26.81 11.36 -44.26
CA LYS E 275 28.23 11.28 -43.89
C LYS E 275 28.52 11.73 -42.47
N LYS E 276 27.55 12.26 -41.73
CA LYS E 276 27.74 12.51 -40.31
C LYS E 276 27.56 11.26 -39.46
N PHE E 277 27.09 10.16 -40.04
CA PHE E 277 26.87 8.92 -39.31
C PHE E 277 28.03 7.96 -39.52
N GLU E 278 28.28 7.13 -38.50
CA GLU E 278 29.35 6.16 -38.57
C GLU E 278 29.00 4.98 -39.47
N ALA E 279 27.72 4.62 -39.55
CA ALA E 279 27.30 3.35 -40.15
C ALA E 279 27.41 3.33 -41.67
N VAL E 280 27.66 4.46 -42.31
CA VAL E 280 27.74 4.51 -43.78
C VAL E 280 29.00 3.87 -44.31
N ARG E 281 30.00 3.64 -43.44
CA ARG E 281 31.17 2.84 -43.80
C ARG E 281 30.80 1.39 -44.09
N LEU E 282 29.69 0.92 -43.56
CA LEU E 282 29.31 -0.48 -43.58
C LEU E 282 28.44 -0.86 -44.79
N VAL E 283 28.18 0.10 -45.68
CA VAL E 283 27.20 -0.11 -46.74
C VAL E 283 27.74 -1.04 -47.83
N GLU E 284 29.07 -1.00 -48.06
CA GLU E 284 29.84 -1.66 -49.13
C GLU E 284 29.53 -1.10 -50.52
N ALA E 285 28.77 -0.03 -50.60
CA ALA E 285 28.51 0.64 -51.87
C ALA E 285 28.47 2.15 -51.74
N LEU E 286 28.77 2.71 -50.57
CA LEU E 286 28.91 4.15 -50.38
C LEU E 286 30.32 4.53 -49.96
N LYS E 287 31.29 3.68 -50.27
CA LYS E 287 32.70 4.03 -50.18
C LYS E 287 33.14 5.06 -51.23
N PRO E 288 32.67 5.08 -52.49
CA PRO E 288 33.03 6.20 -53.38
C PRO E 288 32.44 7.55 -53.02
N VAL E 289 31.58 7.67 -51.99
CA VAL E 289 31.17 8.97 -51.49
C VAL E 289 31.66 9.22 -50.08
N LEU E 290 32.30 8.25 -49.44
CA LEU E 290 32.91 8.42 -48.13
C LEU E 290 34.43 8.38 -48.19
N GLU E 291 35.01 7.33 -48.77
CA GLU E 291 36.45 7.28 -48.97
C GLU E 291 36.89 8.26 -50.05
N GLY E 292 36.29 8.17 -51.22
CA GLY E 292 36.61 9.06 -52.33
C GLY E 292 37.68 8.49 -53.24
N MET F 1 51.94 -16.80 -17.78
CA MET F 1 51.60 -15.71 -16.87
C MET F 1 50.90 -14.58 -17.61
N SER F 2 51.68 -13.80 -18.35
CA SER F 2 51.14 -12.72 -19.17
C SER F 2 50.71 -13.18 -20.55
N GLU F 3 51.45 -14.08 -21.18
CA GLU F 3 51.10 -14.61 -22.48
C GLU F 3 50.08 -15.74 -22.40
N LYS F 4 49.53 -16.02 -21.22
CA LYS F 4 48.37 -16.89 -21.12
C LYS F 4 47.06 -16.11 -21.18
N LYS F 5 47.10 -14.80 -20.88
CA LYS F 5 46.00 -13.90 -21.19
C LYS F 5 46.22 -13.32 -22.59
N ILE F 6 45.76 -14.09 -23.57
CA ILE F 6 46.13 -13.93 -24.96
C ILE F 6 44.83 -13.94 -25.77
N ILE F 7 44.33 -12.76 -26.12
CA ILE F 7 42.96 -12.71 -26.66
C ILE F 7 43.01 -12.89 -28.17
N PHE F 8 42.11 -13.73 -28.69
CA PHE F 8 42.10 -14.09 -30.10
C PHE F 8 41.05 -13.31 -30.85
N VAL F 9 41.31 -13.07 -32.14
CA VAL F 9 40.34 -12.50 -33.06
C VAL F 9 40.48 -13.27 -34.37
N LEU F 10 39.39 -13.87 -34.83
CA LEU F 10 39.41 -14.59 -36.10
C LEU F 10 39.21 -13.62 -37.25
N ILE F 11 39.95 -13.84 -38.33
CA ILE F 11 39.88 -13.02 -39.53
C ILE F 11 39.09 -13.78 -40.58
N GLU F 12 37.93 -13.24 -40.95
CA GLU F 12 37.08 -13.83 -41.96
C GLU F 12 37.50 -13.28 -43.32
N HIS F 13 38.12 -14.12 -44.14
CA HIS F 13 38.57 -13.72 -45.47
C HIS F 13 37.73 -14.42 -46.53
N HIS F 14 37.44 -13.70 -47.61
CA HIS F 14 36.62 -14.19 -48.71
C HIS F 14 37.47 -14.20 -49.97
N GLY F 15 38.17 -15.31 -50.19
CA GLY F 15 39.07 -15.44 -51.32
C GLY F 15 40.42 -14.81 -51.07
N GLY F 16 40.50 -13.48 -51.21
CA GLY F 16 41.74 -12.80 -50.92
C GLY F 16 41.60 -11.66 -49.92
N LYS F 17 40.42 -11.07 -49.86
CA LYS F 17 40.18 -9.91 -49.03
C LYS F 17 39.41 -10.31 -47.77
N ALA F 18 39.76 -9.69 -46.65
CA ALA F 18 39.10 -10.03 -45.41
C ALA F 18 37.75 -9.32 -45.31
N HIS F 19 36.89 -9.88 -44.46
CA HIS F 19 35.68 -9.17 -44.09
C HIS F 19 36.05 -7.94 -43.26
N PRO F 20 35.27 -6.87 -43.38
CA PRO F 20 35.55 -5.68 -42.54
C PRO F 20 35.41 -5.92 -41.05
N VAL F 21 34.63 -6.92 -40.62
CA VAL F 21 34.45 -7.21 -39.20
C VAL F 21 35.74 -7.74 -38.57
N SER F 22 36.67 -8.26 -39.39
CA SER F 22 37.92 -8.78 -38.87
C SER F 22 38.78 -7.68 -38.27
N TRP F 23 38.66 -6.46 -38.78
CA TRP F 23 39.44 -5.35 -38.28
C TRP F 23 38.65 -4.45 -37.33
N GLU F 24 37.33 -4.63 -37.23
CA GLU F 24 36.58 -3.95 -36.18
C GLU F 24 36.68 -4.70 -34.87
N LEU F 25 36.94 -6.01 -34.91
CA LEU F 25 37.18 -6.79 -33.71
C LEU F 25 38.62 -6.72 -33.24
N ILE F 26 39.55 -6.55 -34.18
CA ILE F 26 40.94 -6.28 -33.81
C ILE F 26 41.05 -4.95 -33.09
N GLY F 27 40.31 -3.94 -33.57
CA GLY F 27 40.29 -2.66 -32.90
C GLY F 27 39.51 -2.68 -31.60
N LYS F 28 38.50 -3.54 -31.49
CA LYS F 28 37.75 -3.65 -30.25
C LYS F 28 38.55 -4.39 -29.19
N ALA F 29 39.31 -5.41 -29.60
CA ALA F 29 40.14 -6.15 -28.66
C ALA F 29 41.30 -5.32 -28.13
N ARG F 30 41.71 -4.28 -28.86
CA ARG F 30 42.67 -3.31 -28.31
C ARG F 30 42.08 -2.57 -27.12
N ASP F 31 40.81 -2.17 -27.22
CA ASP F 31 40.13 -1.59 -26.07
C ASP F 31 39.83 -2.63 -25.00
N LEU F 32 39.79 -3.91 -25.36
CA LEU F 32 39.68 -4.96 -24.35
C LEU F 32 41.02 -5.23 -23.70
N ALA F 33 42.10 -5.21 -24.47
CA ALA F 33 43.43 -5.42 -23.91
C ALA F 33 43.95 -4.22 -23.13
N SER F 34 43.39 -3.03 -23.37
CA SER F 34 43.76 -1.86 -22.58
C SER F 34 43.18 -1.92 -21.18
N LYS F 35 42.09 -2.66 -20.99
CA LYS F 35 41.50 -2.85 -19.67
C LYS F 35 41.75 -4.24 -19.11
N LEU F 36 42.29 -5.15 -19.91
CA LEU F 36 42.74 -6.44 -19.42
C LEU F 36 44.20 -6.31 -19.01
N GLU F 37 44.54 -6.88 -17.86
CA GLU F 37 45.90 -6.77 -17.35
C GLU F 37 46.80 -7.79 -18.06
N ASN F 38 47.88 -7.29 -18.68
CA ASN F 38 48.96 -8.10 -19.24
C ASN F 38 48.47 -8.97 -20.40
N SER F 39 47.94 -8.32 -21.43
CA SER F 39 47.28 -9.03 -22.52
C SER F 39 47.78 -8.51 -23.87
N GLU F 40 47.51 -9.29 -24.91
CA GLU F 40 47.92 -8.98 -26.28
C GLU F 40 46.87 -9.49 -27.24
N VAL F 41 46.67 -8.75 -28.33
CA VAL F 41 45.63 -9.06 -29.31
C VAL F 41 46.26 -9.88 -30.43
N TRP F 42 45.95 -11.17 -30.45
CA TRP F 42 46.39 -12.01 -31.55
C TRP F 42 45.42 -11.88 -32.73
N GLY F 43 45.74 -12.59 -33.80
CA GLY F 43 44.82 -12.74 -34.92
C GLY F 43 44.99 -14.10 -35.56
N VAL F 44 43.92 -14.88 -35.63
CA VAL F 44 43.98 -16.21 -36.22
C VAL F 44 43.48 -16.12 -37.65
N LEU F 45 44.27 -16.65 -38.58
CA LEU F 45 43.95 -16.53 -39.98
C LEU F 45 44.30 -17.85 -40.65
N LEU F 46 43.39 -18.36 -41.47
CA LEU F 46 43.50 -19.70 -42.04
C LEU F 46 43.50 -19.61 -43.55
N GLY F 47 44.45 -20.27 -44.18
CA GLY F 47 44.57 -20.32 -45.63
C GLY F 47 46.01 -20.17 -46.05
N GLU F 48 46.23 -20.25 -47.35
CA GLU F 48 47.55 -20.05 -47.95
C GLU F 48 47.48 -18.91 -48.96
N GLY F 49 48.52 -18.08 -48.95
CA GLY F 49 48.55 -16.95 -49.86
C GLY F 49 47.82 -15.74 -49.34
N LEU F 50 47.82 -15.50 -48.03
CA LEU F 50 47.12 -14.38 -47.43
C LEU F 50 48.06 -13.55 -46.59
N GLU F 51 49.30 -13.38 -47.06
CA GLU F 51 50.23 -12.45 -46.41
C GLU F 51 49.88 -11.01 -46.72
N SER F 52 49.10 -10.77 -47.78
CA SER F 52 48.63 -9.43 -48.09
C SER F 52 47.61 -8.91 -47.09
N VAL F 53 47.03 -9.80 -46.28
CA VAL F 53 46.10 -9.38 -45.24
C VAL F 53 46.62 -9.71 -43.84
N ALA F 54 47.54 -10.65 -43.69
CA ALA F 54 48.13 -10.93 -42.38
C ALA F 54 48.99 -9.77 -41.90
N LYS F 55 49.61 -9.04 -42.82
CA LYS F 55 50.26 -7.78 -42.47
C LYS F 55 49.26 -6.65 -42.31
N GLU F 56 48.10 -6.75 -42.97
CA GLU F 56 47.07 -5.72 -42.82
C GLU F 56 46.43 -5.78 -41.44
N ALA F 57 46.40 -6.96 -40.82
CA ALA F 57 45.84 -7.09 -39.47
C ALA F 57 46.72 -6.38 -38.45
N ILE F 58 48.04 -6.46 -38.63
CA ILE F 58 48.96 -5.81 -37.69
C ILE F 58 48.91 -4.30 -37.83
N GLN F 59 48.64 -3.80 -39.04
CA GLN F 59 48.41 -2.36 -39.20
C GLN F 59 47.10 -1.92 -38.59
N ARG F 60 46.11 -2.82 -38.48
CA ARG F 60 44.84 -2.46 -37.85
C ARG F 60 44.88 -2.60 -36.33
N GLY F 61 45.89 -3.28 -35.78
CA GLY F 61 46.03 -3.31 -34.35
C GLY F 61 46.28 -4.68 -33.76
N ALA F 62 46.45 -5.70 -34.60
CA ALA F 62 46.79 -7.02 -34.10
C ALA F 62 48.20 -7.02 -33.58
N ASP F 63 48.38 -7.45 -32.32
CA ASP F 63 49.73 -7.51 -31.76
C ASP F 63 50.55 -8.60 -32.43
N LYS F 64 50.01 -9.80 -32.51
CA LYS F 64 50.63 -10.91 -33.22
C LYS F 64 49.59 -11.45 -34.19
N VAL F 65 50.02 -12.34 -35.09
CA VAL F 65 49.11 -12.97 -36.04
C VAL F 65 49.45 -14.45 -36.09
N LEU F 66 48.46 -15.30 -35.82
CA LEU F 66 48.62 -16.74 -36.00
C LEU F 66 48.08 -17.08 -37.39
N TYR F 67 48.99 -17.22 -38.35
CA TYR F 67 48.60 -17.43 -39.75
C TYR F 67 48.70 -18.91 -40.03
N VAL F 68 47.61 -19.63 -39.80
CA VAL F 68 47.54 -21.06 -40.03
C VAL F 68 47.48 -21.32 -41.52
N LYS F 69 48.30 -22.26 -41.98
CA LYS F 69 48.52 -22.47 -43.42
C LYS F 69 47.96 -23.82 -43.83
N ASN F 70 47.01 -23.80 -44.77
CA ASN F 70 46.64 -24.98 -45.53
C ASN F 70 45.94 -24.53 -46.81
N ARG F 71 46.02 -25.38 -47.84
CA ARG F 71 45.41 -25.04 -49.12
C ARG F 71 43.90 -25.22 -49.09
N GLU F 72 43.40 -26.12 -48.25
CA GLU F 72 41.96 -26.36 -48.14
C GLU F 72 41.29 -25.43 -47.14
N PHE F 73 41.88 -24.30 -46.78
CA PHE F 73 41.27 -23.35 -45.87
C PHE F 73 40.85 -22.04 -46.55
N ASN F 74 41.14 -21.88 -47.85
CA ASN F 74 40.72 -20.68 -48.54
C ASN F 74 39.22 -20.68 -48.78
N THR F 75 38.65 -21.82 -49.16
CA THR F 75 37.21 -21.98 -49.13
C THR F 75 36.75 -22.16 -47.69
N TYR F 76 35.49 -21.85 -47.45
CA TYR F 76 34.92 -21.99 -46.11
C TYR F 76 34.24 -23.36 -46.00
N VAL F 77 34.84 -24.24 -45.23
CA VAL F 77 34.21 -25.48 -44.79
C VAL F 77 34.34 -25.50 -43.27
N ASN F 78 33.21 -25.44 -42.57
CA ASN F 78 33.20 -25.41 -41.12
C ASN F 78 33.70 -26.71 -40.51
N TYR F 79 33.61 -27.81 -41.26
CA TYR F 79 34.17 -29.08 -40.80
C TYR F 79 35.69 -29.01 -40.72
N LEU F 80 36.32 -28.30 -41.66
CA LEU F 80 37.77 -28.19 -41.67
C LEU F 80 38.29 -27.09 -40.75
N TYR F 81 37.54 -25.98 -40.63
CA TYR F 81 37.95 -24.89 -39.76
C TYR F 81 37.90 -25.30 -38.30
N LYS F 82 36.89 -26.08 -37.91
CA LYS F 82 36.75 -26.51 -36.52
C LYS F 82 37.87 -27.47 -36.13
N LYS F 83 38.37 -28.27 -37.07
CA LYS F 83 39.48 -29.17 -36.76
C LYS F 83 40.77 -28.40 -36.51
N ALA F 84 40.89 -27.21 -37.10
CA ALA F 84 42.08 -26.36 -36.92
C ALA F 84 41.91 -25.33 -35.83
N LEU F 85 40.70 -24.82 -35.61
CA LEU F 85 40.46 -23.79 -34.61
C LEU F 85 40.13 -24.36 -33.24
N VAL F 86 40.33 -25.66 -33.02
CA VAL F 86 40.44 -26.21 -31.69
C VAL F 86 41.82 -26.80 -31.42
N ASP F 87 42.64 -26.97 -32.44
CA ASP F 87 44.04 -27.27 -32.21
C ASP F 87 44.85 -26.01 -31.91
N MET F 88 44.45 -24.88 -32.48
CA MET F 88 45.08 -23.60 -32.20
C MET F 88 44.52 -22.93 -30.95
N VAL F 89 43.52 -23.53 -30.32
CA VAL F 89 43.07 -23.11 -29.01
C VAL F 89 43.60 -24.02 -27.91
N ARG F 90 43.73 -25.32 -28.16
CA ARG F 90 44.35 -26.22 -27.21
C ARG F 90 45.85 -25.96 -27.09
N LYS F 91 46.49 -25.48 -28.15
CA LYS F 91 47.94 -25.26 -28.11
C LYS F 91 48.30 -23.97 -27.40
N TYR F 92 47.68 -22.85 -27.78
CA TYR F 92 48.08 -21.54 -27.28
C TYR F 92 47.30 -21.08 -26.07
N ARG F 93 46.16 -21.72 -25.76
CA ARG F 93 45.26 -21.45 -24.65
C ARG F 93 44.84 -19.98 -24.54
N PRO F 94 43.97 -19.49 -25.41
CA PRO F 94 43.57 -18.08 -25.36
C PRO F 94 42.63 -17.80 -24.18
N GLU F 95 42.35 -16.52 -24.00
CA GLU F 95 41.45 -16.03 -22.97
C GLU F 95 40.13 -15.54 -23.52
N ILE F 96 40.16 -14.77 -24.61
CA ILE F 96 38.97 -14.26 -25.27
C ILE F 96 39.08 -14.57 -26.75
N PHE F 97 38.15 -15.36 -27.26
CA PHE F 97 38.05 -15.66 -28.68
C PHE F 97 36.95 -14.77 -29.25
N LEU F 98 37.24 -14.10 -30.36
CA LEU F 98 36.29 -13.19 -30.99
C LEU F 98 36.14 -13.55 -32.46
N ILE F 99 34.92 -13.90 -32.87
CA ILE F 99 34.56 -14.07 -34.27
C ILE F 99 33.45 -13.09 -34.58
N GLY F 100 33.42 -12.58 -35.80
CA GLY F 100 32.32 -11.75 -36.22
C GLY F 100 31.05 -12.55 -36.42
N ALA F 101 29.90 -11.88 -36.31
CA ALA F 101 28.62 -12.55 -36.50
C ALA F 101 28.18 -12.53 -37.95
N THR F 102 29.06 -12.95 -38.83
CA THR F 102 28.67 -13.35 -40.16
C THR F 102 28.02 -14.73 -40.09
N LEU F 103 27.40 -15.15 -41.19
CA LEU F 103 26.74 -16.45 -41.20
C LEU F 103 27.74 -17.59 -41.13
N GLU F 104 28.95 -17.39 -41.67
CA GLU F 104 30.01 -18.37 -41.41
C GLU F 104 30.53 -18.26 -39.99
N GLY F 105 30.53 -17.07 -39.41
CA GLY F 105 31.08 -16.88 -38.08
C GLY F 105 30.22 -17.45 -36.97
N ARG F 106 28.91 -17.27 -37.08
CA ARG F 106 28.00 -17.84 -36.07
C ARG F 106 27.93 -19.35 -36.18
N GLU F 107 28.07 -19.89 -37.39
CA GLU F 107 28.05 -21.33 -37.58
C GLU F 107 29.35 -21.96 -37.08
N LEU F 108 30.47 -21.27 -37.29
CA LEU F 108 31.77 -21.80 -36.87
C LEU F 108 31.93 -21.77 -35.36
N ALA F 109 31.48 -20.69 -34.72
CA ALA F 109 31.67 -20.54 -33.29
C ALA F 109 30.86 -21.55 -32.50
N GLY F 110 29.70 -21.94 -33.00
CA GLY F 110 28.92 -22.98 -32.35
C GLY F 110 29.58 -24.33 -32.39
N MET F 111 30.29 -24.64 -33.48
CA MET F 111 31.01 -25.90 -33.55
C MET F 111 32.26 -25.88 -32.68
N VAL F 112 32.89 -24.72 -32.55
CA VAL F 112 34.16 -24.63 -31.84
C VAL F 112 33.95 -24.70 -30.33
N ALA F 113 32.96 -23.94 -29.84
CA ALA F 113 32.75 -23.79 -28.40
C ALA F 113 32.31 -25.07 -27.71
N THR F 114 31.70 -26.00 -28.43
CA THR F 114 31.31 -27.27 -27.85
C THR F 114 32.34 -28.36 -28.08
N GLU F 115 33.46 -28.05 -28.74
CA GLU F 115 34.64 -28.90 -28.68
C GLU F 115 35.50 -28.54 -27.48
N LEU F 116 35.69 -27.25 -27.24
CA LEU F 116 36.40 -26.76 -26.07
C LEU F 116 35.57 -26.85 -24.80
N GLU F 117 34.27 -27.10 -24.93
CA GLU F 117 33.30 -27.11 -23.83
C GLU F 117 33.33 -25.80 -23.06
N THR F 118 33.34 -24.69 -23.79
CA THR F 118 33.36 -23.35 -23.20
C THR F 118 32.03 -22.65 -23.46
N GLY F 119 31.96 -21.42 -23.01
CA GLY F 119 30.76 -20.61 -23.15
C GLY F 119 30.88 -19.65 -24.32
N LEU F 120 29.78 -19.50 -25.06
CA LEU F 120 29.77 -18.70 -26.26
C LEU F 120 28.49 -17.89 -26.32
N THR F 121 28.62 -16.59 -26.54
CA THR F 121 27.50 -15.71 -26.77
C THR F 121 27.53 -15.23 -28.21
N ALA F 122 26.39 -15.22 -28.88
CA ALA F 122 26.32 -14.89 -30.29
C ALA F 122 25.77 -13.49 -30.50
N ASP F 123 26.29 -12.82 -31.52
CA ASP F 123 25.83 -11.51 -32.01
C ASP F 123 25.89 -10.44 -30.90
N CYS F 124 27.03 -10.38 -30.22
CA CYS F 124 27.20 -9.43 -29.14
C CYS F 124 27.34 -8.02 -29.68
N THR F 125 26.96 -7.05 -28.83
CA THR F 125 27.06 -5.64 -29.18
C THR F 125 27.71 -4.80 -28.10
N GLY F 126 28.06 -5.38 -26.96
CA GLY F 126 28.43 -4.61 -25.79
C GLY F 126 29.61 -5.13 -25.00
N LEU F 127 30.63 -5.65 -25.70
CA LEU F 127 31.82 -6.20 -25.05
C LEU F 127 32.51 -5.18 -24.16
N ASP F 128 32.81 -5.58 -22.94
CA ASP F 128 33.46 -4.73 -21.95
C ASP F 128 34.06 -5.62 -20.88
N ILE F 129 35.12 -5.13 -20.24
CA ILE F 129 35.84 -5.87 -19.21
C ILE F 129 35.42 -5.32 -17.85
N ILE F 130 34.99 -6.21 -16.96
CA ILE F 130 34.70 -5.84 -15.58
C ILE F 130 36.01 -5.90 -14.79
N PRO F 131 36.22 -5.02 -13.82
CA PRO F 131 37.53 -4.95 -13.15
C PRO F 131 37.74 -5.95 -12.04
N ASP F 132 36.76 -6.78 -11.70
CA ASP F 132 36.91 -7.66 -10.54
C ASP F 132 37.73 -8.89 -10.86
N LYS F 133 37.24 -9.75 -11.76
CA LYS F 133 37.95 -10.95 -12.15
C LYS F 133 38.34 -10.89 -13.62
N LYS F 134 38.41 -9.65 -14.16
CA LYS F 134 38.90 -9.36 -15.52
C LYS F 134 38.03 -10.03 -16.59
N LEU F 135 36.75 -10.21 -16.30
CA LEU F 135 35.86 -10.98 -17.17
C LEU F 135 35.23 -10.10 -18.24
N LEU F 136 34.85 -10.74 -19.34
CA LEU F 136 34.25 -10.06 -20.47
C LEU F 136 32.73 -10.04 -20.31
N ALA F 137 32.14 -8.86 -20.31
CA ALA F 137 30.68 -8.70 -20.18
C ALA F 137 30.11 -8.60 -21.59
N MET F 138 29.58 -9.71 -22.10
CA MET F 138 29.11 -9.81 -23.47
C MET F 138 27.63 -9.46 -23.51
N THR F 139 27.33 -8.21 -23.89
CA THR F 139 25.95 -7.73 -23.98
C THR F 139 25.45 -7.99 -25.40
N ARG F 140 24.39 -8.77 -25.50
CA ARG F 140 23.85 -9.09 -26.80
C ARG F 140 22.34 -8.87 -26.84
N PRO F 141 21.79 -8.52 -28.01
CA PRO F 141 20.33 -8.39 -28.11
C PRO F 141 19.62 -9.73 -28.22
N THR F 142 18.67 -9.99 -27.34
CA THR F 142 17.78 -11.12 -27.44
C THR F 142 16.36 -10.61 -27.71
N PHE F 143 15.44 -11.55 -27.94
CA PHE F 143 14.04 -11.29 -28.27
C PHE F 143 13.90 -10.40 -29.51
N GLY F 144 14.76 -10.64 -30.49
CA GLY F 144 14.75 -9.83 -31.70
C GLY F 144 15.16 -8.40 -31.49
N GLY F 145 16.03 -8.13 -30.51
CA GLY F 145 16.44 -6.78 -30.21
C GLY F 145 15.61 -6.09 -29.16
N ASN F 146 14.91 -6.84 -28.32
CA ASN F 146 14.07 -6.25 -27.28
C ASN F 146 14.64 -6.43 -25.88
N LEU F 147 15.69 -7.23 -25.72
CA LEU F 147 16.39 -7.35 -24.45
C LEU F 147 17.88 -7.39 -24.73
N MET F 148 18.61 -6.40 -24.25
CA MET F 148 20.07 -6.42 -24.30
C MET F 148 20.55 -7.15 -23.05
N ALA F 149 20.61 -8.47 -23.14
CA ALA F 149 21.05 -9.27 -22.01
C ALA F 149 22.57 -9.25 -21.91
N THR F 150 23.07 -9.05 -20.70
CA THR F 150 24.50 -9.06 -20.41
C THR F 150 24.86 -10.42 -19.85
N ILE F 151 25.78 -11.12 -20.51
CA ILE F 151 26.13 -12.49 -20.17
C ILE F 151 27.63 -12.55 -19.89
N MET F 152 28.01 -13.15 -18.76
CA MET F 152 29.41 -13.29 -18.36
C MET F 152 29.75 -14.77 -18.22
N CYS F 153 30.92 -15.14 -18.76
CA CYS F 153 31.46 -16.49 -18.55
C CYS F 153 32.53 -16.42 -17.48
N PRO F 154 32.26 -16.90 -16.26
CA PRO F 154 33.23 -16.74 -15.16
C PRO F 154 34.51 -17.54 -15.27
N ASP F 155 34.44 -18.85 -15.51
CA ASP F 155 35.61 -19.70 -15.31
C ASP F 155 36.06 -20.49 -16.52
N HIS F 156 35.17 -20.81 -17.46
CA HIS F 156 35.58 -21.60 -18.61
C HIS F 156 36.38 -20.76 -19.59
N ARG F 157 37.36 -21.39 -20.24
CA ARG F 157 38.27 -20.69 -21.12
C ARG F 157 38.35 -21.40 -22.47
N PRO F 158 38.35 -20.64 -23.59
CA PRO F 158 38.25 -19.18 -23.67
C PRO F 158 36.83 -18.65 -23.59
N GLN F 159 36.67 -17.40 -23.19
CA GLN F 159 35.37 -16.73 -23.21
C GLN F 159 35.10 -16.30 -24.65
N MET F 160 34.58 -17.25 -25.43
CA MET F 160 34.24 -16.98 -26.81
C MET F 160 33.04 -16.05 -26.89
N ALA F 161 33.01 -15.21 -27.92
CA ALA F 161 31.96 -14.21 -28.06
C ALA F 161 31.85 -13.86 -29.53
N THR F 162 30.77 -14.28 -30.17
CA THR F 162 30.51 -13.88 -31.54
C THR F 162 29.90 -12.49 -31.54
N VAL F 163 30.50 -11.58 -32.30
CA VAL F 163 30.19 -10.15 -32.21
C VAL F 163 29.54 -9.70 -33.51
N ARG F 164 28.50 -8.87 -33.37
CA ARG F 164 27.74 -8.41 -34.53
C ARG F 164 28.57 -7.47 -35.39
N PRO F 165 28.59 -7.65 -36.70
CA PRO F 165 29.39 -6.79 -37.58
C PRO F 165 28.80 -5.39 -37.66
N GLY F 166 29.58 -4.40 -37.24
CA GLY F 166 29.21 -3.00 -37.36
C GLY F 166 29.08 -2.27 -36.04
N VAL F 167 28.96 -2.98 -34.92
CA VAL F 167 28.77 -2.30 -33.64
C VAL F 167 30.10 -1.80 -33.07
N MET F 168 31.22 -2.39 -33.48
CA MET F 168 32.53 -1.91 -33.06
C MET F 168 33.05 -0.91 -34.08
N LYS F 169 34.17 -0.26 -33.74
CA LYS F 169 34.74 0.78 -34.59
C LYS F 169 36.16 0.41 -34.98
N GLU F 170 36.51 0.75 -36.22
CA GLU F 170 37.79 0.39 -36.79
C GLU F 170 38.91 1.29 -36.26
N LEU F 171 40.11 0.72 -36.19
CA LEU F 171 41.33 1.49 -36.06
C LEU F 171 41.91 1.75 -37.45
N PRO F 172 42.53 2.91 -37.66
CA PRO F 172 43.11 3.19 -38.97
C PRO F 172 44.36 2.35 -39.19
N PRO F 173 44.65 1.97 -40.45
CA PRO F 173 45.84 1.16 -40.72
C PRO F 173 47.13 1.93 -40.54
N ASP F 174 47.91 1.56 -39.53
CA ASP F 174 49.15 2.24 -39.21
C ASP F 174 50.33 1.33 -39.54
N PRO F 175 51.19 1.70 -40.50
CA PRO F 175 52.35 0.87 -40.83
C PRO F 175 53.51 0.99 -39.86
N GLU F 176 53.36 1.74 -38.77
CA GLU F 176 54.43 1.89 -37.80
C GLU F 176 54.65 0.60 -37.00
N ARG F 177 53.57 -0.03 -36.55
CA ARG F 177 53.67 -1.18 -35.68
C ARG F 177 53.88 -2.45 -36.49
N THR F 178 54.65 -3.37 -35.91
CA THR F 178 54.87 -4.70 -36.47
C THR F 178 54.59 -5.73 -35.38
N GLY F 179 54.52 -6.99 -35.79
CA GLY F 179 54.28 -8.08 -34.88
C GLY F 179 54.72 -9.38 -35.50
N GLU F 180 54.87 -10.39 -34.66
CA GLU F 180 55.31 -11.71 -35.15
C GLU F 180 54.13 -12.38 -35.87
N ILE F 181 54.40 -12.92 -37.05
CA ILE F 181 53.40 -13.72 -37.76
C ILE F 181 53.78 -15.18 -37.60
N ILE F 182 52.98 -15.93 -36.86
CA ILE F 182 53.27 -17.34 -36.61
C ILE F 182 52.62 -18.17 -37.72
N GLU F 183 53.44 -18.81 -38.54
CA GLU F 183 52.93 -19.74 -39.53
C GLU F 183 52.98 -21.15 -38.96
N GLU F 184 51.81 -21.77 -38.84
CA GLU F 184 51.69 -23.17 -38.47
C GLU F 184 51.13 -23.90 -39.69
N GLU F 185 51.99 -24.61 -40.41
CA GLU F 185 51.57 -25.30 -41.62
C GLU F 185 50.75 -26.51 -41.22
N TYR F 186 49.43 -26.34 -41.24
CA TYR F 186 48.51 -27.30 -40.64
C TYR F 186 48.34 -28.52 -41.55
N ASP F 187 48.32 -29.70 -40.94
CA ASP F 187 48.11 -30.95 -41.63
C ASP F 187 46.79 -31.54 -41.17
N LEU F 188 46.07 -32.14 -42.10
CA LEU F 188 44.81 -32.83 -41.83
C LEU F 188 44.92 -34.34 -41.95
N GLY F 189 45.61 -34.83 -42.98
CA GLY F 189 45.69 -36.27 -43.19
C GLY F 189 44.41 -36.80 -43.83
N THR F 190 44.05 -38.02 -43.44
CA THR F 190 42.77 -38.59 -43.83
C THR F 190 41.66 -37.84 -43.10
N PHE F 191 40.81 -37.14 -43.85
CA PHE F 191 39.91 -36.17 -43.25
C PHE F 191 38.44 -36.49 -43.41
N ASP F 192 38.07 -37.43 -44.29
CA ASP F 192 36.71 -37.98 -44.42
C ASP F 192 35.67 -36.90 -44.73
N LYS F 193 35.78 -36.38 -45.96
CA LYS F 193 35.02 -35.23 -46.45
C LYS F 193 33.50 -35.39 -46.35
N LEU F 194 32.89 -34.59 -45.48
CA LEU F 194 31.44 -34.57 -45.32
C LEU F 194 30.82 -33.47 -46.17
N ILE F 195 31.23 -32.23 -45.94
CA ILE F 195 30.70 -31.07 -46.64
C ILE F 195 31.45 -30.90 -47.95
N GLU F 196 30.72 -30.93 -49.06
CA GLU F 196 31.31 -30.76 -50.38
C GLU F 196 30.55 -29.69 -51.14
N ILE F 197 31.16 -28.52 -51.31
CA ILE F 197 30.51 -27.38 -51.93
C ILE F 197 30.48 -27.58 -53.44
N LEU F 198 29.28 -27.52 -54.02
CA LEU F 198 29.13 -27.66 -55.47
C LEU F 198 29.22 -26.32 -56.18
N GLU F 199 28.30 -25.40 -55.86
CA GLU F 199 28.23 -24.14 -56.57
C GLU F 199 28.31 -22.96 -55.60
N THR F 200 28.09 -21.76 -56.12
CA THR F 200 27.99 -20.56 -55.28
C THR F 200 27.02 -19.62 -55.99
N ILE F 201 25.77 -19.61 -55.55
CA ILE F 201 24.70 -18.83 -56.16
C ILE F 201 24.80 -17.40 -55.63
N PRO F 202 24.65 -16.38 -56.47
CA PRO F 202 24.69 -15.00 -55.96
C PRO F 202 23.51 -14.69 -55.04
N LEU F 203 23.75 -13.73 -54.15
CA LEU F 203 22.78 -13.39 -53.11
C LEU F 203 21.56 -12.65 -53.65
N GLN F 204 21.67 -12.01 -54.82
CA GLN F 204 20.55 -11.26 -55.37
C GLN F 204 19.65 -12.11 -56.25
N THR F 205 19.81 -13.44 -56.24
CA THR F 205 18.90 -14.32 -56.95
C THR F 205 17.60 -14.55 -56.20
N GLN F 206 17.54 -14.21 -54.92
CA GLN F 206 16.32 -14.33 -54.13
C GLN F 206 16.06 -13.03 -53.39
N VAL F 207 15.11 -13.05 -52.46
CA VAL F 207 14.82 -11.90 -51.60
C VAL F 207 15.50 -12.15 -50.27
N ASN F 208 16.41 -11.26 -49.88
CA ASN F 208 17.15 -11.47 -48.63
C ASN F 208 16.41 -10.85 -47.46
N LEU F 209 16.34 -9.51 -47.43
CA LEU F 209 15.57 -8.69 -46.49
C LEU F 209 15.92 -8.93 -45.01
N GLU F 210 16.94 -9.71 -44.68
CA GLU F 210 17.54 -9.67 -43.35
C GLU F 210 19.04 -9.55 -43.39
N TYR F 211 19.68 -9.95 -44.49
CA TYR F 211 21.11 -9.89 -44.65
C TYR F 211 21.49 -8.91 -45.74
N ALA F 212 20.62 -7.95 -46.01
CA ALA F 212 20.86 -6.84 -46.90
C ALA F 212 21.37 -5.65 -46.11
N PRO F 213 22.45 -4.99 -46.55
CA PRO F 213 22.95 -3.84 -45.79
C PRO F 213 22.11 -2.59 -45.94
N VAL F 214 21.28 -2.51 -46.98
CA VAL F 214 20.39 -1.38 -47.20
C VAL F 214 19.02 -1.94 -47.56
N VAL F 215 17.99 -1.50 -46.84
CA VAL F 215 16.62 -1.86 -47.16
C VAL F 215 15.89 -0.56 -47.45
N VAL F 216 15.52 -0.35 -48.70
CA VAL F 216 14.68 0.76 -49.09
C VAL F 216 13.25 0.25 -49.30
N ALA F 217 12.33 0.75 -48.49
CA ALA F 217 10.99 0.18 -48.42
C ALA F 217 9.96 1.28 -48.58
N GLY F 218 8.76 0.88 -48.98
CA GLY F 218 7.69 1.85 -49.13
C GLY F 218 6.34 1.19 -49.13
N GLY F 219 5.31 2.02 -48.95
CA GLY F 219 3.94 1.57 -49.05
C GLY F 219 2.96 2.70 -48.92
N LYS F 220 2.01 2.77 -49.87
CA LYS F 220 0.86 3.67 -49.94
C LYS F 220 1.25 5.13 -50.22
N GLY F 221 2.54 5.46 -50.11
CA GLY F 221 3.03 6.68 -50.71
C GLY F 221 3.73 6.37 -52.02
N VAL F 222 4.02 5.10 -52.24
CA VAL F 222 4.52 4.59 -53.51
C VAL F 222 3.29 4.28 -54.36
N GLY F 223 2.76 5.31 -55.02
CA GLY F 223 1.51 5.16 -55.74
C GLY F 223 1.59 4.24 -56.94
N GLY F 224 1.03 3.04 -56.79
CA GLY F 224 1.14 2.02 -57.79
C GLY F 224 2.48 1.31 -57.73
N PRO F 225 2.66 0.26 -58.53
CA PRO F 225 3.96 -0.40 -58.61
C PRO F 225 4.95 0.31 -59.52
N GLU F 226 4.55 1.43 -60.14
CA GLU F 226 5.48 2.21 -60.95
C GLU F 226 6.51 2.91 -60.09
N GLY F 227 6.15 3.29 -58.86
CA GLY F 227 7.11 3.90 -57.96
C GLY F 227 8.08 2.93 -57.32
N PHE F 228 7.78 1.63 -57.36
CA PHE F 228 8.67 0.65 -56.77
C PHE F 228 9.83 0.28 -57.68
N LYS F 229 9.74 0.63 -58.97
CA LYS F 229 10.92 0.59 -59.80
C LYS F 229 11.87 1.72 -59.47
N LYS F 230 11.33 2.86 -59.02
CA LYS F 230 12.17 3.94 -58.52
C LYS F 230 12.83 3.57 -57.20
N LEU F 231 12.18 2.73 -56.38
CA LEU F 231 12.81 2.26 -55.16
C LEU F 231 13.82 1.16 -55.44
N LYS F 232 13.64 0.40 -56.53
CA LYS F 232 14.62 -0.62 -56.88
C LYS F 232 15.84 -0.04 -57.59
N GLU F 233 15.71 1.14 -58.19
CA GLU F 233 16.88 1.85 -58.70
C GLU F 233 17.81 2.26 -57.57
N LEU F 234 17.25 2.62 -56.41
CA LEU F 234 18.04 2.93 -55.24
C LEU F 234 18.48 1.67 -54.49
N ALA F 235 17.81 0.53 -54.73
CA ALA F 235 18.16 -0.69 -54.02
C ALA F 235 19.43 -1.31 -54.58
N ASP F 236 19.48 -1.48 -55.91
CA ASP F 236 20.63 -2.12 -56.52
C ASP F 236 21.81 -1.16 -56.61
N LEU F 237 21.56 0.15 -56.49
CA LEU F 237 22.64 1.12 -56.39
C LEU F 237 23.42 0.93 -55.10
N LEU F 238 22.71 0.91 -53.97
CA LEU F 238 23.33 0.76 -52.67
C LEU F 238 23.64 -0.70 -52.35
N GLY F 239 23.38 -1.63 -53.26
CA GLY F 239 23.68 -3.02 -53.04
C GLY F 239 22.76 -3.68 -52.03
N GLY F 240 21.49 -3.29 -52.02
CA GLY F 240 20.56 -3.77 -51.02
C GLY F 240 19.23 -4.20 -51.62
N GLU F 241 18.37 -4.69 -50.73
CA GLU F 241 17.08 -5.26 -51.08
C GLU F 241 15.98 -4.20 -50.93
N VAL F 242 14.93 -4.34 -51.72
CA VAL F 242 13.77 -3.44 -51.66
C VAL F 242 12.75 -4.10 -50.74
N GLY F 243 12.25 -3.33 -49.77
CA GLY F 243 11.24 -3.82 -48.88
C GLY F 243 9.86 -3.26 -49.20
N ALA F 244 8.90 -3.55 -48.34
CA ALA F 244 7.54 -3.06 -48.51
C ALA F 244 6.85 -2.97 -47.15
N SER F 245 5.66 -2.40 -47.18
CA SER F 245 4.78 -2.41 -46.03
C SER F 245 3.65 -3.41 -46.24
N ARG F 246 2.73 -3.48 -45.28
CA ARG F 246 1.50 -4.20 -45.52
C ARG F 246 0.59 -3.46 -46.49
N ALA F 247 0.57 -2.13 -46.44
CA ALA F 247 -0.25 -1.35 -47.34
C ALA F 247 0.24 -1.36 -48.77
N ALA F 248 1.45 -1.87 -49.03
CA ALA F 248 1.93 -2.12 -50.37
C ALA F 248 1.74 -3.57 -50.81
N VAL F 249 1.90 -4.51 -49.89
CA VAL F 249 1.70 -5.92 -50.21
C VAL F 249 0.22 -6.22 -50.42
N LYS F 250 -0.65 -5.67 -49.55
CA LYS F 250 -2.08 -5.89 -49.66
C LYS F 250 -2.65 -5.23 -50.90
N ALA F 251 -2.04 -4.15 -51.37
CA ALA F 251 -2.41 -3.55 -52.65
C ALA F 251 -1.83 -4.29 -53.84
N GLY F 252 -1.05 -5.35 -53.61
CA GLY F 252 -0.54 -6.17 -54.69
C GLY F 252 0.62 -5.57 -55.45
N TRP F 253 1.31 -4.59 -54.87
CA TRP F 253 2.37 -3.93 -55.61
C TRP F 253 3.66 -4.75 -55.65
N ILE F 254 4.08 -5.30 -54.51
CA ILE F 254 5.22 -6.22 -54.53
C ILE F 254 4.70 -7.53 -53.95
N SER F 255 5.50 -8.59 -54.06
CA SER F 255 5.23 -9.88 -53.45
C SER F 255 5.25 -9.75 -51.93
N PRO F 256 4.52 -10.64 -51.23
CA PRO F 256 4.56 -10.60 -49.75
C PRO F 256 5.89 -11.03 -49.13
N GLU F 257 6.84 -11.53 -49.92
CA GLU F 257 8.19 -11.81 -49.43
C GLU F 257 9.01 -10.54 -49.23
N HIS F 258 8.51 -9.40 -49.70
CA HIS F 258 9.16 -8.11 -49.53
C HIS F 258 8.61 -7.31 -48.36
N GLN F 259 7.76 -7.93 -47.53
CA GLN F 259 7.08 -7.19 -46.49
C GLN F 259 7.94 -7.10 -45.23
N VAL F 260 7.96 -5.91 -44.64
CA VAL F 260 8.80 -5.61 -43.49
C VAL F 260 7.89 -5.23 -42.33
N GLY F 261 8.11 -5.86 -41.18
CA GLY F 261 7.39 -5.47 -39.99
C GLY F 261 7.13 -6.58 -39.01
N GLN F 262 5.96 -6.56 -38.37
CA GLN F 262 5.65 -7.55 -37.35
C GLN F 262 5.36 -8.91 -37.96
N THR F 263 4.41 -8.97 -38.88
CA THR F 263 4.06 -10.21 -39.57
C THR F 263 4.74 -10.31 -40.92
N GLY F 264 5.84 -9.59 -41.11
CA GLY F 264 6.65 -9.72 -42.29
C GLY F 264 8.04 -10.19 -41.93
N LYS F 265 9.06 -9.43 -42.30
CA LYS F 265 10.44 -9.76 -41.96
C LYS F 265 11.04 -8.61 -41.19
N THR F 266 11.73 -8.94 -40.10
CA THR F 266 12.41 -7.94 -39.28
C THR F 266 13.78 -7.69 -39.89
N VAL F 267 13.97 -6.50 -40.45
CA VAL F 267 15.21 -6.16 -41.11
C VAL F 267 16.23 -5.69 -40.07
N ARG F 268 17.50 -5.93 -40.37
CA ARG F 268 18.60 -5.30 -39.64
C ARG F 268 19.66 -4.83 -40.62
N PRO F 269 19.39 -3.75 -41.37
CA PRO F 269 20.42 -3.19 -42.24
C PRO F 269 21.24 -2.15 -41.50
N VAL F 270 22.18 -1.50 -42.18
CA VAL F 270 22.82 -0.32 -41.62
C VAL F 270 22.16 0.96 -42.09
N LEU F 271 21.19 0.87 -42.99
CA LEU F 271 20.57 2.04 -43.58
C LEU F 271 19.20 1.64 -44.10
N TYR F 272 18.15 2.15 -43.46
CA TYR F 272 16.77 1.84 -43.84
C TYR F 272 16.13 3.10 -44.42
N PHE F 273 15.44 2.94 -45.55
CA PHE F 273 14.75 4.04 -46.21
C PHE F 273 13.25 3.81 -46.09
N ALA F 274 12.61 4.48 -45.14
CA ALA F 274 11.16 4.43 -44.98
C ALA F 274 10.52 5.40 -45.97
N CYS F 275 10.51 4.98 -47.23
CA CYS F 275 10.16 5.86 -48.35
C CYS F 275 8.65 5.87 -48.54
N GLY F 276 7.98 6.79 -47.85
CA GLY F 276 6.53 6.88 -47.96
C GLY F 276 5.76 6.04 -46.98
N ILE F 277 6.40 5.58 -45.91
CA ILE F 277 5.76 4.75 -44.89
C ILE F 277 5.36 5.65 -43.74
N SER F 278 4.12 5.49 -43.27
CA SER F 278 3.64 6.28 -42.15
C SER F 278 4.37 5.95 -40.86
N GLY F 279 4.81 4.70 -40.70
CA GLY F 279 5.57 4.34 -39.54
C GLY F 279 4.71 3.92 -38.38
N ALA F 280 3.74 3.05 -38.65
CA ALA F 280 2.95 2.47 -37.58
C ALA F 280 3.80 1.47 -36.79
N ILE F 281 3.34 1.15 -35.58
CA ILE F 281 4.12 0.37 -34.64
C ILE F 281 4.29 -1.07 -35.11
N GLN F 282 3.35 -1.56 -35.91
CA GLN F 282 3.49 -2.90 -36.48
C GLN F 282 4.53 -2.94 -37.59
N HIS F 283 4.83 -1.80 -38.21
CA HIS F 283 5.90 -1.77 -39.21
C HIS F 283 7.26 -1.47 -38.59
N VAL F 284 7.34 -0.46 -37.71
CA VAL F 284 8.62 -0.05 -37.14
C VAL F 284 9.16 -1.01 -36.11
N VAL F 285 8.43 -2.08 -35.76
CA VAL F 285 8.98 -3.11 -34.88
C VAL F 285 9.91 -4.04 -35.65
N GLY F 286 9.95 -3.94 -36.97
CA GLY F 286 10.88 -4.73 -37.75
C GLY F 286 12.08 -3.95 -38.21
N ILE F 287 12.06 -2.63 -38.03
CA ILE F 287 13.14 -1.76 -38.50
C ILE F 287 13.93 -1.13 -37.36
N LYS F 288 13.51 -1.30 -36.11
CA LYS F 288 14.13 -0.60 -34.99
C LYS F 288 15.51 -1.14 -34.64
N GLU F 289 15.89 -2.31 -35.14
CA GLU F 289 17.22 -2.85 -34.92
C GLU F 289 18.24 -2.36 -35.95
N SER F 290 17.84 -1.46 -36.84
CA SER F 290 18.73 -0.95 -37.86
C SER F 290 19.66 0.11 -37.28
N GLU F 291 20.45 0.73 -38.15
CA GLU F 291 21.38 1.77 -37.74
C GLU F 291 20.91 3.17 -38.15
N ILE F 292 20.54 3.35 -39.41
CA ILE F 292 20.06 4.64 -39.92
C ILE F 292 18.68 4.42 -40.52
N ILE F 293 17.72 5.24 -40.12
CA ILE F 293 16.37 5.21 -40.67
C ILE F 293 16.13 6.54 -41.35
N VAL F 294 15.93 6.50 -42.66
CA VAL F 294 15.60 7.69 -43.44
C VAL F 294 14.13 7.64 -43.78
N ALA F 295 13.41 8.72 -43.51
CA ALA F 295 11.96 8.77 -43.72
C ALA F 295 11.64 9.87 -44.72
N ILE F 296 11.02 9.49 -45.83
CA ILE F 296 10.63 10.43 -46.88
C ILE F 296 9.13 10.27 -47.07
N ASN F 297 8.33 11.14 -46.46
CA ASN F 297 6.90 11.15 -46.75
C ASN F 297 6.36 12.55 -46.59
N ILE F 298 5.22 12.80 -47.25
CA ILE F 298 4.69 14.16 -47.39
C ILE F 298 4.01 14.70 -46.15
N ASP F 299 3.81 13.89 -45.12
CA ASP F 299 3.12 14.32 -43.91
C ASP F 299 4.15 14.56 -42.82
N GLU F 300 4.27 15.81 -42.37
CA GLU F 300 5.22 16.14 -41.32
C GLU F 300 4.80 15.63 -39.95
N LYS F 301 3.50 15.41 -39.73
CA LYS F 301 3.01 14.88 -38.46
C LYS F 301 2.85 13.36 -38.53
N ALA F 302 3.91 12.67 -38.94
CA ALA F 302 3.87 11.24 -39.11
C ALA F 302 4.65 10.54 -38.00
N PRO F 303 4.22 9.35 -37.57
CA PRO F 303 4.94 8.64 -36.50
C PRO F 303 6.23 7.97 -36.95
N ILE F 304 6.62 8.07 -38.22
CA ILE F 304 7.92 7.56 -38.63
C ILE F 304 9.03 8.52 -38.21
N PHE F 305 8.71 9.80 -38.07
CA PHE F 305 9.69 10.82 -37.68
C PHE F 305 10.09 10.73 -36.22
N ASP F 306 9.35 9.98 -35.40
CA ASP F 306 9.75 9.72 -34.03
C ASP F 306 10.76 8.59 -33.92
N ILE F 307 11.00 7.86 -35.01
CA ILE F 307 12.04 6.84 -35.04
C ILE F 307 13.10 7.11 -36.09
N ALA F 308 12.87 8.04 -37.00
CA ALA F 308 13.80 8.28 -38.09
C ALA F 308 15.02 9.05 -37.61
N ASP F 309 16.16 8.78 -38.26
CA ASP F 309 17.37 9.55 -38.02
C ASP F 309 17.50 10.71 -39.01
N ILE F 310 17.00 10.55 -40.22
CA ILE F 310 17.02 11.58 -41.25
C ILE F 310 15.59 11.71 -41.77
N GLY F 311 15.00 12.90 -41.61
CA GLY F 311 13.61 13.06 -41.99
C GLY F 311 13.38 14.09 -43.07
N ILE F 312 12.77 13.66 -44.18
CA ILE F 312 12.45 14.53 -45.30
C ILE F 312 10.93 14.57 -45.46
N VAL F 313 10.38 15.78 -45.49
CA VAL F 313 8.97 15.99 -45.80
C VAL F 313 8.90 16.39 -47.27
N GLY F 314 8.42 15.49 -48.11
CA GLY F 314 8.34 15.79 -49.54
C GLY F 314 7.82 14.59 -50.29
N ASP F 315 7.59 14.80 -51.57
CA ASP F 315 7.08 13.76 -52.46
C ASP F 315 8.11 12.65 -52.64
N LEU F 316 7.64 11.49 -53.07
CA LEU F 316 8.52 10.34 -53.22
C LEU F 316 9.00 10.14 -54.64
N HIS F 317 8.16 10.44 -55.63
CA HIS F 317 8.55 10.34 -57.02
C HIS F 317 9.36 11.54 -57.48
N LYS F 318 9.56 12.54 -56.61
CA LYS F 318 10.37 13.70 -56.92
C LYS F 318 11.60 13.82 -56.03
N VAL F 319 11.84 12.86 -55.14
CA VAL F 319 13.00 12.85 -54.26
C VAL F 319 13.84 11.60 -54.45
N VAL F 320 13.21 10.43 -54.40
CA VAL F 320 13.91 9.15 -54.55
C VAL F 320 14.49 8.96 -55.95
N PRO F 321 13.79 9.26 -57.07
CA PRO F 321 14.53 9.27 -58.35
C PRO F 321 15.48 10.43 -58.47
N ALA F 322 15.26 11.52 -57.72
CA ALA F 322 16.18 12.63 -57.66
C ALA F 322 17.32 12.41 -56.66
N LEU F 323 17.29 11.32 -55.90
CA LEU F 323 18.40 10.92 -55.04
C LEU F 323 19.27 9.86 -55.70
N THR F 324 18.66 8.93 -56.43
CA THR F 324 19.45 7.94 -57.16
C THR F 324 20.07 8.55 -58.41
N ALA F 325 19.57 9.70 -58.86
CA ALA F 325 20.22 10.40 -59.96
C ALA F 325 21.51 11.04 -59.48
N LYS F 326 21.48 11.64 -58.29
CA LYS F 326 22.67 12.26 -57.74
C LYS F 326 23.65 11.22 -57.23
N LEU F 327 23.14 10.05 -56.83
CA LEU F 327 24.03 9.02 -56.31
C LEU F 327 24.75 8.28 -57.42
N ARG F 328 24.25 8.34 -58.65
CA ARG F 328 24.96 7.74 -59.77
C ARG F 328 26.15 8.59 -60.20
N GLU F 329 26.00 9.92 -60.14
CA GLU F 329 27.09 10.78 -60.58
C GLU F 329 28.18 10.90 -59.53
N LEU F 330 27.91 10.44 -58.30
CA LEU F 330 28.94 10.46 -57.27
C LEU F 330 29.61 9.10 -57.13
N LEU F 331 28.91 8.03 -57.51
CA LEU F 331 29.48 6.68 -57.50
C LEU F 331 30.36 6.41 -58.70
N ASN F 332 30.27 7.22 -59.76
CA ASN F 332 31.10 7.02 -60.93
C ASN F 332 32.32 7.91 -60.94
N LYS F 333 32.30 9.01 -60.17
CA LYS F 333 33.45 9.91 -60.10
C LYS F 333 34.63 9.30 -59.35
N SER F 334 34.37 8.27 -58.52
CA SER F 334 35.42 7.56 -57.80
C SER F 334 35.46 6.08 -58.19
N GLY F 335 34.84 5.73 -59.30
CA GLY F 335 34.89 4.37 -59.80
C GLY F 335 36.12 4.12 -60.65
N VAL F 336 36.31 4.95 -61.67
CA VAL F 336 37.46 4.81 -62.57
C VAL F 336 38.73 5.28 -61.87
N MET G 1 -10.26 -43.02 -43.45
CA MET G 1 -10.73 -43.19 -42.08
C MET G 1 -11.76 -42.13 -41.73
N LYS G 2 -12.82 -42.55 -41.06
CA LYS G 2 -13.88 -41.64 -40.64
C LYS G 2 -13.68 -41.26 -39.18
N ILE G 3 -13.70 -39.96 -38.91
CA ILE G 3 -13.65 -39.45 -37.54
C ILE G 3 -15.08 -39.51 -36.99
N GLU G 4 -15.36 -40.53 -36.20
CA GLU G 4 -16.70 -40.76 -35.68
C GLU G 4 -16.80 -40.25 -34.26
N PHE G 5 -17.89 -39.54 -33.98
CA PHE G 5 -18.18 -39.07 -32.63
C PHE G 5 -19.67 -39.23 -32.37
N ASP G 6 -20.06 -38.98 -31.13
CA ASP G 6 -21.47 -39.03 -30.76
C ASP G 6 -22.12 -37.66 -30.97
N VAL G 7 -21.61 -36.64 -30.28
CA VAL G 7 -22.04 -35.27 -30.43
C VAL G 7 -20.83 -34.45 -30.83
N VAL G 8 -21.00 -33.50 -31.74
CA VAL G 8 -19.99 -32.49 -32.02
C VAL G 8 -20.53 -31.16 -31.55
N VAL G 9 -19.86 -30.54 -30.61
CA VAL G 9 -20.25 -29.25 -30.08
C VAL G 9 -19.39 -28.21 -30.75
N VAL G 10 -19.97 -27.44 -31.67
CA VAL G 10 -19.23 -26.37 -32.31
C VAL G 10 -19.10 -25.21 -31.34
N GLY G 11 -17.87 -24.86 -31.01
CA GLY G 11 -17.67 -23.76 -30.11
C GLY G 11 -17.29 -24.23 -28.73
N ALA G 12 -16.32 -23.56 -28.13
CA ALA G 12 -15.84 -23.88 -26.80
C ALA G 12 -15.94 -22.67 -25.89
N GLY G 13 -17.09 -22.01 -25.91
CA GLY G 13 -17.37 -20.95 -24.97
C GLY G 13 -18.01 -21.52 -23.72
N PRO G 14 -18.80 -20.70 -23.02
CA PRO G 14 -19.53 -21.22 -21.87
C PRO G 14 -20.60 -22.23 -22.23
N SER G 15 -21.37 -22.02 -23.29
CA SER G 15 -22.42 -22.97 -23.63
C SER G 15 -21.85 -24.18 -24.35
N GLY G 16 -20.72 -24.01 -25.04
CA GLY G 16 -20.12 -25.14 -25.71
C GLY G 16 -19.48 -26.12 -24.75
N LEU G 17 -18.83 -25.61 -23.70
CA LEU G 17 -18.13 -26.50 -22.80
C LEU G 17 -19.05 -27.05 -21.72
N SER G 18 -20.11 -26.32 -21.38
CA SER G 18 -21.08 -26.85 -20.42
C SER G 18 -21.95 -27.92 -21.06
N CYS G 19 -22.22 -27.79 -22.36
CA CYS G 19 -22.89 -28.87 -23.07
C CYS G 19 -21.98 -30.08 -23.17
N ALA G 20 -20.70 -29.86 -23.42
CA ALA G 20 -19.77 -30.96 -23.52
C ALA G 20 -19.40 -31.55 -22.18
N TYR G 21 -19.62 -30.84 -21.09
CA TYR G 21 -19.29 -31.40 -19.78
C TYR G 21 -20.30 -32.44 -19.36
N VAL G 22 -21.59 -32.20 -19.60
CA VAL G 22 -22.60 -33.14 -19.17
C VAL G 22 -22.62 -34.37 -20.07
N LEU G 23 -22.30 -34.20 -21.36
CA LEU G 23 -22.22 -35.36 -22.24
C LEU G 23 -21.00 -36.20 -21.93
N ALA G 24 -19.88 -35.57 -21.59
CA ALA G 24 -18.68 -36.35 -21.28
C ALA G 24 -18.71 -36.95 -19.90
N LYS G 25 -19.43 -36.35 -18.95
CA LYS G 25 -19.59 -36.98 -17.65
C LYS G 25 -20.55 -38.16 -17.70
N ASN G 26 -21.47 -38.17 -18.67
CA ASN G 26 -22.43 -39.25 -18.84
C ASN G 26 -21.97 -40.26 -19.88
N GLY G 27 -20.69 -40.25 -20.24
CA GLY G 27 -20.12 -41.27 -21.10
C GLY G 27 -20.54 -41.20 -22.55
N LEU G 28 -20.37 -40.03 -23.18
CA LEU G 28 -20.61 -39.87 -24.60
C LEU G 28 -19.33 -39.41 -25.28
N LYS G 29 -19.06 -39.94 -26.47
CA LYS G 29 -17.90 -39.56 -27.25
C LYS G 29 -18.21 -38.23 -27.92
N VAL G 30 -17.99 -37.16 -27.16
CA VAL G 30 -18.33 -35.80 -27.57
C VAL G 30 -17.07 -35.05 -27.95
N ALA G 31 -17.09 -34.38 -29.10
CA ALA G 31 -15.98 -33.58 -29.58
C ALA G 31 -16.37 -32.11 -29.59
N VAL G 32 -15.44 -31.25 -29.20
CA VAL G 32 -15.65 -29.81 -29.20
C VAL G 32 -14.73 -29.22 -30.26
N VAL G 33 -15.29 -28.43 -31.16
CA VAL G 33 -14.54 -27.83 -32.25
C VAL G 33 -14.52 -26.33 -32.01
N GLU G 34 -13.33 -25.79 -31.73
CA GLU G 34 -13.15 -24.38 -31.46
C GLU G 34 -12.20 -23.78 -32.49
N LYS G 35 -12.55 -22.62 -33.01
CA LYS G 35 -11.77 -21.98 -34.07
C LYS G 35 -10.60 -21.17 -33.55
N GLY G 36 -10.42 -21.07 -32.24
CA GLY G 36 -9.30 -20.37 -31.67
C GLY G 36 -8.14 -21.30 -31.37
N GLU G 37 -7.03 -20.70 -30.98
CA GLU G 37 -5.84 -21.47 -30.62
C GLU G 37 -6.09 -22.31 -29.37
N TYR G 38 -6.76 -21.72 -28.39
CA TYR G 38 -7.18 -22.38 -27.17
C TYR G 38 -8.62 -21.95 -26.94
N PRO G 39 -9.38 -22.69 -26.13
CA PRO G 39 -10.71 -22.20 -25.76
C PRO G 39 -10.62 -20.97 -24.87
N GLY G 40 -11.29 -19.91 -25.30
CA GLY G 40 -11.19 -18.61 -24.65
C GLY G 40 -10.41 -17.60 -25.46
N SER G 41 -9.82 -18.02 -26.57
CA SER G 41 -9.02 -17.15 -27.40
C SER G 41 -9.84 -16.19 -28.24
N LYS G 42 -11.12 -16.50 -28.46
CA LYS G 42 -12.00 -15.62 -29.22
C LYS G 42 -13.15 -15.09 -28.37
N ASN G 43 -13.15 -15.37 -27.08
CA ASN G 43 -14.25 -15.05 -26.19
C ASN G 43 -13.99 -13.73 -25.50
N VAL G 44 -14.97 -12.83 -25.57
CA VAL G 44 -14.93 -11.55 -24.89
C VAL G 44 -16.04 -11.53 -23.86
N MET G 45 -15.68 -11.23 -22.62
CA MET G 45 -16.64 -10.98 -21.56
C MET G 45 -15.95 -10.11 -20.54
N GLY G 46 -16.68 -9.12 -20.04
CA GLY G 46 -16.14 -8.25 -19.00
C GLY G 46 -15.77 -9.01 -17.76
N GLY G 47 -16.60 -9.96 -17.36
CA GLY G 47 -16.12 -10.91 -16.40
C GLY G 47 -17.05 -11.50 -15.38
N VAL G 48 -18.20 -10.91 -15.11
CA VAL G 48 -19.00 -11.35 -13.97
C VAL G 48 -19.68 -12.66 -14.35
N LEU G 49 -19.13 -13.75 -13.85
CA LEU G 49 -19.62 -15.09 -14.12
C LEU G 49 -20.20 -15.66 -12.84
N TYR G 50 -21.46 -16.08 -12.92
CA TYR G 50 -22.22 -16.48 -11.75
C TYR G 50 -22.03 -17.97 -11.49
N VAL G 51 -21.84 -18.31 -10.21
CA VAL G 51 -21.39 -19.66 -9.88
C VAL G 51 -22.52 -20.66 -9.77
N HIS G 52 -23.77 -20.21 -9.79
CA HIS G 52 -24.85 -21.18 -9.68
C HIS G 52 -25.09 -21.99 -10.96
N PRO G 53 -25.05 -21.43 -12.20
CA PRO G 53 -25.15 -22.33 -13.36
C PRO G 53 -23.98 -23.27 -13.53
N LEU G 54 -22.84 -22.98 -12.92
CA LEU G 54 -21.72 -23.90 -12.94
C LEU G 54 -21.72 -24.90 -11.80
N LYS G 55 -22.39 -24.58 -10.69
CA LYS G 55 -22.57 -25.59 -9.65
C LYS G 55 -23.66 -26.59 -9.98
N GLU G 56 -24.46 -26.32 -11.02
CA GLU G 56 -25.32 -27.35 -11.59
C GLU G 56 -24.55 -28.23 -12.56
N ILE G 57 -23.61 -27.65 -13.31
CA ILE G 57 -22.72 -28.42 -14.17
C ILE G 57 -21.74 -29.22 -13.32
N MET G 58 -20.90 -28.51 -12.55
CA MET G 58 -19.89 -29.12 -11.69
C MET G 58 -20.26 -28.82 -10.25
N PRO G 59 -20.73 -29.79 -9.47
CA PRO G 59 -21.07 -29.51 -8.07
C PRO G 59 -19.86 -29.20 -7.20
N ASP G 60 -18.65 -29.48 -7.67
CA ASP G 60 -17.42 -29.18 -6.96
C ASP G 60 -16.62 -28.13 -7.72
N PHE G 61 -17.32 -27.10 -8.20
CA PHE G 61 -16.70 -26.11 -9.07
C PHE G 61 -15.79 -25.15 -8.31
N LEU G 62 -16.19 -24.70 -7.13
CA LEU G 62 -15.41 -23.73 -6.39
C LEU G 62 -14.16 -24.32 -5.75
N GLU G 63 -14.10 -25.64 -5.60
CA GLU G 63 -12.89 -26.29 -5.12
C GLU G 63 -11.88 -26.49 -6.25
N LYS G 64 -12.36 -26.80 -7.46
CA LYS G 64 -11.48 -27.00 -8.60
C LYS G 64 -10.91 -25.69 -9.13
N ALA G 65 -11.67 -24.61 -9.09
CA ALA G 65 -11.25 -23.34 -9.65
C ALA G 65 -10.58 -22.43 -8.63
N ALA G 66 -10.44 -22.87 -7.38
CA ALA G 66 -9.79 -22.04 -6.38
C ALA G 66 -8.28 -22.03 -6.56
N ASN G 67 -7.69 -23.19 -6.84
CA ASN G 67 -6.24 -23.27 -7.02
C ASN G 67 -5.80 -22.69 -8.36
N SER G 68 -6.69 -22.65 -9.35
CA SER G 68 -6.33 -22.26 -10.70
C SER G 68 -6.37 -20.74 -10.84
N LYS G 69 -6.26 -20.27 -12.08
CA LYS G 69 -6.43 -18.85 -12.40
C LYS G 69 -7.66 -18.63 -13.26
N ALA G 70 -8.63 -19.54 -13.19
CA ALA G 70 -9.89 -19.38 -13.91
C ALA G 70 -10.69 -18.23 -13.34
N LEU G 71 -11.07 -18.35 -12.08
CA LEU G 71 -11.81 -17.32 -11.39
C LEU G 71 -10.86 -16.22 -10.93
N GLU G 72 -11.44 -15.08 -10.57
CA GLU G 72 -10.65 -13.89 -10.32
C GLU G 72 -11.47 -12.92 -9.50
N ARG G 73 -11.12 -12.71 -8.23
CA ARG G 73 -11.75 -11.69 -7.38
C ARG G 73 -13.25 -11.87 -7.22
N ASN G 74 -13.65 -12.82 -6.36
CA ASN G 74 -15.02 -13.06 -5.91
C ASN G 74 -15.80 -11.77 -5.67
N VAL G 75 -16.92 -11.63 -6.38
CA VAL G 75 -17.67 -10.39 -6.37
C VAL G 75 -18.49 -10.33 -5.09
N ILE G 76 -18.14 -9.40 -4.22
CA ILE G 76 -18.89 -9.17 -2.99
C ILE G 76 -19.65 -7.87 -3.01
N GLU G 77 -19.33 -6.95 -3.92
CA GLU G 77 -20.00 -5.67 -4.03
C GLU G 77 -20.37 -5.45 -5.49
N GLN G 78 -21.61 -5.06 -5.74
CA GLN G 78 -22.05 -4.72 -7.09
C GLN G 78 -22.57 -3.30 -7.07
N ASN G 79 -21.85 -2.40 -7.74
CA ASN G 79 -22.20 -1.00 -7.78
C ASN G 79 -22.88 -0.63 -9.08
N LEU G 80 -23.66 0.44 -9.03
CA LEU G 80 -24.19 1.09 -10.22
C LEU G 80 -23.87 2.56 -10.10
N TRP G 81 -23.16 3.09 -11.06
CA TRP G 81 -22.65 4.45 -11.01
C TRP G 81 -23.32 5.30 -12.07
N LEU G 82 -23.85 6.45 -11.65
CA LEU G 82 -24.48 7.40 -12.55
C LEU G 82 -23.49 8.54 -12.72
N LEU G 83 -22.71 8.49 -13.79
CA LEU G 83 -21.69 9.49 -14.02
C LEU G 83 -22.30 10.80 -14.47
N GLY G 84 -21.89 11.90 -13.84
CA GLY G 84 -22.31 13.22 -14.24
C GLY G 84 -21.24 13.93 -15.02
N ASN G 85 -21.36 15.25 -15.10
CA ASN G 85 -20.34 16.06 -15.74
C ASN G 85 -19.05 16.03 -14.92
N GLU G 86 -19.17 16.10 -13.60
CA GLU G 86 -18.04 15.97 -12.70
C GLU G 86 -18.30 15.03 -11.53
N GLY G 87 -19.54 14.66 -11.25
CA GLY G 87 -19.86 13.81 -10.13
C GLY G 87 -20.25 12.40 -10.54
N VAL G 88 -20.57 11.61 -9.52
CA VAL G 88 -21.03 10.24 -9.70
C VAL G 88 -21.98 9.92 -8.56
N ILE G 89 -23.07 9.22 -8.86
CA ILE G 89 -23.99 8.71 -7.84
C ILE G 89 -23.73 7.22 -7.74
N LYS G 90 -22.92 6.82 -6.76
CA LYS G 90 -22.65 5.41 -6.54
C LYS G 90 -23.82 4.80 -5.77
N ILE G 91 -24.43 3.77 -6.32
CA ILE G 91 -25.46 2.99 -5.63
C ILE G 91 -24.94 1.57 -5.59
N GLY G 92 -24.23 1.22 -4.52
CA GLY G 92 -23.65 -0.09 -4.41
C GLY G 92 -24.47 -1.00 -3.51
N HIS G 93 -24.02 -2.25 -3.43
CA HIS G 93 -24.55 -3.19 -2.46
C HIS G 93 -23.45 -4.21 -2.18
N ARG G 94 -22.78 -4.05 -1.05
CA ARG G 94 -21.79 -5.02 -0.62
C ARG G 94 -22.43 -5.99 0.35
N ASN G 95 -22.26 -7.28 0.09
CA ASN G 95 -22.79 -8.34 0.94
C ASN G 95 -21.64 -9.21 1.39
N VAL G 96 -21.61 -9.56 2.68
CA VAL G 96 -20.50 -10.33 3.21
C VAL G 96 -20.78 -11.81 3.29
N GLU G 97 -21.99 -12.25 2.97
CA GLU G 97 -22.21 -13.69 2.83
C GLU G 97 -21.78 -14.18 1.46
N TRP G 98 -21.46 -13.27 0.54
CA TRP G 98 -20.86 -13.61 -0.72
C TRP G 98 -19.37 -13.89 -0.60
N LYS G 99 -18.78 -13.70 0.58
CA LYS G 99 -17.39 -14.05 0.80
C LYS G 99 -17.20 -15.53 1.06
N GLU G 100 -18.21 -16.19 1.62
CA GLU G 100 -18.14 -17.62 1.89
C GLU G 100 -19.11 -18.46 1.08
N ASN G 101 -20.24 -17.89 0.67
CA ASN G 101 -21.12 -18.49 -0.33
C ASN G 101 -21.15 -17.54 -1.52
N PRO G 102 -20.24 -17.70 -2.49
CA PRO G 102 -20.11 -16.70 -3.55
C PRO G 102 -21.29 -16.68 -4.50
N ASN G 103 -21.57 -15.51 -5.04
CA ASN G 103 -22.60 -15.32 -6.02
C ASN G 103 -22.04 -15.26 -7.43
N ALA G 104 -20.89 -14.64 -7.57
CA ALA G 104 -20.30 -14.38 -8.88
C ALA G 104 -18.82 -14.12 -8.70
N PHE G 105 -18.05 -14.47 -9.72
CA PHE G 105 -16.66 -14.11 -9.81
C PHE G 105 -16.47 -13.26 -11.05
N THR G 106 -15.51 -12.35 -10.98
CA THR G 106 -15.03 -11.73 -12.20
C THR G 106 -14.14 -12.75 -12.89
N VAL G 107 -14.19 -12.80 -14.23
CA VAL G 107 -13.32 -13.71 -14.96
C VAL G 107 -12.63 -12.94 -16.07
N LEU G 108 -11.57 -13.56 -16.60
CA LEU G 108 -11.02 -13.21 -17.89
C LEU G 108 -11.19 -14.49 -18.69
N ARG G 109 -11.92 -14.40 -19.81
CA ARG G 109 -12.47 -15.59 -20.45
C ARG G 109 -11.42 -16.45 -21.12
N ALA G 110 -10.24 -15.90 -21.42
CA ALA G 110 -9.17 -16.75 -21.92
C ALA G 110 -8.57 -17.56 -20.78
N ASN G 111 -8.67 -17.05 -19.56
CA ASN G 111 -8.19 -17.82 -18.41
C ASN G 111 -9.26 -18.77 -17.90
N PHE G 112 -10.53 -18.39 -18.03
CA PHE G 112 -11.61 -19.25 -17.55
C PHE G 112 -11.86 -20.40 -18.51
N ASP G 113 -12.05 -20.08 -19.80
CA ASP G 113 -12.42 -21.12 -20.75
C ASP G 113 -11.25 -22.04 -21.09
N ARG G 114 -10.03 -21.63 -20.79
CA ARG G 114 -8.92 -22.56 -20.93
C ARG G 114 -8.87 -23.53 -19.75
N TRP G 115 -9.25 -23.06 -18.56
CA TRP G 115 -9.39 -23.97 -17.43
C TRP G 115 -10.64 -24.82 -17.59
N PHE G 116 -11.73 -24.23 -18.08
CA PHE G 116 -12.96 -24.97 -18.26
C PHE G 116 -12.82 -26.01 -19.35
N ALA G 117 -11.95 -25.76 -20.33
CA ALA G 117 -11.63 -26.80 -21.30
C ALA G 117 -10.87 -27.94 -20.69
N GLN G 118 -10.03 -27.67 -19.69
CA GLN G 118 -9.26 -28.73 -19.05
C GLN G 118 -10.14 -29.64 -18.21
N GLU G 119 -11.22 -29.11 -17.64
CA GLU G 119 -12.16 -29.96 -16.92
C GLU G 119 -13.03 -30.76 -17.88
N VAL G 120 -13.38 -30.18 -19.03
CA VAL G 120 -14.11 -30.91 -20.04
C VAL G 120 -13.23 -31.99 -20.67
N GLU G 121 -11.92 -31.70 -20.81
CA GLU G 121 -10.99 -32.71 -21.29
C GLU G 121 -10.81 -33.84 -20.27
N LYS G 122 -10.79 -33.51 -18.98
CA LYS G 122 -10.71 -34.54 -17.95
C LYS G 122 -12.01 -35.32 -17.83
N ALA G 123 -13.12 -34.71 -18.22
CA ALA G 123 -14.40 -35.42 -18.22
C ALA G 123 -14.47 -36.47 -19.31
N GLY G 124 -13.69 -36.32 -20.38
CA GLY G 124 -13.63 -37.34 -21.41
C GLY G 124 -13.98 -36.85 -22.81
N ALA G 125 -14.11 -35.55 -22.97
CA ALA G 125 -14.41 -34.97 -24.26
C ALA G 125 -13.13 -34.58 -24.98
N LEU G 126 -13.13 -34.75 -26.29
CA LEU G 126 -11.98 -34.38 -27.11
C LEU G 126 -12.20 -32.98 -27.64
N ILE G 127 -11.50 -32.01 -27.06
CA ILE G 127 -11.62 -30.63 -27.50
C ILE G 127 -10.62 -30.40 -28.61
N ILE G 128 -11.11 -29.95 -29.76
CA ILE G 128 -10.31 -29.78 -30.96
C ILE G 128 -10.20 -28.29 -31.26
N PRO G 129 -9.17 -27.61 -30.78
CA PRO G 129 -9.01 -26.19 -31.09
C PRO G 129 -8.40 -26.04 -32.48
N LYS G 130 -8.16 -24.78 -32.85
CA LYS G 130 -7.53 -24.39 -34.12
C LYS G 130 -8.29 -24.90 -35.32
N THR G 131 -9.61 -25.02 -35.21
CA THR G 131 -10.43 -25.70 -36.21
C THR G 131 -11.75 -24.96 -36.35
N LYS G 132 -12.00 -24.35 -37.50
CA LYS G 132 -13.24 -23.64 -37.75
C LYS G 132 -14.18 -24.52 -38.55
N VAL G 133 -15.42 -24.64 -38.07
CA VAL G 133 -16.46 -25.37 -38.79
C VAL G 133 -17.00 -24.49 -39.90
N GLU G 134 -16.99 -25.00 -41.13
CA GLU G 134 -17.49 -24.25 -42.27
C GLU G 134 -18.92 -24.58 -42.62
N ASP G 135 -19.30 -25.85 -42.59
CA ASP G 135 -20.65 -26.27 -42.93
C ASP G 135 -20.89 -27.61 -42.22
N PHE G 136 -21.99 -28.26 -42.56
CA PHE G 136 -22.33 -29.56 -42.00
C PHE G 136 -22.34 -30.61 -43.10
N LEU G 137 -21.75 -31.77 -42.82
CA LEU G 137 -21.87 -32.88 -43.73
C LEU G 137 -23.23 -33.53 -43.52
N ARG G 138 -23.96 -33.72 -44.60
CA ARG G 138 -25.33 -34.20 -44.53
C ARG G 138 -25.45 -35.57 -45.16
N ASN G 139 -26.35 -36.37 -44.61
CA ASN G 139 -26.74 -37.62 -45.23
C ASN G 139 -27.79 -37.34 -46.31
N GLU G 140 -28.21 -38.38 -47.02
CA GLU G 140 -29.18 -38.21 -48.11
C GLU G 140 -30.60 -38.01 -47.62
N LYS G 141 -30.85 -38.06 -46.31
CA LYS G 141 -32.11 -37.59 -45.76
C LYS G 141 -32.17 -36.07 -45.68
N GLY G 142 -31.05 -35.37 -45.87
CA GLY G 142 -31.02 -33.93 -45.87
C GLY G 142 -30.86 -33.29 -44.52
N GLU G 143 -30.48 -34.05 -43.49
CA GLU G 143 -30.31 -33.53 -42.15
C GLU G 143 -28.83 -33.46 -41.80
N ILE G 144 -28.52 -32.73 -40.73
CA ILE G 144 -27.15 -32.52 -40.28
C ILE G 144 -26.63 -33.83 -39.70
N ALA G 145 -25.65 -34.43 -40.38
CA ALA G 145 -25.07 -35.69 -39.94
C ALA G 145 -23.63 -35.54 -39.48
N GLY G 146 -23.18 -34.31 -39.27
CA GLY G 146 -21.82 -34.11 -38.81
C GLY G 146 -21.35 -32.69 -39.11
N VAL G 147 -20.05 -32.56 -39.29
CA VAL G 147 -19.35 -31.28 -39.34
C VAL G 147 -18.21 -31.37 -40.34
N VAL G 148 -18.16 -30.41 -41.27
CA VAL G 148 -16.98 -30.22 -42.12
C VAL G 148 -16.24 -29.00 -41.61
N THR G 149 -14.92 -29.04 -41.72
CA THR G 149 -14.06 -28.02 -41.13
C THR G 149 -13.20 -27.38 -42.22
N SER G 150 -12.41 -26.40 -41.82
CA SER G 150 -11.45 -25.78 -42.72
C SER G 150 -10.19 -26.61 -42.89
N ARG G 151 -10.02 -27.66 -42.09
CA ARG G 151 -8.87 -28.54 -42.20
C ARG G 151 -8.94 -29.36 -43.49
N PRO G 152 -7.78 -29.83 -44.00
CA PRO G 152 -7.77 -30.61 -45.25
C PRO G 152 -8.61 -31.88 -45.26
N LYS G 153 -8.34 -32.82 -44.34
CA LYS G 153 -9.12 -34.05 -44.27
C LYS G 153 -10.19 -33.96 -43.20
N GLY G 154 -10.77 -32.78 -43.02
CA GLY G 154 -11.64 -32.52 -41.90
C GLY G 154 -13.11 -32.75 -42.16
N GLU G 155 -13.61 -33.88 -41.67
CA GLU G 155 -15.02 -34.22 -41.80
C GLU G 155 -15.37 -35.07 -40.58
N ILE G 156 -15.94 -34.45 -39.57
CA ILE G 156 -16.27 -35.14 -38.33
C ILE G 156 -17.70 -35.63 -38.40
N HIS G 157 -17.90 -36.92 -38.15
CA HIS G 157 -19.22 -37.54 -38.21
C HIS G 157 -19.78 -37.63 -36.80
N SER G 158 -21.05 -37.27 -36.64
CA SER G 158 -21.68 -37.29 -35.33
C SER G 158 -23.17 -37.48 -35.49
N LYS G 159 -23.77 -38.08 -34.45
CA LYS G 159 -25.22 -38.27 -34.45
C LYS G 159 -25.98 -36.99 -34.14
N ALA G 160 -25.31 -35.99 -33.58
CA ALA G 160 -25.94 -34.70 -33.31
C ALA G 160 -24.86 -33.63 -33.32
N VAL G 161 -25.27 -32.40 -33.60
CA VAL G 161 -24.35 -31.27 -33.69
C VAL G 161 -24.93 -30.13 -32.87
N VAL G 162 -24.17 -29.65 -31.90
CA VAL G 162 -24.61 -28.55 -31.04
C VAL G 162 -23.95 -27.27 -31.54
N ILE G 163 -24.77 -26.33 -32.03
CA ILE G 163 -24.25 -25.08 -32.58
C ILE G 163 -24.18 -24.10 -31.42
N ALA G 164 -23.14 -24.23 -30.61
CA ALA G 164 -22.89 -23.29 -29.52
C ALA G 164 -21.81 -22.28 -29.90
N GLU G 165 -21.98 -21.58 -31.01
CA GLU G 165 -20.92 -20.76 -31.58
C GLU G 165 -21.13 -19.27 -31.31
N GLY G 166 -22.05 -18.92 -30.42
CA GLY G 166 -22.19 -17.54 -30.02
C GLY G 166 -22.87 -16.67 -31.07
N VAL G 167 -22.72 -15.37 -30.87
CA VAL G 167 -23.23 -14.35 -31.77
C VAL G 167 -22.42 -14.42 -33.07
N ASN G 168 -22.86 -13.69 -34.12
CA ASN G 168 -22.51 -13.88 -35.53
C ASN G 168 -22.98 -15.26 -35.93
N PRO G 169 -24.29 -15.43 -36.18
CA PRO G 169 -24.88 -16.75 -36.41
C PRO G 169 -24.61 -17.26 -37.81
N ILE G 170 -23.33 -17.39 -38.16
CA ILE G 170 -22.95 -17.84 -39.49
C ILE G 170 -23.27 -19.30 -39.66
N LEU G 171 -22.92 -20.12 -38.67
CA LEU G 171 -23.17 -21.54 -38.75
C LEU G 171 -24.61 -21.90 -38.42
N THR G 172 -25.34 -21.00 -37.76
CA THR G 172 -26.75 -21.27 -37.51
C THR G 172 -27.56 -21.12 -38.78
N MET G 173 -27.19 -20.18 -39.65
CA MET G 173 -27.86 -20.00 -40.92
C MET G 173 -27.60 -21.13 -41.90
N LYS G 174 -26.46 -21.84 -41.76
CA LYS G 174 -26.22 -22.99 -42.62
C LYS G 174 -27.08 -24.18 -42.24
N ALA G 175 -27.57 -24.24 -41.00
CA ALA G 175 -28.40 -25.35 -40.55
C ALA G 175 -29.88 -25.14 -40.84
N GLY G 176 -30.24 -24.05 -41.52
CA GLY G 176 -31.63 -23.76 -41.81
C GLY G 176 -32.31 -22.86 -40.80
N LEU G 177 -31.86 -22.89 -39.56
CA LEU G 177 -32.30 -21.95 -38.53
C LEU G 177 -31.74 -20.56 -38.86
N ARG G 178 -32.27 -19.54 -38.18
CA ARG G 178 -31.93 -18.13 -38.44
C ARG G 178 -32.19 -17.78 -39.91
N LYS G 179 -33.47 -17.71 -40.27
CA LYS G 179 -33.86 -17.48 -41.66
C LYS G 179 -33.32 -16.17 -42.24
N GLU G 180 -33.02 -15.19 -41.41
CA GLU G 180 -32.26 -14.02 -41.84
C GLU G 180 -31.03 -13.84 -40.96
N ASP G 181 -30.21 -12.87 -41.31
CA ASP G 181 -29.04 -12.50 -40.51
C ASP G 181 -29.49 -11.62 -39.34
N LEU G 182 -28.53 -11.26 -38.49
CA LEU G 182 -28.82 -10.30 -37.43
C LEU G 182 -28.97 -8.91 -38.03
N LYS G 183 -30.02 -8.24 -37.66
CA LYS G 183 -30.18 -6.83 -37.98
C LYS G 183 -29.48 -6.00 -36.92
N PRO G 184 -29.08 -4.76 -37.20
CA PRO G 184 -28.34 -4.00 -36.18
C PRO G 184 -29.19 -3.38 -35.08
N HIS G 185 -30.21 -4.10 -34.63
CA HIS G 185 -30.94 -3.75 -33.42
C HIS G 185 -31.07 -4.96 -32.50
N MET G 186 -30.71 -6.14 -32.97
CA MET G 186 -30.61 -7.33 -32.14
C MET G 186 -29.27 -7.46 -31.44
N VAL G 187 -28.29 -6.61 -31.78
CA VAL G 187 -26.96 -6.72 -31.23
C VAL G 187 -26.48 -5.39 -30.70
N ALA G 188 -25.50 -5.46 -29.81
CA ALA G 188 -24.87 -4.29 -29.22
C ALA G 188 -23.36 -4.42 -29.37
N VAL G 189 -22.72 -3.37 -29.90
CA VAL G 189 -21.27 -3.35 -30.00
C VAL G 189 -20.69 -3.10 -28.63
N ALA G 190 -19.90 -4.04 -28.15
CA ALA G 190 -19.32 -3.96 -26.81
C ALA G 190 -17.80 -3.93 -26.95
N VAL G 191 -17.22 -2.81 -26.57
CA VAL G 191 -15.79 -2.57 -26.69
C VAL G 191 -15.20 -2.56 -25.28
N LYS G 192 -14.18 -3.38 -25.05
CA LYS G 192 -13.66 -3.66 -23.72
C LYS G 192 -12.14 -3.50 -23.72
N GLU G 193 -11.61 -2.91 -22.65
CA GLU G 193 -10.19 -2.85 -22.38
C GLU G 193 -9.87 -3.62 -21.12
N VAL G 194 -8.78 -4.36 -21.14
CA VAL G 194 -8.22 -4.96 -19.92
C VAL G 194 -7.00 -4.13 -19.56
N ILE G 195 -7.07 -3.42 -18.44
CA ILE G 195 -6.03 -2.48 -18.04
C ILE G 195 -5.26 -3.08 -16.88
N SER G 196 -3.94 -3.01 -16.95
CA SER G 196 -3.07 -3.55 -15.89
C SER G 196 -3.00 -2.55 -14.75
N VAL G 197 -3.65 -2.87 -13.64
CA VAL G 197 -3.68 -2.04 -12.45
C VAL G 197 -3.15 -2.90 -11.32
N PRO G 198 -2.06 -2.51 -10.65
CA PRO G 198 -1.19 -3.50 -9.97
C PRO G 198 -1.65 -3.91 -8.57
N GLU G 199 -2.83 -4.55 -8.49
CA GLU G 199 -3.22 -5.48 -7.43
C GLU G 199 -3.50 -4.80 -6.07
N ASP G 200 -3.10 -3.56 -5.92
CA ASP G 200 -3.30 -2.80 -4.70
C ASP G 200 -4.02 -1.50 -4.93
N VAL G 201 -3.92 -0.95 -6.14
CA VAL G 201 -4.81 0.12 -6.54
C VAL G 201 -6.19 -0.45 -6.85
N VAL G 202 -6.26 -1.72 -7.27
CA VAL G 202 -7.54 -2.41 -7.41
C VAL G 202 -8.22 -2.52 -6.05
N ASN G 203 -7.45 -2.83 -5.01
CA ASN G 203 -7.99 -2.87 -3.67
C ASN G 203 -8.42 -1.50 -3.19
N ARG G 204 -7.72 -0.45 -3.61
CA ARG G 204 -8.02 0.88 -3.09
C ARG G 204 -9.20 1.52 -3.82
N VAL G 205 -9.26 1.42 -5.14
CA VAL G 205 -10.34 2.12 -5.86
C VAL G 205 -11.65 1.37 -5.85
N PHE G 206 -11.65 0.09 -5.48
CA PHE G 206 -12.89 -0.66 -5.35
C PHE G 206 -13.31 -0.85 -3.90
N GLY G 207 -12.44 -0.52 -2.94
CA GLY G 207 -12.77 -0.68 -1.54
C GLY G 207 -12.81 -2.10 -1.07
N VAL G 208 -11.93 -2.96 -1.60
CA VAL G 208 -11.92 -4.38 -1.32
C VAL G 208 -10.51 -4.78 -0.90
N GLU G 209 -10.34 -6.08 -0.63
CA GLU G 209 -9.04 -6.62 -0.24
C GLU G 209 -9.05 -8.12 -0.40
N GLY G 210 -7.96 -8.66 -0.96
CA GLY G 210 -7.66 -10.07 -0.90
C GLY G 210 -8.62 -11.02 -1.60
N ASN G 211 -8.63 -10.99 -2.93
CA ASN G 211 -9.46 -11.85 -3.79
C ASN G 211 -10.95 -11.66 -3.51
N ASP G 212 -11.33 -10.44 -3.16
CA ASP G 212 -12.71 -10.02 -3.11
C ASP G 212 -12.89 -8.91 -4.13
N GLY G 213 -13.93 -9.00 -4.93
CA GLY G 213 -14.03 -8.11 -6.06
C GLY G 213 -15.24 -7.22 -6.02
N ALA G 214 -15.22 -6.18 -6.84
CA ALA G 214 -16.34 -5.27 -6.98
C ALA G 214 -16.59 -5.01 -8.44
N THR G 215 -17.84 -4.82 -8.79
CA THR G 215 -18.26 -4.54 -10.15
C THR G 215 -18.91 -3.17 -10.20
N ILE G 216 -18.49 -2.36 -11.14
CA ILE G 216 -19.10 -1.06 -11.37
C ILE G 216 -19.93 -1.17 -12.64
N GLU G 217 -21.12 -0.60 -12.63
CA GLU G 217 -21.91 -0.43 -13.85
C GLU G 217 -22.11 1.05 -14.08
N LEU G 218 -21.63 1.53 -15.21
CA LEU G 218 -21.47 2.95 -15.47
C LEU G 218 -22.56 3.43 -16.40
N LEU G 219 -23.35 4.39 -15.94
CA LEU G 219 -24.29 5.10 -16.79
C LEU G 219 -23.91 6.57 -16.79
N GLY G 220 -24.26 7.26 -17.87
CA GLY G 220 -23.95 8.68 -17.95
C GLY G 220 -23.97 9.14 -19.38
N SER G 221 -23.51 10.37 -19.57
CA SER G 221 -23.47 11.01 -20.88
C SER G 221 -22.15 10.78 -21.59
N TRP G 222 -21.35 9.82 -21.13
CA TRP G 222 -20.20 9.40 -21.93
C TRP G 222 -20.64 8.65 -23.17
N SER G 223 -21.81 8.03 -23.13
CA SER G 223 -22.36 7.28 -24.25
C SER G 223 -23.16 8.14 -25.21
N GLU G 224 -22.96 9.46 -25.15
CA GLU G 224 -23.45 10.43 -26.14
C GLU G 224 -24.98 10.42 -26.28
N GLY G 225 -25.68 10.10 -25.21
CA GLY G 225 -27.12 10.05 -25.22
C GLY G 225 -27.72 8.70 -25.57
N MET G 226 -26.92 7.78 -26.07
CA MET G 226 -27.39 6.43 -26.35
C MET G 226 -27.32 5.58 -25.08
N PHE G 227 -28.21 4.59 -24.99
CA PHE G 227 -28.21 3.76 -23.79
C PHE G 227 -27.03 2.81 -23.82
N GLY G 228 -25.92 3.25 -23.26
CA GLY G 228 -24.74 2.43 -23.08
C GLY G 228 -24.53 2.15 -21.61
N MET G 229 -24.43 0.87 -21.28
CA MET G 229 -24.10 0.44 -19.92
C MET G 229 -22.65 0.01 -19.94
N GLY G 230 -21.76 0.91 -19.53
CA GLY G 230 -20.38 0.56 -19.36
C GLY G 230 -20.16 -0.24 -18.11
N PHE G 231 -18.98 -0.81 -17.99
CA PHE G 231 -18.64 -1.59 -16.81
C PHE G 231 -17.20 -1.32 -16.42
N LEU G 232 -16.87 -1.70 -15.20
CA LEU G 232 -15.52 -1.54 -14.67
C LEU G 232 -15.36 -2.60 -13.60
N TYR G 233 -14.68 -3.69 -13.93
CA TYR G 233 -14.62 -4.83 -13.04
C TYR G 233 -13.23 -4.97 -12.44
N ALA G 234 -13.19 -5.60 -11.28
CA ALA G 234 -11.95 -5.82 -10.56
C ALA G 234 -11.45 -7.22 -10.88
N ASN G 235 -10.38 -7.30 -11.64
CA ASN G 235 -9.64 -8.54 -11.79
C ASN G 235 -8.63 -8.64 -10.66
N ARG G 236 -7.78 -9.67 -10.69
CA ARG G 236 -6.82 -9.85 -9.61
C ARG G 236 -5.74 -8.79 -9.66
N SER G 237 -4.96 -8.75 -10.73
CA SER G 237 -3.94 -7.75 -10.94
C SER G 237 -4.29 -6.82 -12.10
N SER G 238 -5.59 -6.65 -12.35
CA SER G 238 -6.04 -5.93 -13.52
C SER G 238 -7.41 -5.31 -13.26
N VAL G 239 -7.86 -4.53 -14.23
CA VAL G 239 -9.19 -3.93 -14.24
C VAL G 239 -9.70 -4.02 -15.67
N SER G 240 -10.82 -4.69 -15.87
CA SER G 240 -11.42 -4.82 -17.19
C SER G 240 -12.49 -3.76 -17.35
N LEU G 241 -12.17 -2.72 -18.10
CA LEU G 241 -13.05 -1.57 -18.29
C LEU G 241 -13.58 -1.59 -19.72
N GLY G 242 -14.88 -1.58 -19.86
CA GLY G 242 -15.47 -1.63 -21.18
C GLY G 242 -16.80 -0.91 -21.23
N CYS G 243 -17.43 -0.95 -22.39
CA CYS G 243 -18.70 -0.27 -22.60
C CYS G 243 -19.39 -0.91 -23.79
N GLY G 244 -20.71 -1.01 -23.70
CA GLY G 244 -21.49 -1.61 -24.77
C GLY G 244 -22.68 -0.77 -25.15
N VAL G 245 -22.87 -0.53 -26.45
CA VAL G 245 -23.98 0.28 -26.93
C VAL G 245 -24.60 -0.44 -28.11
N LEU G 246 -25.89 -0.20 -28.34
CA LEU G 246 -26.62 -0.88 -29.40
C LEU G 246 -26.14 -0.42 -30.78
N LEU G 247 -26.23 -1.33 -31.76
CA LEU G 247 -25.78 -1.02 -33.10
C LEU G 247 -26.69 -0.05 -33.84
N GLU G 248 -27.99 -0.02 -33.54
CA GLU G 248 -28.84 0.98 -34.17
C GLU G 248 -28.49 2.38 -33.69
N ASP G 249 -28.17 2.52 -32.41
CA ASP G 249 -27.78 3.82 -31.87
C ASP G 249 -26.39 4.21 -32.37
N LEU G 250 -25.48 3.23 -32.48
CA LEU G 250 -24.13 3.52 -32.91
C LEU G 250 -24.06 3.84 -34.39
N ARG G 251 -24.94 3.25 -35.20
CA ARG G 251 -24.92 3.50 -36.64
C ARG G 251 -25.38 4.92 -36.95
N LYS G 252 -26.43 5.39 -36.28
CA LYS G 252 -26.98 6.71 -36.56
C LYS G 252 -26.28 7.82 -35.77
N LYS G 253 -25.26 7.49 -34.99
CA LYS G 253 -24.45 8.51 -34.33
C LYS G 253 -23.07 8.65 -34.95
N LYS G 254 -22.54 7.58 -35.54
CA LYS G 254 -21.31 7.55 -36.33
C LYS G 254 -20.09 8.02 -35.54
N ILE G 255 -19.78 7.34 -34.44
CA ILE G 255 -18.78 7.87 -33.53
C ILE G 255 -17.72 6.88 -33.05
N LYS G 256 -17.49 5.77 -33.80
CA LYS G 256 -16.34 4.90 -33.60
C LYS G 256 -16.24 4.27 -32.22
N PRO G 257 -16.93 3.14 -31.96
CA PRO G 257 -17.24 2.67 -30.58
C PRO G 257 -16.13 2.56 -29.55
N TYR G 258 -14.86 2.70 -29.92
CA TYR G 258 -13.82 2.87 -28.93
C TYR G 258 -13.75 4.30 -28.40
N GLN G 259 -14.45 5.24 -29.02
CA GLN G 259 -14.50 6.59 -28.50
C GLN G 259 -15.37 6.66 -27.24
N LEU G 260 -16.40 5.82 -27.17
CA LEU G 260 -17.18 5.68 -25.95
C LEU G 260 -16.33 5.15 -24.81
N LEU G 261 -15.41 4.24 -25.10
CA LEU G 261 -14.47 3.80 -24.09
C LEU G 261 -13.46 4.89 -23.77
N GLU G 262 -13.19 5.79 -24.71
CA GLU G 262 -12.35 6.93 -24.41
C GLU G 262 -13.11 8.01 -23.65
N ASN G 263 -14.42 8.13 -23.88
CA ASN G 263 -15.23 8.97 -23.02
C ASN G 263 -15.42 8.36 -21.64
N LEU G 264 -15.26 7.05 -21.51
CA LEU G 264 -15.39 6.40 -20.22
C LEU G 264 -14.10 6.43 -19.44
N LYS G 265 -12.95 6.39 -20.12
CA LYS G 265 -11.68 6.53 -19.42
C LYS G 265 -11.44 7.97 -19.00
N ASN G 266 -11.77 8.92 -19.86
CA ASN G 266 -11.49 10.33 -19.61
C ASN G 266 -12.62 11.04 -18.89
N HIS G 267 -13.52 10.30 -18.25
CA HIS G 267 -14.43 10.93 -17.32
C HIS G 267 -13.65 11.41 -16.10
N PRO G 268 -14.04 12.52 -15.48
CA PRO G 268 -13.31 13.01 -14.30
C PRO G 268 -13.31 12.07 -13.10
N VAL G 269 -14.25 11.14 -13.01
CA VAL G 269 -14.28 10.21 -11.88
C VAL G 269 -13.44 8.98 -12.15
N ILE G 270 -13.53 8.42 -13.36
CA ILE G 270 -12.74 7.24 -13.69
C ILE G 270 -11.26 7.60 -13.85
N SER G 271 -10.97 8.82 -14.30
CA SER G 271 -9.59 9.27 -14.32
C SER G 271 -9.08 9.68 -12.94
N ASP G 272 -9.97 9.82 -11.97
CA ASP G 272 -9.54 10.08 -10.59
C ASP G 272 -9.20 8.78 -9.89
N MET G 273 -10.01 7.73 -10.10
CA MET G 273 -9.76 6.41 -9.53
C MET G 273 -8.47 5.82 -10.03
N LEU G 274 -8.43 5.51 -11.33
CA LEU G 274 -7.21 5.12 -12.01
C LEU G 274 -6.60 6.42 -12.52
N GLY G 275 -5.62 6.94 -11.80
CA GLY G 275 -5.04 8.22 -12.16
C GLY G 275 -4.21 8.16 -13.43
N GLU G 276 -3.05 7.50 -13.33
CA GLU G 276 -2.23 7.20 -14.49
C GLU G 276 -2.09 5.70 -14.72
N TYR G 277 -2.93 4.90 -14.07
CA TYR G 277 -3.12 3.50 -14.41
C TYR G 277 -4.22 3.30 -15.43
N ARG G 278 -4.56 4.32 -16.22
CA ARG G 278 -5.54 4.16 -17.28
C ARG G 278 -4.92 3.75 -18.60
N ASN G 279 -3.67 4.18 -18.84
CA ASN G 279 -3.08 4.04 -20.15
C ASN G 279 -2.10 2.88 -20.23
N ASN G 280 -2.04 2.03 -19.21
CA ASN G 280 -1.36 0.74 -19.34
C ASN G 280 -2.36 -0.34 -19.71
N THR G 281 -3.02 -0.11 -20.83
CA THR G 281 -3.95 -1.07 -21.42
C THR G 281 -3.19 -2.31 -21.85
N MET G 282 -3.64 -3.46 -21.35
CA MET G 282 -3.01 -4.72 -21.72
C MET G 282 -3.63 -5.35 -22.94
N GLU G 283 -4.87 -4.99 -23.26
CA GLU G 283 -5.61 -5.66 -24.32
C GLU G 283 -6.80 -4.82 -24.71
N TYR G 284 -7.20 -4.95 -25.97
CA TYR G 284 -8.32 -4.21 -26.52
C TYR G 284 -9.21 -5.18 -27.26
N LEU G 285 -10.46 -5.28 -26.83
CA LEU G 285 -11.37 -6.29 -27.33
C LEU G 285 -12.62 -5.64 -27.90
N ALA G 286 -13.34 -6.41 -28.70
CA ALA G 286 -14.62 -5.99 -29.24
C ALA G 286 -15.44 -7.22 -29.56
N HIS G 287 -16.73 -7.14 -29.29
CA HIS G 287 -17.63 -8.28 -29.50
C HIS G 287 -19.02 -7.73 -29.70
N LEU G 288 -19.98 -8.63 -29.85
CA LEU G 288 -21.38 -8.28 -29.94
C LEU G 288 -22.14 -8.98 -28.81
N ILE G 289 -23.20 -8.33 -28.35
CA ILE G 289 -24.09 -8.88 -27.33
C ILE G 289 -25.46 -9.02 -27.95
N PRO G 290 -26.06 -10.21 -27.97
CA PRO G 290 -27.43 -10.34 -28.49
C PRO G 290 -28.44 -9.64 -27.60
N GLU G 291 -29.19 -8.72 -28.18
CA GLU G 291 -30.14 -7.93 -27.41
C GLU G 291 -31.54 -7.93 -27.99
N GLY G 292 -31.78 -8.67 -29.06
CA GLY G 292 -33.13 -8.87 -29.55
C GLY G 292 -33.90 -9.82 -28.66
N GLY G 293 -33.30 -10.96 -28.36
CA GLY G 293 -33.86 -11.88 -27.40
C GLY G 293 -35.01 -12.72 -27.92
N TYR G 294 -36.21 -12.47 -27.39
CA TYR G 294 -37.38 -13.29 -27.68
C TYR G 294 -37.90 -13.09 -29.09
N TYR G 295 -37.86 -11.86 -29.59
CA TYR G 295 -38.37 -11.57 -30.93
C TYR G 295 -37.41 -11.96 -32.03
N ALA G 296 -36.16 -12.29 -31.70
CA ALA G 296 -35.13 -12.46 -32.72
C ALA G 296 -34.40 -13.77 -32.64
N MET G 297 -34.73 -14.64 -31.71
CA MET G 297 -34.03 -15.90 -31.59
C MET G 297 -34.45 -16.86 -32.71
N PRO G 298 -33.56 -17.80 -33.09
CA PRO G 298 -33.95 -18.79 -34.10
C PRO G 298 -34.84 -19.89 -33.55
N LYS G 299 -35.15 -20.87 -34.41
CA LYS G 299 -35.53 -22.17 -33.91
C LYS G 299 -34.29 -22.82 -33.32
N VAL G 300 -34.36 -23.19 -32.04
CA VAL G 300 -33.17 -23.58 -31.31
C VAL G 300 -32.95 -25.09 -31.40
N TYR G 301 -33.66 -25.74 -32.31
CA TYR G 301 -33.61 -27.18 -32.43
C TYR G 301 -33.85 -27.55 -33.88
N GLY G 302 -33.66 -28.82 -34.19
CA GLY G 302 -33.87 -29.29 -35.53
C GLY G 302 -33.52 -30.76 -35.63
N ASP G 303 -33.37 -31.22 -36.87
CA ASP G 303 -33.00 -32.61 -37.10
C ASP G 303 -31.53 -32.80 -36.76
N ARG G 304 -31.27 -33.50 -35.64
CA ARG G 304 -29.94 -33.78 -35.12
C ARG G 304 -29.12 -32.51 -34.83
N VAL G 305 -29.78 -31.43 -34.43
CA VAL G 305 -29.06 -30.18 -34.23
C VAL G 305 -29.74 -29.37 -33.12
N LEU G 306 -28.91 -28.85 -32.20
CA LEU G 306 -29.35 -27.96 -31.13
C LEU G 306 -28.52 -26.69 -31.17
N VAL G 307 -29.04 -25.62 -30.58
CA VAL G 307 -28.41 -24.31 -30.60
C VAL G 307 -28.41 -23.74 -29.19
N CYS G 308 -27.24 -23.37 -28.67
CA CYS G 308 -27.11 -22.85 -27.32
C CYS G 308 -26.47 -21.48 -27.30
N GLY G 309 -26.51 -20.86 -26.13
CA GLY G 309 -25.74 -19.67 -25.85
C GLY G 309 -26.19 -18.43 -26.57
N ASP G 310 -25.24 -17.64 -27.07
CA ASP G 310 -25.58 -16.46 -27.83
C ASP G 310 -26.05 -16.79 -29.24
N ALA G 311 -25.82 -18.01 -29.71
CA ALA G 311 -26.30 -18.40 -31.02
C ALA G 311 -27.81 -18.50 -31.04
N ALA G 312 -28.40 -18.85 -29.90
CA ALA G 312 -29.84 -18.79 -29.71
C ALA G 312 -30.30 -17.46 -29.14
N MET G 313 -29.38 -16.47 -29.08
CA MET G 313 -29.65 -15.12 -28.60
C MET G 313 -30.20 -15.10 -27.18
N LEU G 314 -29.65 -15.96 -26.33
CA LEU G 314 -30.09 -16.08 -24.94
C LEU G 314 -29.15 -15.24 -24.08
N VAL G 315 -29.47 -13.95 -23.95
CA VAL G 315 -28.68 -13.00 -23.18
C VAL G 315 -29.64 -12.06 -22.47
N ASN G 316 -29.50 -11.95 -21.15
CA ASN G 316 -30.17 -10.90 -20.38
C ASN G 316 -29.14 -9.81 -20.14
N SER G 317 -29.01 -8.90 -21.11
CA SER G 317 -27.94 -7.90 -21.07
C SER G 317 -28.20 -6.79 -20.08
N ILE G 318 -29.44 -6.56 -19.67
CA ILE G 318 -29.70 -5.51 -18.68
C ILE G 318 -29.32 -5.97 -17.29
N HIS G 319 -29.36 -7.27 -17.01
CA HIS G 319 -28.86 -7.82 -15.76
C HIS G 319 -27.46 -8.38 -15.90
N ARG G 320 -26.92 -8.36 -17.13
CA ARG G 320 -25.64 -8.94 -17.52
C ARG G 320 -25.57 -10.41 -17.15
N GLU G 321 -26.52 -11.17 -17.67
CA GLU G 321 -26.56 -12.61 -17.49
C GLU G 321 -26.60 -13.21 -18.88
N GLY G 322 -25.43 -13.35 -19.48
CA GLY G 322 -25.32 -14.06 -20.73
C GLY G 322 -24.62 -15.38 -20.53
N SER G 323 -23.59 -15.38 -19.69
CA SER G 323 -22.91 -16.63 -19.33
C SER G 323 -23.75 -17.44 -18.36
N ASN G 324 -24.59 -16.76 -17.58
CA ASN G 324 -25.61 -17.43 -16.79
C ASN G 324 -26.57 -18.20 -17.70
N HIS G 325 -26.95 -17.58 -18.82
CA HIS G 325 -27.87 -18.21 -19.76
C HIS G 325 -27.17 -19.22 -20.64
N ALA G 326 -25.88 -19.03 -20.90
CA ALA G 326 -25.14 -19.92 -21.79
C ALA G 326 -24.84 -21.26 -21.12
N ILE G 327 -24.31 -21.21 -19.90
CA ILE G 327 -23.94 -22.43 -19.18
C ILE G 327 -25.18 -23.27 -18.86
N THR G 328 -26.32 -22.61 -18.64
CA THR G 328 -27.56 -23.35 -18.47
C THR G 328 -28.04 -23.97 -19.77
N SER G 329 -27.93 -23.23 -20.88
CA SER G 329 -28.38 -23.72 -22.18
C SER G 329 -27.56 -24.91 -22.65
N GLY G 330 -26.29 -24.97 -22.27
CA GLY G 330 -25.51 -26.16 -22.52
C GLY G 330 -26.00 -27.33 -21.69
N ARG G 331 -26.43 -27.07 -20.44
CA ARG G 331 -26.93 -28.14 -19.59
C ARG G 331 -28.27 -28.65 -20.08
N LEU G 332 -29.11 -27.77 -20.62
CA LEU G 332 -30.40 -28.20 -21.12
C LEU G 332 -30.28 -28.93 -22.44
N ALA G 333 -29.33 -28.54 -23.29
CA ALA G 333 -29.12 -29.24 -24.54
C ALA G 333 -28.48 -30.59 -24.33
N ALA G 334 -27.55 -30.68 -23.38
CA ALA G 334 -26.89 -31.95 -23.12
C ALA G 334 -27.81 -32.93 -22.41
N GLU G 335 -28.74 -32.44 -21.61
CA GLU G 335 -29.74 -33.33 -21.03
C GLU G 335 -30.81 -33.70 -22.04
N THR G 336 -31.01 -32.88 -23.07
CA THR G 336 -31.90 -33.26 -24.16
C THR G 336 -31.30 -34.36 -25.02
N LEU G 337 -30.00 -34.24 -25.32
CA LEU G 337 -29.34 -35.26 -26.13
C LEU G 337 -29.16 -36.56 -25.37
N LEU G 338 -29.03 -36.49 -24.04
CA LEU G 338 -28.96 -37.72 -23.26
C LEU G 338 -30.30 -38.44 -23.24
N GLU G 339 -31.41 -37.70 -23.38
CA GLU G 339 -32.68 -38.35 -23.67
C GLU G 339 -32.71 -38.91 -25.08
N ALA G 340 -32.08 -38.22 -26.02
CA ALA G 340 -32.07 -38.63 -27.42
C ALA G 340 -31.18 -39.84 -27.66
N PHE G 341 -30.21 -40.11 -26.80
CA PHE G 341 -29.30 -41.23 -27.02
C PHE G 341 -29.83 -42.55 -26.49
N GLU G 342 -30.66 -42.53 -25.45
CA GLU G 342 -31.27 -43.79 -25.01
C GLU G 342 -32.40 -44.21 -25.94
N LYS G 343 -33.07 -43.26 -26.58
CA LYS G 343 -34.11 -43.59 -27.55
C LYS G 343 -33.58 -43.79 -28.96
N GLY G 344 -32.44 -43.18 -29.28
CA GLY G 344 -31.88 -43.29 -30.61
C GLY G 344 -32.51 -42.39 -31.65
N ASP G 345 -33.45 -41.53 -31.26
CA ASP G 345 -34.09 -40.61 -32.17
C ASP G 345 -33.50 -39.23 -31.92
N PHE G 346 -33.12 -38.55 -33.00
CA PHE G 346 -32.54 -37.21 -32.92
C PHE G 346 -33.31 -36.20 -33.75
N SER G 347 -34.52 -36.53 -34.18
CA SER G 347 -35.29 -35.63 -35.02
C SER G 347 -35.97 -34.57 -34.14
N GLU G 348 -36.86 -33.78 -34.74
CA GLU G 348 -37.55 -32.72 -34.02
C GLU G 348 -38.64 -33.21 -33.10
N LYS G 349 -38.85 -34.53 -32.99
CA LYS G 349 -39.81 -35.05 -32.02
C LYS G 349 -39.19 -35.15 -30.64
N ILE G 350 -37.93 -35.57 -30.57
CA ILE G 350 -37.22 -35.70 -29.31
C ILE G 350 -36.42 -34.45 -28.98
N LEU G 351 -35.85 -33.81 -30.00
CA LEU G 351 -35.05 -32.61 -29.79
C LEU G 351 -35.90 -31.36 -29.61
N LYS G 352 -37.24 -31.47 -29.65
CA LYS G 352 -38.08 -30.35 -29.25
C LYS G 352 -38.15 -30.20 -27.75
N ASN G 353 -37.71 -31.22 -27.00
CA ASN G 353 -37.65 -31.12 -25.55
C ASN G 353 -36.64 -30.10 -25.08
N TYR G 354 -35.65 -29.77 -25.90
CA TYR G 354 -34.71 -28.71 -25.58
C TYR G 354 -35.41 -27.36 -25.56
N TYR G 355 -36.31 -27.11 -26.51
CA TYR G 355 -37.09 -25.89 -26.49
C TYR G 355 -38.12 -25.90 -25.38
N LEU G 356 -38.56 -27.07 -24.93
CA LEU G 356 -39.45 -27.14 -23.77
C LEU G 356 -38.70 -26.87 -22.48
N ARG G 357 -37.49 -27.41 -22.34
CA ARG G 357 -36.65 -27.12 -21.18
C ARG G 357 -36.17 -25.68 -21.17
N LEU G 358 -36.10 -25.03 -22.33
CA LEU G 358 -35.59 -23.68 -22.40
C LEU G 358 -36.61 -22.66 -21.90
N LYS G 359 -37.90 -22.97 -21.96
CA LYS G 359 -38.92 -22.08 -21.43
C LYS G 359 -39.50 -22.56 -20.10
N GLU G 360 -39.24 -23.80 -19.70
CA GLU G 360 -39.54 -24.22 -18.34
C GLU G 360 -38.47 -23.78 -17.37
N SER G 361 -37.33 -23.28 -17.85
CA SER G 361 -36.28 -22.74 -17.01
C SER G 361 -36.27 -21.22 -17.14
N PHE G 362 -35.28 -20.59 -16.52
CA PHE G 362 -35.24 -19.14 -16.41
C PHE G 362 -34.88 -18.44 -17.71
N ILE G 363 -34.41 -19.17 -18.72
CA ILE G 363 -33.72 -18.55 -19.84
C ILE G 363 -34.70 -17.79 -20.72
N LEU G 364 -35.82 -18.41 -21.07
CA LEU G 364 -36.81 -17.75 -21.91
C LEU G 364 -37.77 -16.88 -21.12
N LYS G 365 -37.89 -17.09 -19.81
CA LYS G 365 -38.71 -16.20 -19.00
C LYS G 365 -38.01 -14.88 -18.75
N ASP G 366 -36.67 -14.87 -18.71
CA ASP G 366 -35.95 -13.61 -18.64
C ASP G 366 -35.98 -12.89 -19.98
N LEU G 367 -36.19 -13.62 -21.08
CA LEU G 367 -36.28 -13.00 -22.39
C LEU G 367 -37.67 -12.45 -22.66
N GLU G 368 -38.71 -13.12 -22.14
CA GLU G 368 -40.07 -12.58 -22.26
C GLU G 368 -40.25 -11.35 -21.40
N LYS G 369 -39.51 -11.25 -20.30
CA LYS G 369 -39.68 -10.13 -19.37
C LYS G 369 -39.13 -8.84 -19.94
N TYR G 370 -37.90 -8.87 -20.43
CA TYR G 370 -37.24 -7.71 -21.04
C TYR G 370 -37.33 -7.77 -22.55
N LYS G 371 -38.48 -8.24 -23.04
CA LYS G 371 -38.73 -8.39 -24.47
C LYS G 371 -38.75 -7.03 -25.16
N ASP G 372 -39.67 -6.16 -24.75
CA ASP G 372 -39.71 -4.80 -25.26
C ASP G 372 -39.02 -3.87 -24.24
N LEU G 373 -37.73 -4.08 -24.10
CA LEU G 373 -36.86 -3.30 -23.24
C LEU G 373 -36.00 -2.30 -23.98
N MET G 374 -35.25 -2.75 -24.99
CA MET G 374 -34.43 -1.81 -25.75
C MET G 374 -35.25 -0.97 -26.73
N PRO G 375 -36.32 -1.47 -27.38
CA PRO G 375 -37.25 -0.53 -28.05
C PRO G 375 -37.91 0.49 -27.13
N THR G 376 -38.03 0.19 -25.84
CA THR G 376 -38.46 1.22 -24.90
C THR G 376 -37.35 2.24 -24.66
N MET G 377 -36.11 1.76 -24.55
CA MET G 377 -34.99 2.66 -24.30
C MET G 377 -34.64 3.48 -25.54
N GLU G 378 -34.96 2.96 -26.73
CA GLU G 378 -34.67 3.70 -27.95
C GLU G 378 -35.65 4.85 -28.17
N LYS G 379 -36.85 4.76 -27.62
CA LYS G 379 -37.85 5.78 -27.88
C LYS G 379 -37.90 6.85 -26.80
N ASN G 380 -36.90 6.90 -25.92
CA ASN G 380 -36.77 8.03 -25.01
C ASN G 380 -35.53 8.86 -25.32
N HIS G 381 -34.35 8.24 -25.25
CA HIS G 381 -33.05 8.91 -25.15
C HIS G 381 -33.06 9.99 -24.07
N GLN G 382 -33.58 9.64 -22.88
CA GLN G 382 -33.56 10.51 -21.71
C GLN G 382 -32.89 9.90 -20.49
N PHE G 383 -32.94 8.58 -20.32
CA PHE G 383 -32.48 7.94 -19.10
C PHE G 383 -30.95 7.90 -18.99
N VAL G 384 -30.25 8.26 -20.07
CA VAL G 384 -28.79 8.33 -20.06
C VAL G 384 -28.34 9.64 -20.69
N GLU G 385 -29.28 10.54 -20.93
CA GLU G 385 -28.93 11.81 -21.55
C GLU G 385 -29.15 13.00 -20.63
N ILE G 386 -30.25 13.04 -19.87
CA ILE G 386 -30.45 14.11 -18.90
C ILE G 386 -30.49 13.51 -17.49
N TYR G 387 -31.07 12.32 -17.36
CA TYR G 387 -31.37 11.73 -16.05
C TYR G 387 -30.17 11.45 -15.15
N PRO G 388 -28.99 10.99 -15.64
CA PRO G 388 -27.84 10.95 -14.73
C PRO G 388 -27.26 12.32 -14.41
N ASP G 389 -27.15 13.21 -15.39
CA ASP G 389 -26.52 14.51 -15.16
C ASP G 389 -27.40 15.43 -14.33
N LEU G 390 -28.70 15.16 -14.27
CA LEU G 390 -29.64 15.88 -13.43
C LEU G 390 -29.68 15.35 -12.01
N ALA G 391 -29.54 14.04 -11.82
CA ALA G 391 -29.44 13.45 -10.50
C ALA G 391 -28.11 13.73 -9.82
N ASN G 392 -27.09 14.07 -10.59
CA ASN G 392 -25.82 14.50 -10.03
C ASN G 392 -25.81 15.95 -9.59
N ASP G 393 -26.43 16.83 -10.37
CA ASP G 393 -26.51 18.23 -9.95
C ASP G 393 -27.51 18.44 -8.84
N ALA G 394 -28.51 17.57 -8.74
CA ALA G 394 -29.46 17.64 -7.62
C ALA G 394 -28.82 17.19 -6.32
N LEU G 395 -28.09 16.09 -6.35
CA LEU G 395 -27.46 15.58 -5.12
C LEU G 395 -26.24 16.40 -4.75
N LYS G 396 -25.62 17.08 -5.71
CA LYS G 396 -24.56 18.02 -5.37
C LYS G 396 -25.13 19.26 -4.68
N ARG G 397 -26.25 19.78 -5.19
CA ARG G 397 -26.91 20.91 -4.56
C ARG G 397 -27.46 20.55 -3.18
N PHE G 398 -27.83 19.28 -3.00
CA PHE G 398 -28.34 18.82 -1.71
C PHE G 398 -27.24 18.77 -0.66
N LEU G 399 -26.01 18.46 -1.06
CA LEU G 399 -24.91 18.35 -0.12
C LEU G 399 -24.04 19.60 -0.07
N GLN G 400 -24.19 20.52 -1.01
CA GLN G 400 -23.44 21.76 -0.97
C GLN G 400 -24.00 22.66 0.11
N VAL G 401 -23.11 23.16 0.97
CA VAL G 401 -23.47 24.07 2.03
C VAL G 401 -22.92 25.43 1.64
N ASP G 402 -23.83 26.37 1.35
CA ASP G 402 -23.43 27.73 0.97
C ASP G 402 -24.34 28.77 1.58
N GLY G 403 -24.92 28.48 2.74
CA GLY G 403 -25.78 29.45 3.39
C GLY G 403 -27.14 29.60 2.76
N THR G 404 -27.62 28.58 2.07
CA THR G 404 -28.91 28.63 1.41
C THR G 404 -29.91 27.85 2.24
N PRO G 405 -31.06 28.45 2.63
CA PRO G 405 -31.78 27.94 3.80
C PRO G 405 -32.65 26.71 3.62
N LYS G 406 -32.19 25.72 2.87
CA LYS G 406 -32.71 24.34 2.82
C LYS G 406 -34.13 24.18 2.30
N TRP G 407 -34.89 25.28 2.20
CA TRP G 407 -36.09 25.37 1.40
C TRP G 407 -35.77 25.91 0.03
N ASP G 408 -34.76 26.76 -0.04
CA ASP G 408 -34.22 27.26 -1.29
C ASP G 408 -33.10 26.37 -1.82
N VAL G 409 -32.89 25.20 -1.23
CA VAL G 409 -32.25 24.10 -1.94
C VAL G 409 -33.23 23.01 -2.27
N GLN G 410 -34.37 22.93 -1.56
CA GLN G 410 -35.42 21.99 -1.91
C GLN G 410 -36.22 22.48 -3.10
N LYS G 411 -36.20 23.78 -3.36
CA LYS G 411 -36.83 24.34 -4.55
C LYS G 411 -35.84 24.58 -5.69
N GLN G 412 -34.55 24.72 -5.40
CA GLN G 412 -33.57 24.75 -6.48
C GLN G 412 -33.36 23.39 -7.10
N ILE G 413 -33.61 22.32 -6.33
CA ILE G 413 -33.63 20.98 -6.91
C ILE G 413 -34.88 20.82 -7.77
N ALA G 414 -36.01 21.36 -7.31
CA ALA G 414 -37.22 21.36 -8.13
C ALA G 414 -37.09 22.27 -9.34
N ASP G 415 -36.36 23.37 -9.20
CA ASP G 415 -36.03 24.19 -10.37
C ASP G 415 -34.94 23.56 -11.23
N MET G 416 -34.24 22.54 -10.72
CA MET G 416 -33.31 21.77 -11.54
C MET G 416 -34.02 20.65 -12.28
N VAL G 417 -34.89 19.91 -11.60
CA VAL G 417 -35.50 18.76 -12.24
C VAL G 417 -36.60 19.19 -13.21
N LEU G 418 -37.34 20.25 -12.88
CA LEU G 418 -38.38 20.76 -13.77
C LEU G 418 -37.86 21.94 -14.60
N SER G 419 -36.69 21.78 -15.18
CA SER G 419 -36.16 22.68 -16.19
C SER G 419 -35.61 21.94 -17.39
N ARG G 420 -34.97 20.79 -17.16
CA ARG G 420 -34.47 19.96 -18.25
C ARG G 420 -35.52 18.98 -18.76
N ARG G 421 -36.54 18.71 -17.96
CA ARG G 421 -37.67 17.90 -18.37
C ARG G 421 -38.87 18.31 -17.52
N SER G 422 -40.03 18.42 -18.15
CA SER G 422 -41.24 18.81 -17.43
C SER G 422 -41.71 17.68 -16.52
N LEU G 423 -42.57 18.04 -15.56
CA LEU G 423 -43.12 17.06 -14.63
C LEU G 423 -44.04 16.07 -15.33
N ILE G 424 -44.65 16.46 -16.46
CA ILE G 424 -45.35 15.51 -17.31
C ILE G 424 -44.41 14.56 -18.04
N GLY G 425 -43.10 14.84 -18.03
CA GLY G 425 -42.12 13.94 -18.58
C GLY G 425 -41.46 13.07 -17.54
N ILE G 426 -41.35 13.56 -16.30
CA ILE G 426 -40.74 12.77 -15.23
C ILE G 426 -41.69 11.67 -14.77
N SER G 427 -42.92 12.03 -14.45
CA SER G 427 -43.88 11.06 -13.93
C SER G 427 -44.35 10.10 -15.02
N LEU G 428 -44.23 10.49 -16.29
CA LEU G 428 -44.48 9.56 -17.36
C LEU G 428 -43.36 8.54 -17.50
N ASP G 429 -42.11 8.99 -17.39
CA ASP G 429 -40.95 8.14 -17.65
C ASP G 429 -40.69 7.11 -16.57
N LEU G 430 -41.24 7.29 -15.37
CA LEU G 430 -41.03 6.30 -14.32
C LEU G 430 -41.85 5.05 -14.58
N LEU G 431 -43.03 5.20 -15.17
CA LEU G 431 -43.87 4.04 -15.46
C LEU G 431 -43.86 3.66 -16.93
N ARG G 432 -43.37 4.54 -17.81
CA ARG G 432 -43.09 4.12 -19.19
C ARG G 432 -41.95 3.11 -19.22
N PHE G 433 -40.99 3.24 -18.30
CA PHE G 433 -39.99 2.20 -18.12
C PHE G 433 -40.52 1.01 -17.35
N TRP G 434 -41.59 1.24 -16.58
CA TRP G 434 -42.24 0.19 -15.77
C TRP G 434 -42.79 -0.90 -16.70
N ARG G 435 -43.10 -0.52 -17.95
CA ARG G 435 -43.63 -1.48 -18.96
C ARG G 435 -42.45 -2.28 -19.52
N ALA G 436 -41.25 -1.70 -19.45
CA ALA G 436 -40.02 -2.36 -19.95
C ALA G 436 -39.52 -3.35 -18.90
N VAL G 437 -39.75 -3.06 -17.61
CA VAL G 437 -39.33 -3.94 -16.54
C VAL G 437 -40.39 -4.97 -16.18
N ARG G 438 -41.64 -4.76 -16.61
CA ARG G 438 -42.79 -5.65 -16.38
C ARG G 438 -43.02 -5.97 -14.90
N MET H 1 -3.55 5.11 -36.88
CA MET H 1 -2.51 5.60 -36.00
C MET H 1 -2.92 5.49 -34.54
N ARG H 2 -4.12 6.01 -34.22
CA ARG H 2 -4.55 6.05 -32.83
C ARG H 2 -4.98 4.66 -32.34
N ILE H 3 -5.83 3.98 -33.09
CA ILE H 3 -6.32 2.69 -32.62
C ILE H 3 -5.36 1.56 -32.97
N GLU H 4 -4.45 1.77 -33.92
CA GLU H 4 -3.43 0.76 -34.17
C GLU H 4 -2.33 0.78 -33.13
N ASP H 5 -2.29 1.80 -32.28
CA ASP H 5 -1.53 1.70 -31.04
C ASP H 5 -2.14 0.67 -30.11
N LYS H 6 -3.47 0.61 -30.05
CA LYS H 6 -4.15 -0.33 -29.16
C LYS H 6 -4.34 -1.69 -29.80
N LEU H 7 -4.36 -1.77 -31.13
CA LEU H 7 -4.38 -3.07 -31.79
C LEU H 7 -3.04 -3.77 -31.73
N TYR H 8 -1.97 -3.02 -31.45
CA TYR H 8 -0.67 -3.63 -31.24
C TYR H 8 -0.61 -4.42 -29.94
N LEU H 9 -1.48 -4.09 -28.99
CA LEU H 9 -1.53 -4.80 -27.72
C LEU H 9 -2.10 -6.20 -27.88
N ASN H 10 -3.03 -6.36 -28.83
CA ASN H 10 -3.64 -7.66 -29.05
C ASN H 10 -2.66 -8.62 -29.70
N ARG H 11 -2.96 -9.90 -29.59
CA ARG H 11 -2.15 -10.93 -30.24
C ARG H 11 -2.89 -11.44 -31.46
N TYR H 12 -2.20 -11.53 -32.57
CA TYR H 12 -2.77 -11.98 -33.81
C TYR H 12 -1.93 -13.11 -34.38
N ARG H 13 -2.60 -14.02 -35.08
CA ARG H 13 -1.94 -14.84 -36.09
C ARG H 13 -2.62 -14.44 -37.39
N THR H 14 -1.96 -13.60 -38.16
CA THR H 14 -2.56 -13.06 -39.36
C THR H 14 -2.49 -14.08 -40.50
N ASP H 15 -3.59 -14.19 -41.23
CA ASP H 15 -3.68 -15.03 -42.42
C ASP H 15 -3.75 -14.10 -43.62
N GLU H 16 -2.59 -13.67 -44.10
CA GLU H 16 -2.56 -12.61 -45.10
C GLU H 16 -2.95 -13.11 -46.49
N GLU H 17 -2.77 -14.40 -46.76
CA GLU H 17 -3.15 -14.93 -48.05
C GLU H 17 -4.64 -15.22 -48.14
N ASN H 18 -5.35 -15.20 -47.02
CA ASN H 18 -6.79 -15.45 -46.98
C ASN H 18 -7.47 -14.30 -46.26
N PRO H 19 -7.84 -13.25 -46.98
CA PRO H 19 -8.63 -12.17 -46.36
C PRO H 19 -10.05 -12.64 -46.10
N HIS H 20 -10.45 -12.61 -44.83
CA HIS H 20 -11.77 -13.05 -44.43
C HIS H 20 -12.82 -11.96 -44.55
N LEU H 21 -12.42 -10.74 -44.89
CA LEU H 21 -13.35 -9.64 -45.12
C LEU H 21 -13.21 -9.22 -46.57
N LYS H 22 -14.13 -9.69 -47.40
CA LYS H 22 -14.19 -9.28 -48.80
C LYS H 22 -15.44 -8.44 -48.98
N ILE H 23 -15.35 -7.42 -49.82
CA ILE H 23 -16.50 -6.60 -50.17
C ILE H 23 -17.05 -7.11 -51.49
N LYS H 24 -18.33 -7.45 -51.49
CA LYS H 24 -18.93 -8.15 -52.63
C LYS H 24 -19.04 -7.25 -53.84
N ASP H 25 -19.28 -5.96 -53.65
CA ASP H 25 -19.47 -5.03 -54.74
C ASP H 25 -18.95 -3.67 -54.31
N GLU H 26 -17.84 -3.25 -54.90
CA GLU H 26 -17.23 -1.97 -54.57
C GLU H 26 -18.05 -0.78 -55.06
N SER H 27 -18.96 -0.98 -56.01
CA SER H 27 -19.74 0.14 -56.53
C SER H 27 -20.86 0.53 -55.59
N ILE H 28 -21.35 -0.41 -54.77
CA ILE H 28 -22.34 -0.08 -53.76
C ILE H 28 -21.74 0.83 -52.71
N CYS H 29 -20.44 0.69 -52.47
CA CYS H 29 -19.77 1.54 -51.45
C CYS H 29 -19.47 2.93 -52.02
N ALA H 30 -19.61 3.14 -53.33
CA ALA H 30 -19.25 4.44 -53.89
C ALA H 30 -20.46 5.35 -54.07
N GLU H 31 -21.55 4.84 -54.64
CA GLU H 31 -22.71 5.67 -54.94
C GLU H 31 -23.94 5.26 -54.15
N LYS H 32 -24.09 3.99 -53.79
CA LYS H 32 -25.34 3.55 -53.17
C LYS H 32 -25.36 3.87 -51.68
N CYS H 33 -24.19 3.83 -51.06
CA CYS H 33 -23.98 4.11 -49.60
C CYS H 33 -23.78 5.60 -49.38
N SER H 34 -24.40 6.18 -48.34
CA SER H 34 -24.25 7.60 -48.06
C SER H 34 -23.25 7.86 -46.94
N ASP H 35 -23.39 7.16 -45.82
CA ASP H 35 -22.63 7.49 -44.62
C ASP H 35 -21.48 6.55 -44.33
N ARG H 36 -21.40 5.41 -45.02
CA ARG H 36 -20.45 4.32 -44.82
C ARG H 36 -20.40 3.86 -43.38
N PRO H 37 -21.40 3.12 -42.89
CA PRO H 37 -21.40 2.71 -41.49
C PRO H 37 -20.38 1.63 -41.16
N CYS H 38 -19.72 1.08 -42.18
CA CYS H 38 -18.68 0.05 -41.93
C CYS H 38 -17.43 0.77 -41.42
N VAL H 39 -17.21 2.01 -41.86
CA VAL H 39 -16.06 2.80 -41.44
C VAL H 39 -16.31 3.37 -40.04
N SER H 40 -17.47 3.97 -39.84
CA SER H 40 -17.75 4.70 -38.61
C SER H 40 -18.14 3.81 -37.44
N CYS H 41 -18.41 2.53 -37.67
CA CYS H 41 -18.73 1.62 -36.59
C CYS H 41 -17.77 0.46 -36.49
N CYS H 42 -16.59 0.56 -37.10
CA CYS H 42 -15.62 -0.57 -36.96
C CYS H 42 -14.69 -0.28 -35.77
N PRO H 43 -14.73 -1.11 -34.71
CA PRO H 43 -13.91 -0.93 -33.51
C PRO H 43 -12.42 -1.06 -33.73
N ALA H 44 -11.96 -1.43 -34.94
CA ALA H 44 -10.56 -1.68 -35.18
C ALA H 44 -10.01 -0.89 -36.35
N ASP H 45 -10.80 0.04 -36.89
CA ASP H 45 -10.48 0.89 -38.04
C ASP H 45 -10.04 0.07 -39.25
N VAL H 46 -10.72 -1.04 -39.49
CA VAL H 46 -10.37 -1.90 -40.61
C VAL H 46 -10.73 -1.24 -41.92
N TYR H 47 -11.92 -0.67 -41.99
CA TYR H 47 -12.40 -0.07 -43.23
C TYR H 47 -12.05 1.40 -43.28
N GLU H 48 -11.49 1.82 -44.41
CA GLU H 48 -11.19 3.22 -44.66
C GLU H 48 -11.59 3.50 -46.10
N TRP H 49 -12.50 4.44 -46.30
CA TRP H 49 -12.97 4.75 -47.65
C TRP H 49 -12.06 5.79 -48.27
N THR H 50 -11.17 5.35 -49.14
CA THR H 50 -10.39 6.24 -49.98
C THR H 50 -11.17 6.48 -51.27
N GLU H 51 -10.64 7.34 -52.14
CA GLU H 51 -11.21 7.45 -53.48
C GLU H 51 -10.72 6.37 -54.42
N SER H 52 -9.72 5.60 -54.00
CA SER H 52 -9.25 4.45 -54.76
C SER H 52 -10.11 3.21 -54.53
N GLY H 53 -11.14 3.30 -53.70
CA GLY H 53 -11.96 2.19 -53.30
C GLY H 53 -11.97 2.09 -51.80
N MET H 54 -12.35 0.94 -51.28
CA MET H 54 -12.38 0.71 -49.84
C MET H 54 -11.15 -0.06 -49.44
N GLU H 55 -10.34 0.53 -48.57
CA GLU H 55 -9.19 -0.15 -47.99
C GLU H 55 -9.64 -0.98 -46.80
N VAL H 56 -9.54 -2.30 -46.93
CA VAL H 56 -9.98 -3.23 -45.89
C VAL H 56 -8.73 -3.80 -45.25
N LYS H 57 -8.31 -3.22 -44.13
CA LYS H 57 -7.16 -3.71 -43.38
C LYS H 57 -7.61 -4.85 -42.48
N PHE H 58 -7.83 -6.02 -43.09
CA PHE H 58 -8.39 -7.17 -42.39
C PHE H 58 -7.46 -7.77 -41.35
N GLU H 59 -6.20 -7.32 -41.28
CA GLU H 59 -5.25 -7.90 -40.35
C GLU H 59 -5.56 -7.52 -38.91
N GLY H 60 -6.20 -6.37 -38.69
CA GLY H 60 -6.58 -5.92 -37.37
C GLY H 60 -7.98 -6.26 -36.95
N CYS H 61 -8.67 -7.05 -37.77
CA CYS H 61 -10.08 -7.43 -37.48
C CYS H 61 -10.16 -8.17 -36.14
N LEU H 62 -11.03 -7.68 -35.27
CA LEU H 62 -11.32 -8.27 -33.98
C LEU H 62 -12.44 -9.31 -34.03
N GLU H 63 -12.92 -9.62 -35.24
CA GLU H 63 -13.87 -10.71 -35.50
C GLU H 63 -15.20 -10.51 -34.78
N CYS H 64 -15.51 -9.25 -34.45
CA CYS H 64 -16.77 -8.96 -33.71
C CYS H 64 -17.95 -9.28 -34.62
N GLY H 65 -17.97 -8.72 -35.82
CA GLY H 65 -19.05 -8.98 -36.75
C GLY H 65 -19.94 -7.80 -37.01
N THR H 66 -19.54 -6.63 -36.52
CA THR H 66 -20.34 -5.41 -36.63
C THR H 66 -20.50 -5.01 -38.09
N CYS H 67 -19.39 -5.02 -38.82
CA CYS H 67 -19.36 -4.57 -40.24
C CYS H 67 -20.40 -5.32 -41.08
N ARG H 68 -20.51 -6.63 -40.92
CA ARG H 68 -21.46 -7.41 -41.70
C ARG H 68 -22.89 -6.99 -41.37
N ILE H 69 -23.13 -6.63 -40.13
CA ILE H 69 -24.47 -6.35 -39.66
C ILE H 69 -24.83 -4.89 -39.88
N VAL H 70 -23.88 -3.98 -39.67
CA VAL H 70 -24.19 -2.55 -39.80
C VAL H 70 -24.27 -2.15 -41.27
N CYS H 71 -23.72 -2.98 -42.16
CA CYS H 71 -23.77 -2.66 -43.61
C CYS H 71 -25.22 -2.85 -44.08
N PRO H 72 -25.89 -1.80 -44.60
CA PRO H 72 -27.29 -1.87 -45.00
C PRO H 72 -27.53 -2.68 -46.25
N PHE H 73 -26.52 -2.82 -47.12
CA PHE H 73 -26.71 -3.48 -48.39
C PHE H 73 -26.18 -4.91 -48.43
N GLY H 74 -25.55 -5.38 -47.37
CA GLY H 74 -25.15 -6.76 -47.34
C GLY H 74 -23.91 -7.10 -48.14
N ASN H 75 -23.19 -6.10 -48.65
CA ASN H 75 -22.04 -6.37 -49.51
C ASN H 75 -20.74 -6.39 -48.72
N ILE H 76 -20.74 -7.17 -47.65
CA ILE H 76 -19.51 -7.54 -46.96
C ILE H 76 -19.53 -9.04 -46.84
N GLU H 77 -18.70 -9.72 -47.64
CA GLU H 77 -18.52 -11.15 -47.50
C GLU H 77 -17.71 -11.37 -46.23
N TRP H 78 -18.39 -11.59 -45.13
CA TRP H 78 -17.78 -11.67 -43.82
C TRP H 78 -17.62 -13.13 -43.44
N ASN H 79 -16.40 -13.54 -43.14
CA ASN H 79 -16.13 -14.83 -42.56
C ASN H 79 -15.32 -14.62 -41.29
N TYR H 80 -15.31 -15.61 -40.45
CA TYR H 80 -14.27 -15.71 -39.47
C TYR H 80 -12.98 -16.09 -40.18
N PRO H 81 -11.82 -15.73 -39.62
CA PRO H 81 -10.57 -16.33 -40.09
C PRO H 81 -10.58 -17.82 -39.81
N ARG H 82 -9.61 -18.52 -40.41
CA ARG H 82 -9.51 -19.95 -40.22
C ARG H 82 -9.14 -20.28 -38.77
N GLY H 83 -9.14 -21.57 -38.46
CA GLY H 83 -8.71 -21.99 -37.14
C GLY H 83 -7.25 -21.65 -36.92
N ASN H 84 -6.95 -21.22 -35.69
CA ASN H 84 -5.64 -20.72 -35.26
C ASN H 84 -5.24 -19.46 -36.03
N TYR H 85 -6.21 -18.61 -36.35
CA TYR H 85 -5.89 -17.37 -37.05
C TYR H 85 -6.80 -16.26 -36.55
N GLY H 86 -6.39 -15.03 -36.82
CA GLY H 86 -7.15 -13.86 -36.40
C GLY H 86 -6.72 -13.34 -35.05
N VAL H 87 -7.61 -12.71 -34.29
CA VAL H 87 -7.30 -12.34 -32.92
C VAL H 87 -7.07 -13.58 -32.08
N LEU H 88 -6.12 -13.50 -31.17
CA LEU H 88 -5.91 -14.55 -30.18
C LEU H 88 -5.90 -13.82 -28.85
N TYR H 89 -7.07 -13.72 -28.23
CA TYR H 89 -7.22 -12.94 -27.01
C TYR H 89 -6.53 -13.65 -25.86
N LYS H 90 -5.50 -13.03 -25.31
CA LYS H 90 -4.93 -13.44 -24.05
C LYS H 90 -5.64 -12.65 -22.95
N PHE H 91 -6.01 -13.35 -21.88
CA PHE H 91 -6.95 -12.88 -20.82
C PHE H 91 -8.11 -12.06 -21.37
N GLY H 92 -8.89 -12.72 -22.24
CA GLY H 92 -10.00 -12.07 -22.90
C GLY H 92 -11.19 -11.72 -22.04
PA FAD I . 15.72 15.90 35.64
O1A FAD I . 15.37 14.75 36.51
O2A FAD I . 17.14 16.35 35.56
O5B FAD I . 14.81 17.16 36.05
C5B FAD I . 15.04 17.76 37.34
C4B FAD I . 14.63 19.22 37.28
O4B FAD I . 15.63 19.97 36.55
C3B FAD I . 13.32 19.54 36.57
O3B FAD I . 12.20 19.37 37.42
C2B FAD I . 13.54 21.01 36.23
O2B FAD I . 13.33 21.86 37.34
C1B FAD I . 15.01 21.00 35.82
N9A FAD I . 15.19 20.73 34.40
C8A FAD I . 15.23 19.52 33.78
N7A FAD I . 15.39 19.62 32.49
C5A FAD I . 15.44 20.99 32.24
C6A FAD I . 15.59 21.74 31.07
N6A FAD I . 15.72 21.21 29.85
N1A FAD I . 15.59 23.09 31.19
C2A FAD I . 15.45 23.62 32.42
N3A FAD I . 15.32 23.01 33.59
C4A FAD I . 15.31 21.68 33.42
N1 FAD I . 20.08 12.31 30.22
C2 FAD I . 21.03 11.90 31.09
O2 FAD I . 21.85 12.70 31.55
N3 FAD I . 21.11 10.62 31.51
C4 FAD I . 20.25 9.65 31.07
O4 FAD I . 20.36 8.51 31.48
C4X FAD I . 19.25 10.04 30.16
N5 FAD I . 18.42 9.12 29.73
C5X FAD I . 17.46 9.52 28.84
C6 FAD I . 16.54 8.56 28.37
C7 FAD I . 15.56 8.88 27.48
C7M FAD I . 14.60 7.83 26.98
C8 FAD I . 15.45 10.22 27.02
C8M FAD I . 14.37 10.60 26.05
C9 FAD I . 16.33 11.17 27.49
C9A FAD I . 17.34 10.85 28.40
N10 FAD I . 18.25 11.79 28.88
C10 FAD I . 19.23 11.42 29.78
C1' FAD I . 18.15 13.19 28.44
C2' FAD I . 17.93 14.15 29.59
O2' FAD I . 16.57 14.08 30.00
C3' FAD I . 18.25 15.59 29.18
O3' FAD I . 19.66 15.76 29.19
C4' FAD I . 17.60 16.64 30.09
O4' FAD I . 18.30 17.87 30.01
C5' FAD I . 17.54 16.19 31.54
O5' FAD I . 16.17 15.90 31.91
P FAD I . 15.89 14.75 32.98
O1P FAD I . 14.91 13.78 32.42
O2P FAD I . 17.21 14.24 33.45
O3P FAD I . 15.21 15.59 34.17
PA FAD J . -13.68 -2.11 42.65
O1A FAD J . -15.11 -2.08 43.03
O2A FAD J . -13.44 -2.02 41.15
O5B FAD J . -13.00 -3.34 43.28
C5B FAD J . -13.72 -4.22 44.17
C4B FAD J . -13.04 -5.57 44.15
O4B FAD J . -12.99 -6.09 45.50
C3B FAD J . -13.71 -6.63 43.29
O3B FAD J . -12.75 -7.37 42.56
C2B FAD J . -14.45 -7.49 44.33
O2B FAD J . -14.59 -8.84 43.89
C1B FAD J . -13.46 -7.41 45.49
N9A FAD J . -14.06 -7.70 46.80
C8A FAD J . -15.36 -7.49 47.17
N7A FAD J . -15.61 -7.85 48.41
C5A FAD J . -14.40 -8.33 48.87
C6A FAD J . -14.00 -8.87 50.11
N6A FAD J . -14.81 -9.01 51.16
N1A FAD J . -12.71 -9.25 50.23
C2A FAD J . -11.88 -9.11 49.19
N3A FAD J . -12.15 -8.62 47.99
C4A FAD J . -13.43 -8.24 47.89
N1 FAD J . -8.08 4.37 40.78
C2 FAD J . -7.03 4.26 41.64
O2 FAD J . -7.01 3.38 42.50
N3 FAD J . -5.99 5.15 41.57
C4 FAD J . -5.86 6.16 40.67
O4 FAD J . -4.88 6.90 40.70
C4X FAD J . -6.98 6.29 39.76
N5 FAD J . -6.94 7.22 38.89
C5X FAD J . -7.99 7.33 38.01
C6 FAD J . -7.95 8.35 37.07
C7 FAD J . -8.99 8.51 36.16
C7M FAD J . -8.91 9.62 35.15
C8 FAD J . -10.09 7.64 36.20
C8M FAD J . -11.22 7.78 35.23
C9 FAD J . -10.12 6.62 37.14
C9A FAD J . -9.09 6.47 38.05
N10 FAD J . -9.08 5.44 39.00
C10 FAD J . -8.05 5.33 39.89
C1' FAD J . -10.23 4.52 39.13
C2' FAD J . -10.06 3.19 38.41
O2' FAD J . -10.39 3.33 37.02
C3' FAD J . -10.99 2.18 39.05
O3' FAD J . -12.33 2.57 38.79
C4' FAD J . -10.81 2.03 40.56
O4' FAD J . -9.45 1.74 40.85
C5' FAD J . -11.69 0.96 41.15
O5' FAD J . -11.28 0.75 42.52
P FAD J . -11.37 -0.67 43.19
O1P FAD J . -10.78 -0.52 44.59
O2P FAD J . -10.79 -1.69 42.35
O3P FAD J . -12.92 -0.91 43.34
PA FAD K . -19.29 23.77 21.83
O1A FAD K . -20.64 23.18 21.87
O2A FAD K . -18.18 22.77 21.52
O5B FAD K . -18.96 24.51 23.13
C5B FAD K . -18.28 25.78 23.11
C4B FAD K . -17.26 25.83 24.23
O4B FAD K . -17.86 26.40 25.41
C3B FAD K . -16.70 24.49 24.67
O3B FAD K . -15.37 24.33 24.17
C2B FAD K . -16.68 24.57 26.21
O2B FAD K . -15.37 24.30 26.71
C1B FAD K . -17.06 26.02 26.48
N9A FAD K . -17.81 26.23 27.70
C8A FAD K . -18.97 25.61 28.08
N7A FAD K . -19.43 26.00 29.24
C5A FAD K . -18.51 26.93 29.66
C6A FAD K . -18.41 27.72 30.83
N6A FAD K . -19.31 27.68 31.82
N1A FAD K . -17.37 28.56 30.93
C2A FAD K . -16.47 28.60 29.95
N3A FAD K . -16.45 27.90 28.81
C4A FAD K . -17.50 27.09 28.73
N1 FAD K . -21.82 19.66 13.27
C2 FAD K . -21.58 19.77 11.94
O2 FAD K . -21.78 20.81 11.32
N3 FAD K . -21.08 18.69 11.25
C4 FAD K . -20.79 17.47 11.77
O4 FAD K . -20.35 16.57 11.06
C4X FAD K . -21.06 17.35 13.19
N5 FAD K . -20.81 16.24 13.76
C5X FAD K . -21.06 16.13 15.11
C6 FAD K . -20.80 14.91 15.72
C7 FAD K . -21.02 14.74 17.08
C7M FAD K . -20.70 13.41 17.70
C8 FAD K . -21.52 15.80 17.84
C8M FAD K . -21.77 15.65 19.31
C9 FAD K . -21.80 17.02 17.23
C9A FAD K . -21.56 17.19 15.87
N10 FAD K . -21.81 18.40 15.21
C10 FAD K . -21.58 18.52 13.86
C1' FAD K . -22.36 19.56 15.93
C2' FAD K . -21.28 20.52 16.43
O2' FAD K . -20.35 19.84 17.26
C3' FAD K . -21.95 21.62 17.26
O3' FAD K . -23.27 21.83 16.78
C4' FAD K . -21.20 22.94 17.26
O4' FAD K . -19.89 22.73 16.74
C5' FAD K . -21.13 23.51 18.65
O5' FAD K . -20.51 24.80 18.62
P FAD K . -20.34 25.65 19.92
O1P FAD K . -19.79 27.04 19.56
O2P FAD K . -21.57 25.65 20.65
O3P FAD K . -19.21 24.90 20.72
C1 MQ7 L . -31.65 11.33 5.24
O1 MQ7 L . -32.23 10.09 5.38
C2 MQ7 L . -30.30 11.47 5.51
C2M MQ7 L . -29.54 10.27 5.94
C3 MQ7 L . -29.67 12.74 5.37
C4 MQ7 L . -30.50 13.78 4.97
O4 MQ7 L . -29.94 15.02 4.83
C5 MQ7 L . -31.89 13.65 4.69
C6 MQ7 L . -32.68 14.76 4.28
C7 MQ7 L . -34.02 14.61 4.01
C8 MQ7 L . -34.62 13.33 4.15
C9 MQ7 L . -33.88 12.25 4.55
C10 MQ7 L . -32.49 12.40 4.83
C11 MQ7 L . -28.19 12.93 5.66
C12 MQ7 L . -27.24 13.35 4.50
C13 MQ7 L . -25.72 13.12 4.71
C14 MQ7 L . -24.98 14.42 4.40
C15 MQ7 L . -25.14 11.96 3.81
C16 MQ7 L . -25.25 12.13 2.28
C17 MQ7 L . -26.43 11.36 1.62
C18 MQ7 L . -26.14 10.52 0.34
C19 MQ7 L . -25.60 11.42 -0.76
C20 MQ7 L . -27.39 9.74 -0.17
C21 MQ7 L . -28.39 10.50 -1.07
C22 MQ7 L . -29.46 11.35 -0.37
C23 MQ7 L . -30.79 10.63 -0.03
C24 MQ7 L . -31.18 9.65 -1.14
C25 MQ7 L . -31.97 11.59 0.23
C26 MQ7 L . -31.90 12.95 -0.46
C27 MQ7 L . -33.00 13.22 -1.48
C28 MQ7 L . -32.61 13.81 -2.86
C29 MQ7 L . -31.41 14.74 -2.76
C30 MQ7 L . -33.77 14.46 -3.64
C31 MQ7 L . -33.79 14.31 -5.17
C32 MQ7 L . -33.47 12.91 -5.72
C33 MQ7 L . -32.40 12.89 -6.84
C34 MQ7 L . -32.94 13.58 -8.11
C35 MQ7 L . -31.94 11.46 -7.19
C36 MQ7 L . -30.48 11.12 -6.82
C37 MQ7 L . -30.30 10.03 -5.74
C38 MQ7 L . -31.03 8.69 -6.01
C39 MQ7 L . -30.78 7.72 -4.86
C40 MQ7 L . -30.65 8.03 -7.37
C41 MQ7 L . -31.81 7.85 -8.36
C42 MQ7 L . -31.41 7.70 -9.85
C43 MQ7 L . -32.07 8.72 -10.81
C44 MQ7 L . -32.05 8.24 -12.26
C45 MQ7 L . -33.50 9.03 -10.39
FE1 SF4 M . -20.19 12.54 33.24
FE2 SF4 M . -21.83 12.37 30.70
FE3 SF4 M . -23.20 12.73 33.37
FE4 SF4 M . -21.88 10.10 32.69
S1 SF4 M . -23.36 11.33 31.77
S2 SF4 M . -21.72 11.50 34.29
S3 SF4 M . -20.35 11.15 31.63
S4 SF4 M . -21.68 13.78 32.31
FE1 SF4 N . -31.41 8.89 41.70
FE2 SF4 N . -32.98 7.93 39.32
FE3 SF4 N . -30.09 8.76 38.99
FE4 SF4 N . -32.21 10.85 39.54
S1 SF4 N . -31.94 9.32 38.07
S2 SF4 N . -30.36 10.29 40.46
S3 SF4 N . -33.25 9.46 40.79
S4 SF4 N . -31.13 7.37 40.23
PA FAD O . 18.98 -21.66 -30.67
O1A FAD O . 19.27 -20.50 -31.56
O2A FAD O . 20.11 -22.53 -30.23
O5B FAD O . 17.87 -22.58 -31.37
C5B FAD O . 18.23 -23.28 -32.58
C4B FAD O . 17.39 -24.53 -32.70
O4B FAD O . 17.86 -25.52 -31.75
C3B FAD O . 15.90 -24.39 -32.38
O3B FAD O . 15.17 -23.91 -33.50
C2B FAD O . 15.55 -25.84 -32.06
O2B FAD O . 15.39 -26.62 -33.23
C1B FAD O . 16.77 -26.27 -31.27
N9A FAD O . 16.63 -26.01 -29.85
C8A FAD O . 16.89 -24.85 -29.19
N7A FAD O . 16.65 -24.93 -27.90
C5A FAD O . 16.19 -26.24 -27.72
C6A FAD O . 15.77 -26.94 -26.58
N6A FAD O . 15.72 -26.43 -25.36
N1A FAD O . 15.37 -28.23 -26.76
C2A FAD O . 15.41 -28.74 -28.00
N3A FAD O . 15.80 -28.17 -29.13
C4A FAD O . 16.18 -26.90 -28.91
N1 FAD O . 22.60 -19.39 -24.11
C2 FAD O . 23.83 -19.35 -24.67
O2 FAD O . 24.45 -20.38 -24.92
N3 FAD O . 24.42 -18.18 -24.99
C4 FAD O . 23.83 -16.96 -24.76
O4 FAD O . 24.40 -15.94 -25.07
C4X FAD O . 22.54 -16.97 -24.19
N5 FAD O . 21.96 -15.83 -23.96
C5X FAD O . 20.72 -15.86 -23.38
C6 FAD O . 20.07 -14.63 -23.13
C7 FAD O . 18.83 -14.59 -22.56
C7M FAD O . 18.16 -13.27 -22.29
C8 FAD O . 18.18 -15.80 -22.21
C8M FAD O . 16.81 -15.78 -21.58
C9 FAD O . 18.80 -17.00 -22.46
C9A FAD O . 20.07 -17.06 -23.05
N10 FAD O . 20.73 -18.25 -23.30
C10 FAD O . 21.99 -18.26 -23.87
C1' FAD O . 20.08 -19.54 -22.96
C2' FAD O . 19.89 -20.42 -24.18
O2' FAD O . 18.79 -19.95 -24.94
C3' FAD O . 19.61 -21.87 -23.76
O3' FAD O . 20.84 -22.48 -23.39
C4' FAD O . 18.94 -22.70 -24.86
O4' FAD O . 19.17 -24.09 -24.65
C5' FAD O . 19.42 -22.32 -26.25
O5' FAD O . 18.37 -21.63 -26.96
P FAD O . 18.77 -20.50 -28.02
O1P FAD O . 18.03 -19.24 -27.70
O2P FAD O . 20.26 -20.46 -28.09
O3P FAD O . 18.22 -21.14 -29.38
PA FAD P . -0.11 4.40 -44.62
O1A FAD P . -1.32 4.81 -45.38
O2A FAD P . -0.33 4.31 -43.12
O5B FAD P . 1.07 5.32 -44.99
C5B FAD P . 0.94 6.34 -45.99
C4B FAD P . 1.98 7.40 -45.73
O4B FAD P . 2.56 7.82 -46.99
C3B FAD P . 1.47 8.66 -45.05
O3B FAD P . 2.38 9.09 -44.05
C2B FAD P . 1.36 9.66 -46.20
O2B FAD P . 1.54 11.00 -45.76
C1B FAD P . 2.54 9.22 -47.05
N9A FAD P . 2.45 9.62 -48.46
C8A FAD P . 1.31 9.82 -49.19
N7A FAD P . 1.53 10.19 -50.43
C5A FAD P . 2.91 10.24 -50.52
C6A FAD P . 3.78 10.56 -51.58
N6A FAD P . 3.38 10.91 -52.79
N1A FAD P . 5.11 10.51 -51.33
C2A FAD P . 5.53 10.17 -50.10
N3A FAD P . 4.80 9.83 -49.04
C4A FAD P . 3.49 9.90 -49.31
N1 FAD P . 2.42 -3.43 -41.59
C2 FAD P . 3.64 -3.70 -42.13
O2 FAD P . 4.17 -2.91 -42.90
N3 FAD P . 4.29 -4.86 -41.81
C4 FAD P . 3.83 -5.82 -40.96
O4 FAD P . 4.49 -6.84 -40.75
C4X FAD P . 2.53 -5.54 -40.40
N5 FAD P . 2.03 -6.41 -39.59
C5X FAD P . 0.80 -6.14 -39.04
C6 FAD P . 0.26 -7.07 -38.17
C7 FAD P . -0.99 -6.86 -37.59
C7M FAD P . -1.54 -7.89 -36.65
C8 FAD P . -1.69 -5.68 -37.89
C8M FAD P . -3.03 -5.41 -37.27
C9 FAD P . -1.15 -4.75 -38.76
C9A FAD P . 0.09 -4.97 -39.34
N10 FAD P . 0.68 -4.05 -40.21
C10 FAD P . 1.90 -4.31 -40.77
C1' FAD P . -0.03 -2.82 -40.60
C2' FAD P . 0.35 -1.58 -39.80
O2' FAD P . -0.38 -1.55 -38.56
C3' FAD P . -0.01 -0.35 -40.62
O3' FAD P . -1.42 -0.29 -40.76
C4' FAD P . 0.61 -0.33 -42.01
O4' FAD P . 2.02 -0.51 -41.91
C5' FAD P . 0.32 0.93 -42.78
O5' FAD P . 1.13 0.93 -43.98
P FAD P . 1.68 2.27 -44.58
O1P FAD P . 2.55 1.89 -45.77
O2P FAD P . 2.31 3.10 -43.56
O3P FAD P . 0.39 2.99 -45.13
PA FAD Q . -19.08 -17.40 -27.32
O1A FAD Q . -20.11 -16.42 -27.71
O2A FAD Q . -17.84 -16.79 -26.68
O5B FAD Q . -18.67 -18.27 -28.52
C5B FAD Q . -18.45 -19.69 -28.37
C4B FAD Q . -17.24 -20.11 -29.17
O4B FAD Q . -17.64 -20.51 -30.49
C3B FAD Q . -16.18 -19.04 -29.38
O3B FAD Q . -15.06 -19.28 -28.53
C2B FAD Q . -15.77 -19.18 -30.86
O2B FAD Q . -14.36 -19.37 -30.97
C1B FAD Q . -16.50 -20.45 -31.29
N9A FAD Q . -16.92 -20.47 -32.67
C8A FAD Q . -17.68 -19.53 -33.32
N7A FAD Q . -17.90 -19.81 -34.58
C5A FAD Q . -17.24 -21.00 -34.78
C6A FAD Q . -17.08 -21.83 -35.91
N6A FAD Q . -17.61 -21.56 -37.10
N1A FAD Q . -16.37 -22.96 -35.76
C2A FAD Q . -15.83 -23.24 -34.57
N3A FAD Q . -15.91 -22.54 -33.44
C4A FAD Q . -16.63 -21.43 -33.61
N1 FAD Q . -22.43 -12.32 -19.60
C2 FAD Q . -22.60 -12.44 -18.26
O2 FAD Q . -23.29 -13.33 -17.77
N3 FAD Q . -21.99 -11.54 -17.42
C4 FAD Q . -21.20 -10.50 -17.78
O4 FAD Q . -20.71 -9.76 -16.94
C4X FAD Q . -21.02 -10.37 -19.21
N5 FAD Q . -20.29 -9.42 -19.64
C5X FAD Q . -20.11 -9.30 -21.00
C6 FAD Q . -19.32 -8.25 -21.46
C7 FAD Q . -19.09 -8.09 -22.82
C7M FAD Q . -18.22 -6.96 -23.27
C8 FAD Q . -19.68 -8.97 -23.74
C8M FAD Q . -19.45 -8.81 -25.21
C9 FAD Q . -20.48 -10.00 -23.28
C9A FAD Q . -20.70 -10.18 -21.92
N10 FAD Q . -21.48 -11.22 -21.40
C10 FAD Q . -21.68 -11.34 -20.05
C1' FAD Q . -22.15 -12.17 -22.30
C2' FAD Q . -21.34 -13.45 -22.53
O2' FAD Q . -20.05 -13.14 -23.05
C3' FAD Q . -22.07 -14.31 -23.56
O3' FAD Q . -23.46 -14.08 -23.47
C4' FAD Q . -21.80 -15.81 -23.42
O4' FAD Q . -20.69 -15.99 -22.55
C5' FAD Q . -21.54 -16.43 -24.76
O5' FAD Q . -21.40 -17.85 -24.61
P FAD Q . -21.16 -18.77 -25.86
O1P FAD Q . -21.20 -20.24 -25.44
O2P FAD Q . -22.07 -18.41 -26.90
O3P FAD Q . -19.67 -18.45 -26.28
C1 MQ7 R . -30.91 -0.95 -14.20
O1 MQ7 R . -31.01 0.40 -14.43
C2 MQ7 R . -29.65 -1.52 -14.09
C2M MQ7 R . -28.46 -0.65 -14.24
C3 MQ7 R . -29.52 -2.92 -13.84
C4 MQ7 R . -30.71 -3.62 -13.73
O4 MQ7 R . -30.64 -4.97 -13.50
C5 MQ7 R . -32.01 -3.05 -13.83
C6 MQ7 R . -33.19 -3.83 -13.71
C7 MQ7 R . -34.43 -3.25 -13.81
C8 MQ7 R . -34.54 -1.85 -14.05
C9 MQ7 R . -33.41 -1.09 -14.18
C10 MQ7 R . -32.12 -1.68 -14.07
C11 MQ7 R . -28.15 -3.58 -13.72
C12 MQ7 R . -27.74 -4.23 -12.38
C13 MQ7 R . -26.23 -4.50 -12.15
C14 MQ7 R . -26.05 -5.95 -11.70
C15 MQ7 R . -25.58 -3.55 -11.08
C16 MQ7 R . -26.15 -3.60 -9.64
C17 MQ7 R . -27.16 -2.47 -9.29
C18 MQ7 R . -26.98 -1.72 -7.95
C19 MQ7 R . -27.07 -2.68 -6.78
C20 MQ7 R . -28.01 -0.55 -7.76
C21 MQ7 R . -29.40 -0.91 -7.20
C22 MQ7 R . -30.46 -1.41 -8.22
C23 MQ7 R . -31.34 -0.32 -8.86
C24 MQ7 R . -31.69 0.78 -7.86
C25 MQ7 R . -32.64 -0.87 -9.48
C26 MQ7 R . -33.20 -2.15 -8.85
C27 MQ7 R . -34.56 -2.01 -8.18
C28 MQ7 R . -34.77 -2.63 -6.78
C29 MQ7 R . -33.96 -3.90 -6.60
C30 MQ7 R . -36.25 -2.84 -6.38
C31 MQ7 R . -36.64 -2.63 -4.91
C32 MQ7 R . -36.06 -1.38 -4.23
C33 MQ7 R . -35.38 -1.65 -2.86
C34 MQ7 R . -36.43 -2.07 -1.82
C35 MQ7 R . -34.60 -0.42 -2.33
C36 MQ7 R . -33.07 -0.57 -2.28
C37 MQ7 R . -32.27 0.35 -3.21
C38 MQ7 R . -32.58 1.87 -3.09
C39 MQ7 R . -31.73 2.65 -4.09
C40 MQ7 R . -32.40 2.43 -1.65
C41 MQ7 R . -33.66 3.01 -1.01
C42 MQ7 R . -33.66 3.10 0.53
C43 MQ7 R . -34.84 2.38 1.23
C44 MQ7 R . -35.07 2.89 2.65
C45 MQ7 R . -36.13 2.52 0.42
FE1 SF4 S . -13.23 -7.00 -38.02
FE2 SF4 S . -15.36 -6.20 -36.03
FE3 SF4 S . -15.99 -6.23 -38.97
FE4 SF4 S . -14.14 -4.13 -37.84
S1 SF4 S . -16.13 -4.78 -37.42
S2 SF4 S . -14.01 -5.58 -39.41
S3 SF4 S . -13.37 -5.56 -36.46
S4 SF4 S . -15.23 -7.65 -37.59
FE1 SF4 T . -19.95 -0.37 -49.05
FE2 SF4 T . -21.73 1.14 -47.15
FE3 SF4 T . -19.45 -0.54 -46.08
FE4 SF4 T . -21.89 -1.87 -47.28
S1 SF4 T . -21.57 -0.44 -45.73
S2 SF4 T . -19.79 -1.97 -47.64
S3 SF4 T . -22.06 -0.28 -48.71
S4 SF4 T . -19.62 1.05 -47.49
#